data_1OH2
#
_entry.id   1OH2
#
_cell.length_a   111.800
_cell.length_b   111.800
_cell.length_c   147.800
_cell.angle_alpha   90.00
_cell.angle_beta   90.00
_cell.angle_gamma   120.00
#
_symmetry.space_group_name_H-M   'P 32'
#
loop_
_entity.id
_entity.type
_entity.pdbx_description
1 polymer 'Sucrose porin'
2 polymer 'Sucrose porin'
3 branched beta-D-fructofuranose-(2-1)-alpha-D-glucopyranose
4 non-polymer 'CALCIUM ION'
#
loop_
_entity_poly.entity_id
_entity_poly.type
_entity_poly.pdbx_seq_one_letter_code
_entity_poly.pdbx_strand_id
1 'polypeptide(L)'
;SGFEFHGYARSGVIMNDSGASTKSGAYITPAGETGGAIGRLGNQADTYVEMNLEHKQTLDNGATTRFKVMVADGQTSYND
WTASTSDLNVRQAFVELGNLPTFAGPFKGSTLWAGKRFDRDNFDIHWIDSDVVFLAGTGGGIYDVKWNDGLRSNFSLYGR
NFGDIDDSSNSVQNYILTMNHFAGPLQMMVSGLRAKDNDERKDSNGNLAKGDAANTGVHALLGLHNDSFYGLRDGSSKTA
LLYGHGLGAEVKGIGSDGALRPGADTWRIASYGTTPLSENWSVAPAMLAQRSKDRYADGDSYQWATFNLRLIQAINQNFA
LAYEGSYQYMDLKPEGYNDRQAVNGSFYKLTFAPTFKVGSIGDFFSRPEIRFYTSWMDWSKKLNNYASDDALGSDGFNSG
GEWSFGVQMETWF
;
P,R
2 'polypeptide(L)'
;SGFEFHGYAPSGVIMNDSGASTKSGAYITPAGETGGAIGPLGNAADTYVIMNLEHKQTLDNGATTRFKVMVADGQTSYND
WTASTSDLNVLQAFVELGNLPTFAGPFKGSTLWAGKRFDRDNFAIHWILSCVVFLAGTGGGIYDVKWNDGLRSNFSLYGR
NFGDIDDSSNSVQNYILTMNHFAGPLQMMVSGLRAKDNDERKDSNGNLAKGDAANTGVHALLGLHNDSFYGLRDGSSKTA
LLYGHGLGAEVKGIGSDGALRPGADTWRIASYGTTPLSENWSVAPAMLAQRSKDRYADGDSYQWATFNLRLIQAINQNFA
LAYEGSYQYMDLKPEGYNDRQAVNGSFYKLTFAPTFKVGSIGDFFSRPEIRFYTSWMDWSKKLNNYASDDALGSDGFNSG
GEWSFGVQMETAF
;
Q
#
loop_
_chem_comp.id
_chem_comp.type
_chem_comp.name
_chem_comp.formula
CA non-polymer 'CALCIUM ION' 'Ca 2'
FRU D-saccharide, beta linking beta-D-fructofuranose 'C6 H12 O6'
GLC D-saccharide, alpha linking alpha-D-glucopyranose 'C6 H12 O6'
#
# COMPACT_ATOMS: atom_id res chain seq x y z
N SER A 1 21.15 10.28 12.97
CA SER A 1 19.87 11.07 12.85
C SER A 1 18.62 10.15 12.85
N GLY A 2 17.57 10.55 12.13
CA GLY A 2 16.38 9.73 12.14
C GLY A 2 15.73 9.34 10.83
N PHE A 3 14.54 9.89 10.64
CA PHE A 3 13.69 9.62 9.50
C PHE A 3 13.84 10.57 8.33
N GLU A 4 13.72 10.03 7.13
CA GLU A 4 13.79 10.81 5.91
C GLU A 4 12.75 10.26 4.96
N PHE A 5 12.06 11.17 4.29
CA PHE A 5 11.04 10.82 3.35
C PHE A 5 11.49 11.37 2.01
N HIS A 6 11.72 10.48 1.05
CA HIS A 6 12.16 10.86 -0.29
C HIS A 6 11.22 10.22 -1.30
N GLY A 7 11.31 10.65 -2.56
CA GLY A 7 10.44 10.08 -3.57
C GLY A 7 10.42 10.75 -4.93
N TYR A 8 9.51 10.25 -5.76
CA TYR A 8 9.26 10.71 -7.12
C TYR A 8 7.77 10.60 -7.40
N ALA A 9 7.26 11.50 -8.23
CA ALA A 9 5.86 11.45 -8.58
C ALA A 9 5.60 12.26 -9.83
N ARG A 10 4.87 11.66 -10.76
CA ARG A 10 4.53 12.32 -12.01
C ARG A 10 3.03 12.12 -12.02
N SER A 11 2.28 13.07 -12.55
CA SER A 11 0.85 12.89 -12.57
C SER A 11 0.27 13.98 -13.40
N GLY A 12 -0.60 13.59 -14.32
CA GLY A 12 -1.20 14.56 -15.18
C GLY A 12 -2.15 13.94 -16.16
N VAL A 13 -2.64 14.78 -17.07
CA VAL A 13 -3.63 14.46 -18.09
C VAL A 13 -3.13 14.64 -19.51
N ILE A 14 -3.61 13.77 -20.39
CA ILE A 14 -3.29 13.87 -21.83
C ILE A 14 -4.59 13.52 -22.56
N MET A 15 -4.99 14.40 -23.48
CA MET A 15 -6.20 14.21 -24.28
C MET A 15 -5.88 14.61 -25.70
N ASN A 16 -6.65 14.07 -26.65
CA ASN A 16 -6.47 14.41 -28.06
C ASN A 16 -7.29 15.65 -28.42
N ASP A 17 -7.27 16.03 -29.69
CA ASP A 17 -7.96 17.22 -30.14
C ASP A 17 -9.48 17.19 -30.03
N SER A 18 -10.04 16.08 -29.53
CA SER A 18 -11.50 15.96 -29.36
C SER A 18 -11.92 15.89 -27.89
N GLY A 19 -10.97 16.05 -26.97
CA GLY A 19 -11.27 15.98 -25.56
C GLY A 19 -11.49 14.54 -25.14
N ALA A 20 -10.77 13.62 -25.76
CA ALA A 20 -10.88 12.19 -25.43
C ALA A 20 -9.50 11.52 -25.35
N SER A 21 -9.48 10.27 -24.91
CA SER A 21 -8.24 9.52 -24.73
C SER A 21 -7.43 9.23 -25.99
N THR A 22 -6.12 9.13 -25.81
CA THR A 22 -5.19 8.80 -26.89
C THR A 22 -4.14 7.87 -26.30
N LYS A 23 -3.17 7.50 -27.12
CA LYS A 23 -2.09 6.64 -26.68
C LYS A 23 -0.94 7.56 -26.30
N SER A 24 -0.17 7.15 -25.31
CA SER A 24 0.98 7.94 -24.89
C SER A 24 1.90 7.01 -24.13
N GLY A 25 3.15 7.42 -23.96
CA GLY A 25 4.12 6.60 -23.24
C GLY A 25 5.46 6.60 -23.94
N ALA A 26 6.51 6.52 -23.14
CA ALA A 26 7.86 6.50 -23.69
C ALA A 26 8.11 5.20 -24.48
N TYR A 27 7.26 4.20 -24.28
CA TYR A 27 7.44 2.91 -24.94
C TYR A 27 6.31 2.48 -25.88
N ILE A 28 5.55 3.43 -26.41
CA ILE A 28 4.43 3.08 -27.28
C ILE A 28 4.73 2.56 -28.66
N THR A 29 5.89 2.90 -29.21
CA THR A 29 6.23 2.42 -30.54
C THR A 29 6.54 0.92 -30.52
N PRO A 30 6.46 0.26 -31.68
CA PRO A 30 6.77 -1.17 -31.76
C PRO A 30 8.17 -1.43 -31.13
N ALA A 31 9.08 -0.48 -31.32
CA ALA A 31 10.44 -0.56 -30.79
C ALA A 31 10.43 -0.60 -29.26
N GLY A 32 9.39 0.01 -28.70
CA GLY A 32 9.23 0.07 -27.25
C GLY A 32 9.28 -1.25 -26.53
N GLU A 33 8.89 -2.34 -27.21
CA GLU A 33 8.88 -3.68 -26.62
C GLU A 33 10.27 -4.26 -26.33
N THR A 34 11.26 -3.78 -27.07
CA THR A 34 12.64 -4.22 -26.90
C THR A 34 13.51 -3.11 -26.29
N GLY A 35 12.86 -2.08 -25.73
CA GLY A 35 13.56 -0.98 -25.06
C GLY A 35 13.61 0.36 -25.78
N GLY A 36 13.05 0.40 -26.99
CA GLY A 36 13.09 1.63 -27.79
C GLY A 36 12.28 2.82 -27.29
N ALA A 37 12.73 3.41 -26.18
CA ALA A 37 12.07 4.57 -25.57
C ALA A 37 12.15 5.82 -26.41
N ILE A 38 11.14 6.69 -26.28
CA ILE A 38 11.10 7.98 -27.00
C ILE A 38 10.87 9.07 -25.99
N GLY A 39 10.83 10.33 -26.44
CA GLY A 39 10.63 11.45 -25.52
C GLY A 39 9.42 11.27 -24.61
N ARG A 40 9.57 11.68 -23.36
CA ARG A 40 8.48 11.54 -22.41
C ARG A 40 7.69 12.79 -22.08
N LEU A 41 8.16 13.95 -22.52
CA LEU A 41 7.49 15.21 -22.24
C LEU A 41 6.12 15.23 -22.88
N GLY A 42 5.09 15.49 -22.07
CA GLY A 42 3.73 15.53 -22.55
C GLY A 42 3.31 14.18 -23.13
N ASN A 43 4.08 13.14 -22.79
CA ASN A 43 3.85 11.80 -23.31
C ASN A 43 3.70 10.75 -22.21
N GLN A 44 3.27 11.18 -21.02
CA GLN A 44 3.04 10.28 -19.90
C GLN A 44 1.76 10.71 -19.19
N ALA A 45 0.70 9.91 -19.34
CA ALA A 45 -0.61 10.19 -18.76
C ALA A 45 -0.96 9.45 -17.47
N ASP A 46 -0.02 8.66 -16.95
CA ASP A 46 -0.27 7.92 -15.71
C ASP A 46 0.11 8.69 -14.47
N THR A 47 -0.34 8.19 -13.32
CA THR A 47 -0.03 8.78 -12.04
C THR A 47 0.89 7.73 -11.38
N TYR A 48 2.19 7.99 -11.45
CA TYR A 48 3.18 7.09 -10.92
C TYR A 48 3.79 7.72 -9.67
N VAL A 49 3.88 6.95 -8.59
CA VAL A 49 4.42 7.43 -7.34
C VAL A 49 5.36 6.44 -6.68
N GLU A 50 6.48 6.96 -6.14
CA GLU A 50 7.46 6.16 -5.40
C GLU A 50 7.65 6.81 -4.04
N MET A 51 7.37 6.06 -2.98
CA MET A 51 7.52 6.57 -1.62
C MET A 51 8.67 5.90 -0.90
N ASN A 52 9.70 6.68 -0.56
CA ASN A 52 10.87 6.14 0.14
C ASN A 52 10.90 6.62 1.59
N LEU A 53 10.74 5.68 2.53
CA LEU A 53 10.75 5.96 3.98
C LEU A 53 12.06 5.41 4.52
N GLU A 54 12.89 6.29 5.10
CA GLU A 54 14.17 5.86 5.60
C GLU A 54 14.42 6.07 7.07
N HIS A 55 15.30 5.25 7.61
CA HIS A 55 15.70 5.36 9.00
C HIS A 55 17.22 5.31 9.00
N LYS A 56 17.83 6.50 8.99
CA LYS A 56 19.28 6.64 8.99
C LYS A 56 19.79 6.78 10.43
N GLN A 57 21.07 6.47 10.65
CA GLN A 57 21.66 6.51 11.98
C GLN A 57 23.17 6.65 11.90
N THR A 58 23.72 7.57 12.68
CA THR A 58 25.16 7.79 12.72
C THR A 58 25.71 7.61 14.12
N LEU A 59 26.66 6.70 14.25
CA LEU A 59 27.28 6.47 15.54
C LEU A 59 28.50 7.40 15.69
N ASP A 60 28.80 7.74 16.93
CA ASP A 60 29.93 8.62 17.26
C ASP A 60 31.23 8.21 16.60
N ASN A 61 31.39 6.90 16.42
CA ASN A 61 32.60 6.38 15.81
C ASN A 61 32.66 6.50 14.29
N GLY A 62 31.69 7.21 13.71
CA GLY A 62 31.67 7.39 12.27
C GLY A 62 30.85 6.36 11.48
N ALA A 63 30.57 5.22 12.12
CA ALA A 63 29.78 4.15 11.48
C ALA A 63 28.35 4.61 11.23
N THR A 64 27.83 4.23 10.07
CA THR A 64 26.49 4.61 9.67
C THR A 64 25.63 3.38 9.50
N THR A 65 24.34 3.59 9.69
CA THR A 65 23.30 2.58 9.57
C THR A 65 22.19 3.20 8.76
N ARG A 66 21.67 2.46 7.78
CA ARG A 66 20.60 2.96 6.94
C ARG A 66 19.61 1.90 6.48
N PHE A 67 18.32 2.19 6.69
CA PHE A 67 17.28 1.29 6.24
C PHE A 67 16.38 2.12 5.33
N LYS A 68 15.91 1.50 4.25
CA LYS A 68 15.03 2.15 3.28
C LYS A 68 14.01 1.17 2.68
N VAL A 69 12.79 1.67 2.47
CA VAL A 69 11.69 0.93 1.86
C VAL A 69 11.19 1.81 0.76
N MET A 70 10.79 1.19 -0.36
CA MET A 70 10.21 1.92 -1.46
C MET A 70 8.89 1.28 -1.77
N VAL A 71 7.83 2.09 -1.75
CA VAL A 71 6.50 1.62 -2.06
C VAL A 71 6.10 2.39 -3.31
N ALA A 72 5.69 1.67 -4.36
CA ALA A 72 5.28 2.32 -5.60
C ALA A 72 3.95 1.86 -6.14
N ASP A 73 3.37 2.69 -6.99
CA ASP A 73 2.12 2.41 -7.64
C ASP A 73 2.10 3.20 -8.91
N GLY A 74 1.44 2.65 -9.94
CA GLY A 74 1.33 3.32 -11.23
C GLY A 74 -0.08 3.09 -11.73
N GLN A 75 -0.85 4.17 -11.92
CA GLN A 75 -2.24 4.11 -12.39
C GLN A 75 -2.51 4.92 -13.66
N THR A 76 -3.27 4.37 -14.61
CA THR A 76 -3.59 5.10 -15.82
C THR A 76 -4.92 5.85 -15.62
N SER A 77 -5.69 5.36 -14.67
CA SER A 77 -6.99 5.93 -14.28
C SER A 77 -6.78 7.27 -13.57
N TYR A 78 -7.61 8.26 -13.94
CA TYR A 78 -7.61 9.62 -13.40
C TYR A 78 -8.45 9.76 -12.11
N ASN A 79 -9.14 8.70 -11.73
CA ASN A 79 -10.01 8.71 -10.57
C ASN A 79 -9.35 8.78 -9.24
N ASP A 80 -10.10 9.25 -8.27
CA ASP A 80 -9.63 9.44 -6.91
C ASP A 80 -9.68 8.19 -6.04
N TRP A 81 -10.13 7.08 -6.60
CA TRP A 81 -10.21 5.81 -5.88
C TRP A 81 -9.97 4.69 -6.90
N THR A 82 -8.77 4.13 -6.83
CA THR A 82 -8.30 3.09 -7.74
C THR A 82 -7.99 1.74 -7.11
N ALA A 83 -8.69 1.43 -6.01
CA ALA A 83 -8.51 0.18 -5.28
C ALA A 83 -8.60 -1.07 -6.18
N SER A 84 -9.53 -1.10 -7.13
CA SER A 84 -9.69 -2.28 -8.02
C SER A 84 -8.51 -2.53 -8.98
N THR A 85 -7.83 -1.47 -9.38
CA THR A 85 -6.68 -1.59 -10.29
C THR A 85 -5.32 -1.21 -9.65
N SER A 86 -5.27 -1.13 -8.33
CA SER A 86 -4.05 -0.73 -7.62
C SER A 86 -2.80 -1.64 -7.79
N ASP A 87 -1.65 -1.04 -8.08
CA ASP A 87 -0.40 -1.78 -8.25
C ASP A 87 0.59 -1.52 -7.13
N LEU A 88 0.07 -1.00 -6.02
CA LEU A 88 0.84 -0.66 -4.83
C LEU A 88 1.69 -1.87 -4.43
N ASN A 89 3.01 -1.70 -4.44
CA ASN A 89 3.87 -2.82 -4.07
C ASN A 89 5.22 -2.42 -3.53
N VAL A 90 5.75 -3.22 -2.62
CA VAL A 90 7.06 -2.96 -2.06
C VAL A 90 8.17 -3.32 -3.05
N ARG A 91 8.78 -2.29 -3.63
CA ARG A 91 9.87 -2.40 -4.59
C ARG A 91 11.23 -2.63 -3.94
N GLN A 92 11.44 -2.07 -2.75
CA GLN A 92 12.73 -2.19 -2.04
C GLN A 92 12.60 -2.28 -0.54
N ALA A 93 13.57 -2.93 0.08
CA ALA A 93 13.60 -3.07 1.54
C ALA A 93 15.01 -3.58 1.83
N PHE A 94 15.89 -2.64 2.21
CA PHE A 94 17.30 -2.98 2.47
C PHE A 94 18.00 -2.18 3.57
N VAL A 95 19.14 -2.72 4.02
CA VAL A 95 19.92 -2.07 5.06
C VAL A 95 21.32 -1.90 4.53
N GLU A 96 21.97 -0.82 4.94
CA GLU A 96 23.36 -0.50 4.57
C GLU A 96 24.10 -0.16 5.85
N LEU A 97 25.26 -0.79 6.01
CA LEU A 97 26.13 -0.56 7.17
C LEU A 97 27.36 0.09 6.56
N GLY A 98 27.50 1.39 6.74
CA GLY A 98 28.63 2.06 6.13
C GLY A 98 29.72 2.54 7.08
N ASN A 99 30.89 2.77 6.49
CA ASN A 99 32.04 3.28 7.22
C ASN A 99 32.26 2.61 8.58
N LEU A 100 32.41 1.28 8.58
CA LEU A 100 32.63 0.56 9.83
C LEU A 100 34.07 0.73 10.32
N PRO A 101 34.25 1.07 11.60
CA PRO A 101 35.57 1.27 12.21
C PRO A 101 36.50 0.06 12.11
N THR A 102 35.87 -1.10 11.94
CA THR A 102 36.56 -2.37 11.84
C THR A 102 37.01 -2.72 10.42
N PHE A 103 36.49 -2.03 9.42
CA PHE A 103 36.87 -2.27 8.04
C PHE A 103 38.07 -1.41 7.75
N ALA A 104 39.20 -2.02 7.44
CA ALA A 104 40.41 -1.26 7.10
C ALA A 104 40.96 -1.64 5.72
N GLY A 105 42.04 -0.98 5.32
CA GLY A 105 42.64 -1.25 4.03
C GLY A 105 41.70 -0.82 2.93
N PRO A 106 41.52 -1.65 1.89
CA PRO A 106 40.61 -1.30 0.79
C PRO A 106 39.13 -1.18 1.20
N PHE A 107 38.78 -1.71 2.37
CA PHE A 107 37.41 -1.67 2.88
C PHE A 107 37.12 -0.48 3.78
N LYS A 108 38.11 0.40 3.90
CA LYS A 108 38.01 1.59 4.74
C LYS A 108 36.69 2.35 4.71
N GLY A 109 36.40 3.03 3.62
CA GLY A 109 35.16 3.79 3.60
C GLY A 109 34.04 3.06 2.90
N SER A 110 34.13 1.74 2.86
CA SER A 110 33.16 0.90 2.18
C SER A 110 31.83 0.72 2.92
N THR A 111 30.77 0.46 2.15
CA THR A 111 29.45 0.24 2.72
C THR A 111 28.88 -1.11 2.29
N LEU A 112 28.47 -1.90 3.28
CA LEU A 112 27.91 -3.24 3.12
C LEU A 112 26.38 -3.12 3.11
N TRP A 113 25.71 -3.89 2.26
CA TRP A 113 24.25 -3.86 2.16
C TRP A 113 23.66 -5.25 1.91
N ALA A 114 22.36 -5.37 2.17
CA ALA A 114 21.64 -6.62 1.94
C ALA A 114 20.15 -6.29 1.87
N GLY A 115 19.39 -7.15 1.18
CA GLY A 115 17.96 -6.90 1.06
C GLY A 115 17.56 -6.70 -0.39
N LYS A 116 16.37 -6.16 -0.60
CA LYS A 116 15.86 -5.94 -1.95
C LYS A 116 16.11 -4.48 -2.31
N ARG A 117 16.75 -4.25 -3.45
CA ARG A 117 17.07 -2.88 -3.83
C ARG A 117 17.43 -2.66 -5.28
N PHE A 118 17.50 -1.38 -5.67
CA PHE A 118 17.94 -1.03 -7.02
C PHE A 118 19.39 -0.71 -6.69
N ASP A 119 20.31 -1.13 -7.54
CA ASP A 119 21.72 -0.86 -7.31
C ASP A 119 21.93 0.64 -7.20
N ARG A 120 22.74 1.04 -6.21
CA ARG A 120 23.04 2.47 -5.99
C ARG A 120 23.60 3.13 -7.24
N ASP A 121 24.43 2.39 -7.98
CA ASP A 121 25.09 2.90 -9.17
C ASP A 121 24.38 2.75 -10.53
N ASN A 122 23.08 2.51 -10.53
CA ASN A 122 22.35 2.47 -11.81
C ASN A 122 22.30 3.95 -12.22
N PHE A 123 22.12 4.24 -13.49
CA PHE A 123 21.99 5.63 -13.91
C PHE A 123 21.10 5.63 -15.16
N ASP A 124 20.39 6.74 -15.36
CA ASP A 124 19.46 6.82 -16.49
C ASP A 124 19.58 8.05 -17.37
N ILE A 125 18.79 8.03 -18.44
CA ILE A 125 18.71 9.13 -19.39
C ILE A 125 17.32 9.60 -19.10
N HIS A 126 17.20 10.55 -18.20
CA HIS A 126 15.90 11.05 -17.74
C HIS A 126 14.81 11.41 -18.74
N TRP A 127 15.16 12.15 -19.78
CA TRP A 127 14.18 12.66 -20.74
C TRP A 127 13.48 11.62 -21.62
N ILE A 128 13.95 10.39 -21.51
CA ILE A 128 13.46 9.31 -22.31
C ILE A 128 12.89 8.18 -21.45
N ASP A 129 12.96 8.38 -20.14
CA ASP A 129 12.48 7.44 -19.13
C ASP A 129 13.09 6.03 -19.27
N SER A 130 14.39 5.99 -19.53
CA SER A 130 15.10 4.75 -19.68
C SER A 130 16.39 4.76 -18.88
N ASP A 131 16.59 3.71 -18.10
CA ASP A 131 17.83 3.61 -17.39
C ASP A 131 18.86 3.17 -18.43
N VAL A 132 20.12 3.49 -18.15
CA VAL A 132 21.18 3.04 -19.03
C VAL A 132 21.36 1.58 -18.59
N VAL A 133 21.51 1.37 -17.28
CA VAL A 133 21.63 0.02 -16.71
C VAL A 133 20.74 -0.04 -15.47
N PHE A 134 20.02 -1.14 -15.29
CA PHE A 134 19.16 -1.24 -14.14
C PHE A 134 19.33 -2.58 -13.49
N LEU A 135 20.21 -2.62 -12.49
CA LEU A 135 20.43 -3.83 -11.74
C LEU A 135 19.56 -3.71 -10.49
N ALA A 136 18.61 -4.63 -10.33
CA ALA A 136 17.74 -4.64 -9.15
C ALA A 136 17.36 -6.09 -8.85
N GLY A 137 16.95 -6.31 -7.60
CA GLY A 137 16.58 -7.64 -7.17
C GLY A 137 16.85 -7.76 -5.69
N THR A 138 17.12 -8.97 -5.23
CA THR A 138 17.35 -9.23 -3.81
C THR A 138 18.70 -9.92 -3.69
N GLY A 139 19.52 -9.45 -2.75
CA GLY A 139 20.82 -10.07 -2.56
C GLY A 139 21.63 -9.37 -1.50
N GLY A 140 22.87 -9.05 -1.86
CA GLY A 140 23.76 -8.38 -0.95
C GLY A 140 25.04 -8.04 -1.68
N GLY A 141 25.90 -7.25 -1.04
CA GLY A 141 27.14 -6.88 -1.68
C GLY A 141 27.89 -5.82 -0.91
N ILE A 142 28.90 -5.23 -1.56
CA ILE A 142 29.69 -4.19 -0.93
C ILE A 142 30.03 -3.05 -1.93
N TYR A 143 29.91 -1.80 -1.48
CA TYR A 143 30.22 -0.67 -2.36
C TYR A 143 31.52 0.00 -1.93
N ASP A 144 32.24 0.53 -2.93
CA ASP A 144 33.47 1.27 -2.74
C ASP A 144 34.69 0.61 -2.12
N VAL A 145 35.12 -0.52 -2.67
CA VAL A 145 36.32 -1.18 -2.20
C VAL A 145 37.42 -0.43 -2.95
N LYS A 146 38.18 0.41 -2.22
CA LYS A 146 39.26 1.21 -2.81
C LYS A 146 40.55 0.45 -3.01
N TRP A 147 41.00 0.38 -4.25
CA TRP A 147 42.26 -0.28 -4.59
C TRP A 147 43.17 0.89 -4.94
N ASN A 148 44.47 0.72 -4.74
CA ASN A 148 45.51 1.73 -5.04
C ASN A 148 45.20 3.24 -4.98
N ASP A 149 44.05 3.61 -4.39
CA ASP A 149 43.61 5.01 -4.27
C ASP A 149 43.27 5.68 -5.61
N GLY A 150 42.75 4.90 -6.54
CA GLY A 150 42.37 5.43 -7.84
C GLY A 150 41.53 4.44 -8.63
N LEU A 151 41.10 3.38 -7.95
CA LEU A 151 40.29 2.32 -8.57
C LEU A 151 39.33 1.77 -7.51
N ARG A 152 38.06 2.11 -7.62
CA ARG A 152 37.05 1.60 -6.68
C ARG A 152 36.25 0.48 -7.34
N SER A 153 35.71 -0.42 -6.52
CA SER A 153 34.96 -1.53 -7.04
C SER A 153 33.80 -1.94 -6.17
N ASN A 154 32.76 -2.47 -6.82
CA ASN A 154 31.56 -2.97 -6.16
C ASN A 154 31.45 -4.40 -6.58
N PHE A 155 31.11 -5.26 -5.63
CA PHE A 155 30.91 -6.69 -5.89
C PHE A 155 29.54 -7.01 -5.30
N SER A 156 28.76 -7.89 -5.95
CA SER A 156 27.44 -8.26 -5.46
C SER A 156 26.74 -9.46 -6.09
N LEU A 157 25.76 -9.97 -5.36
CA LEU A 157 24.93 -11.08 -5.80
C LEU A 157 23.50 -10.56 -5.76
N TYR A 158 22.82 -10.60 -6.90
CA TYR A 158 21.42 -10.19 -7.00
C TYR A 158 20.59 -11.38 -7.48
N GLY A 159 19.47 -11.61 -6.81
CA GLY A 159 18.57 -12.70 -7.16
C GLY A 159 17.26 -12.17 -7.68
N ARG A 160 16.73 -12.85 -8.71
CA ARG A 160 15.45 -12.50 -9.34
C ARG A 160 14.63 -13.75 -9.62
N ASN A 161 13.41 -13.56 -10.09
CA ASN A 161 12.54 -14.70 -10.38
C ASN A 161 11.98 -14.65 -11.80
N PHE A 162 11.84 -15.82 -12.42
CA PHE A 162 11.23 -15.95 -13.77
C PHE A 162 9.94 -16.74 -13.57
N GLY A 163 8.94 -16.44 -14.38
CA GLY A 163 7.66 -17.15 -14.30
C GLY A 163 6.74 -16.76 -13.16
N ASP A 164 5.75 -17.60 -12.90
CA ASP A 164 4.76 -17.39 -11.86
C ASP A 164 5.27 -17.87 -10.51
N ILE A 165 5.56 -16.92 -9.62
CA ILE A 165 6.10 -17.24 -8.29
C ILE A 165 5.20 -18.21 -7.48
N ASP A 166 3.93 -18.33 -7.87
CA ASP A 166 3.00 -19.23 -7.20
C ASP A 166 3.06 -20.65 -7.79
N ASP A 167 3.24 -20.77 -9.11
CA ASP A 167 3.31 -22.06 -9.81
C ASP A 167 4.74 -22.62 -9.70
N SER A 168 4.91 -23.63 -8.84
CA SER A 168 6.24 -24.24 -8.63
C SER A 168 6.95 -24.82 -9.87
N SER A 169 6.18 -25.32 -10.84
CA SER A 169 6.78 -25.90 -12.06
C SER A 169 7.05 -24.86 -13.17
N ASN A 170 6.57 -23.64 -12.97
CA ASN A 170 6.79 -22.57 -13.93
C ASN A 170 7.45 -21.41 -13.20
N SER A 171 8.32 -21.72 -12.24
CA SER A 171 9.00 -20.70 -11.44
C SER A 171 10.49 -20.97 -11.25
N VAL A 172 11.31 -20.01 -11.62
CA VAL A 172 12.76 -20.19 -11.53
C VAL A 172 13.47 -18.97 -10.93
N GLN A 173 14.57 -19.21 -10.23
CA GLN A 173 15.37 -18.14 -9.64
C GLN A 173 16.55 -17.88 -10.55
N ASN A 174 16.79 -16.60 -10.85
CA ASN A 174 17.89 -16.22 -11.71
C ASN A 174 18.86 -15.43 -10.86
N TYR A 175 20.11 -15.89 -10.79
CA TYR A 175 21.12 -15.21 -10.00
C TYR A 175 22.16 -14.48 -10.81
N ILE A 176 22.53 -13.31 -10.30
CA ILE A 176 23.48 -12.45 -10.98
C ILE A 176 24.67 -12.09 -10.10
N LEU A 177 25.86 -12.33 -10.64
CA LEU A 177 27.11 -12.01 -9.98
C LEU A 177 27.68 -10.87 -10.77
N THR A 178 28.00 -9.81 -10.07
CA THR A 178 28.55 -8.66 -10.76
C THR A 178 29.66 -7.91 -10.03
N MET A 179 30.65 -7.51 -10.82
CA MET A 179 31.77 -6.72 -10.34
C MET A 179 31.70 -5.45 -11.17
N ASN A 180 31.81 -4.31 -10.49
CA ASN A 180 31.68 -3.02 -11.15
C ASN A 180 32.89 -2.22 -10.72
N HIS A 181 33.72 -1.85 -11.68
CA HIS A 181 34.93 -1.10 -11.40
C HIS A 181 34.88 0.30 -11.95
N PHE A 182 35.33 1.24 -11.13
CA PHE A 182 35.39 2.65 -11.51
C PHE A 182 36.82 3.15 -11.39
N ALA A 183 37.28 3.84 -12.43
CA ALA A 183 38.64 4.39 -12.43
C ALA A 183 38.54 5.78 -13.04
N GLY A 184 38.23 6.77 -12.21
CA GLY A 184 38.09 8.12 -12.71
C GLY A 184 36.79 8.18 -13.48
N PRO A 185 36.78 8.70 -14.73
CA PRO A 185 35.58 8.82 -15.58
C PRO A 185 35.16 7.49 -16.26
N LEU A 186 36.04 6.50 -16.20
CA LEU A 186 35.79 5.21 -16.82
C LEU A 186 35.13 4.20 -15.86
N GLN A 187 34.19 3.42 -16.40
CA GLN A 187 33.48 2.41 -15.62
C GLN A 187 33.41 1.12 -16.39
N MET A 188 33.76 0.02 -15.74
CA MET A 188 33.69 -1.27 -16.37
C MET A 188 32.86 -2.17 -15.49
N MET A 189 31.73 -2.61 -16.04
CA MET A 189 30.81 -3.50 -15.34
C MET A 189 30.70 -4.86 -16.02
N VAL A 190 30.79 -5.92 -15.22
CA VAL A 190 30.72 -7.29 -15.72
C VAL A 190 29.82 -8.19 -14.85
N SER A 191 28.82 -8.81 -15.46
CA SER A 191 27.91 -9.67 -14.74
C SER A 191 27.71 -11.05 -15.38
N GLY A 192 27.57 -12.05 -14.50
CA GLY A 192 27.32 -13.40 -14.94
C GLY A 192 25.93 -13.73 -14.46
N LEU A 193 25.07 -14.25 -15.33
CA LEU A 193 23.72 -14.58 -14.91
C LEU A 193 23.43 -16.06 -15.07
N ARG A 194 22.66 -16.63 -14.14
CA ARG A 194 22.33 -18.04 -14.21
C ARG A 194 20.98 -18.41 -13.60
N ALA A 195 20.11 -18.98 -14.42
CA ALA A 195 18.78 -19.42 -13.99
C ALA A 195 18.65 -20.91 -14.33
N LYS A 196 18.94 -21.76 -13.36
CA LYS A 196 18.89 -23.21 -13.56
C LYS A 196 17.54 -23.76 -14.02
N ASP A 197 17.58 -24.49 -15.15
CA ASP A 197 16.40 -25.12 -15.75
C ASP A 197 15.29 -24.18 -16.15
N ASN A 198 15.71 -23.06 -16.71
CA ASN A 198 14.77 -22.07 -17.18
C ASN A 198 13.99 -22.68 -18.36
N ASP A 199 14.73 -23.44 -19.18
CA ASP A 199 14.16 -24.06 -20.38
C ASP A 199 13.16 -25.19 -20.11
N GLU A 200 13.09 -25.61 -18.84
CA GLU A 200 12.18 -26.67 -18.42
C GLU A 200 10.99 -26.24 -17.59
N ARG A 201 10.60 -24.98 -17.70
CA ARG A 201 9.44 -24.46 -16.96
C ARG A 201 8.17 -24.85 -17.69
N LYS A 202 7.34 -25.66 -17.05
CA LYS A 202 6.09 -26.09 -17.66
C LYS A 202 4.97 -25.18 -17.19
N ASP A 203 4.17 -24.67 -18.13
CA ASP A 203 3.04 -23.82 -17.76
C ASP A 203 1.99 -24.63 -17.00
N SER A 204 0.90 -23.99 -16.65
CA SER A 204 -0.18 -24.65 -15.92
C SER A 204 -0.75 -25.91 -16.60
N ASN A 205 -0.75 -25.93 -17.94
CA ASN A 205 -1.25 -27.09 -18.71
C ASN A 205 -0.39 -28.33 -18.63
N GLY A 206 0.93 -28.13 -18.69
CA GLY A 206 1.84 -29.25 -18.63
C GLY A 206 2.85 -29.17 -19.76
N ASN A 207 2.69 -28.17 -20.63
CA ASN A 207 3.59 -27.99 -21.77
C ASN A 207 4.75 -27.07 -21.39
N LEU A 208 5.84 -27.15 -22.15
CA LEU A 208 6.98 -26.31 -21.89
C LEU A 208 6.57 -24.85 -22.14
N ALA A 209 6.89 -23.96 -21.20
CA ALA A 209 6.58 -22.54 -21.37
C ALA A 209 7.39 -21.97 -22.55
N LYS A 210 8.61 -22.47 -22.74
CA LYS A 210 9.45 -22.04 -23.86
C LYS A 210 10.21 -23.17 -24.55
N GLY A 211 11.08 -23.86 -23.81
CA GLY A 211 11.84 -24.94 -24.41
C GLY A 211 13.21 -24.52 -24.89
N ASP A 212 13.27 -23.45 -25.68
CA ASP A 212 14.56 -22.96 -26.17
C ASP A 212 15.03 -21.70 -25.41
N ALA A 213 14.53 -21.56 -24.18
CA ALA A 213 14.89 -20.44 -23.33
C ALA A 213 16.29 -20.67 -22.77
N ALA A 214 17.03 -19.57 -22.53
CA ALA A 214 18.41 -19.64 -22.00
C ALA A 214 18.44 -19.94 -20.51
N ASN A 215 19.51 -20.60 -20.06
CA ASN A 215 19.70 -20.94 -18.65
C ASN A 215 20.78 -20.10 -18.01
N THR A 216 21.64 -19.51 -18.84
CA THR A 216 22.72 -18.66 -18.36
C THR A 216 22.86 -17.41 -19.24
N GLY A 217 23.77 -16.52 -18.84
CA GLY A 217 23.97 -15.31 -19.61
C GLY A 217 25.17 -14.52 -19.13
N VAL A 218 25.59 -13.59 -19.97
CA VAL A 218 26.73 -12.73 -19.69
C VAL A 218 26.32 -11.29 -20.06
N HIS A 219 26.86 -10.32 -19.32
CA HIS A 219 26.55 -8.92 -19.53
C HIS A 219 27.76 -8.03 -19.20
N ALA A 220 27.94 -6.96 -19.98
CA ALA A 220 29.03 -6.03 -19.75
C ALA A 220 28.58 -4.62 -20.05
N LEU A 221 29.28 -3.65 -19.46
CA LEU A 221 28.98 -2.24 -19.65
C LEU A 221 30.29 -1.48 -19.59
N LEU A 222 30.45 -0.57 -20.54
CA LEU A 222 31.65 0.25 -20.63
C LEU A 222 31.14 1.68 -20.61
N GLY A 223 31.32 2.37 -19.48
CA GLY A 223 30.84 3.73 -19.37
C GLY A 223 31.86 4.82 -19.20
N LEU A 224 31.50 6.03 -19.64
CA LEU A 224 32.36 7.22 -19.57
C LEU A 224 31.57 8.35 -18.95
N HIS A 225 31.89 8.70 -17.70
CA HIS A 225 31.21 9.78 -16.99
C HIS A 225 32.02 11.07 -17.02
N ASN A 226 31.62 11.99 -17.89
CA ASN A 226 32.35 13.26 -18.02
C ASN A 226 31.82 14.38 -17.19
N ASP A 227 32.70 15.37 -16.98
CA ASP A 227 32.38 16.56 -16.23
C ASP A 227 32.22 17.74 -17.15
N SER A 228 32.06 17.43 -18.43
CA SER A 228 31.89 18.46 -19.43
C SER A 228 30.98 17.89 -20.49
N PHE A 229 30.37 18.77 -21.27
CA PHE A 229 29.51 18.34 -22.34
C PHE A 229 30.40 17.70 -23.39
N TYR A 230 30.68 16.40 -23.25
CA TYR A 230 31.52 15.64 -24.20
C TYR A 230 32.90 16.28 -24.46
N GLY A 231 33.45 16.94 -23.43
CA GLY A 231 34.74 17.59 -23.54
C GLY A 231 34.88 18.82 -24.45
N LEU A 232 33.79 19.47 -24.83
CA LEU A 232 33.90 20.65 -25.69
C LEU A 232 33.17 21.89 -25.19
N ARG A 233 32.57 21.79 -24.02
CA ARG A 233 31.79 22.91 -23.50
C ARG A 233 31.44 22.58 -22.05
N ASP A 234 31.09 23.59 -21.26
CA ASP A 234 30.72 23.34 -19.86
C ASP A 234 29.46 22.45 -19.83
N GLY A 235 29.39 21.57 -18.84
CA GLY A 235 28.23 20.71 -18.70
C GLY A 235 28.61 19.37 -18.15
N SER A 236 28.00 18.33 -18.70
CA SER A 236 28.25 16.96 -18.29
C SER A 236 27.73 16.04 -19.37
N SER A 237 28.19 14.81 -19.34
CA SER A 237 27.77 13.82 -20.32
C SER A 237 28.17 12.46 -19.82
N LYS A 238 27.56 11.44 -20.41
CA LYS A 238 27.83 10.05 -20.09
C LYS A 238 27.56 9.28 -21.36
N THR A 239 28.40 8.29 -21.61
CA THR A 239 28.29 7.44 -22.79
C THR A 239 28.55 6.03 -22.26
N ALA A 240 27.72 5.07 -22.71
CA ALA A 240 27.87 3.73 -22.25
C ALA A 240 27.63 2.81 -23.41
N LEU A 241 28.43 1.76 -23.45
CA LEU A 241 28.34 0.74 -24.49
C LEU A 241 28.00 -0.55 -23.75
N LEU A 242 26.83 -1.10 -24.05
CA LEU A 242 26.37 -2.32 -23.39
C LEU A 242 26.31 -3.52 -24.32
N TYR A 243 26.68 -4.67 -23.77
CA TYR A 243 26.68 -5.92 -24.51
C TYR A 243 26.12 -7.04 -23.65
N GLY A 244 25.34 -7.94 -24.27
CA GLY A 244 24.76 -9.03 -23.54
C GLY A 244 24.51 -10.25 -24.41
N HIS A 245 24.63 -11.42 -23.79
CA HIS A 245 24.43 -12.69 -24.49
C HIS A 245 23.64 -13.64 -23.61
N GLY A 246 22.75 -14.41 -24.25
CA GLY A 246 21.91 -15.34 -23.52
C GLY A 246 20.96 -14.54 -22.65
N LEU A 247 20.87 -14.92 -21.38
CA LEU A 247 20.03 -14.22 -20.42
C LEU A 247 20.48 -12.77 -20.18
N GLY A 248 21.70 -12.44 -20.62
CA GLY A 248 22.20 -11.08 -20.47
C GLY A 248 21.89 -10.26 -21.71
N ALA A 249 21.13 -10.85 -22.63
CA ALA A 249 20.75 -10.20 -23.88
C ALA A 249 19.79 -9.02 -23.68
N GLU A 250 19.15 -8.96 -22.50
CA GLU A 250 18.29 -7.80 -22.17
C GLU A 250 19.28 -6.93 -21.38
N VAL A 251 19.91 -6.00 -22.09
CA VAL A 251 20.96 -5.16 -21.54
C VAL A 251 20.64 -4.08 -20.51
N LYS A 252 19.38 -3.66 -20.41
CA LYS A 252 18.97 -2.66 -19.43
C LYS A 252 18.55 -3.35 -18.11
N GLY A 253 17.35 -3.95 -18.07
CA GLY A 253 16.91 -4.66 -16.87
C GLY A 253 17.61 -6.01 -16.78
N ILE A 254 18.78 -6.03 -16.16
CA ILE A 254 19.56 -7.26 -16.04
C ILE A 254 18.81 -8.42 -15.38
N GLY A 255 18.82 -9.58 -16.06
CA GLY A 255 18.18 -10.78 -15.50
C GLY A 255 16.68 -10.69 -15.36
N SER A 256 16.09 -9.80 -16.15
CA SER A 256 14.66 -9.58 -16.13
C SER A 256 13.87 -10.22 -17.30
N ASP A 257 14.57 -10.86 -18.24
CA ASP A 257 13.88 -11.43 -19.39
C ASP A 257 14.12 -12.94 -19.45
N GLY A 258 13.09 -13.71 -19.09
CA GLY A 258 13.22 -15.17 -19.08
C GLY A 258 12.93 -15.91 -20.37
N ALA A 259 12.55 -15.18 -21.42
CA ALA A 259 12.23 -15.77 -22.74
C ALA A 259 13.38 -15.69 -23.76
N LEU A 260 14.53 -15.16 -23.36
CA LEU A 260 15.68 -15.05 -24.27
C LEU A 260 16.30 -16.42 -24.59
N ARG A 261 16.76 -16.56 -25.82
CA ARG A 261 17.37 -17.80 -26.26
C ARG A 261 18.82 -17.82 -25.82
N PRO A 262 19.45 -19.01 -25.86
CA PRO A 262 20.86 -19.14 -25.48
C PRO A 262 21.78 -18.28 -26.33
N GLY A 263 21.43 -18.15 -27.61
CA GLY A 263 22.21 -17.36 -28.55
C GLY A 263 21.78 -15.91 -28.74
N ALA A 264 20.87 -15.42 -27.91
CA ALA A 264 20.40 -14.04 -27.99
C ALA A 264 21.64 -13.18 -27.79
N ASP A 265 21.82 -12.21 -28.69
CA ASP A 265 22.99 -11.35 -28.67
C ASP A 265 22.56 -9.90 -28.80
N THR A 266 22.98 -9.04 -27.87
CA THR A 266 22.58 -7.65 -27.91
C THR A 266 23.69 -6.63 -27.66
N TRP A 267 23.69 -5.57 -28.47
CA TRP A 267 24.61 -4.44 -28.36
C TRP A 267 23.73 -3.23 -28.24
N ARG A 268 24.14 -2.30 -27.37
CA ARG A 268 23.39 -1.07 -27.14
C ARG A 268 24.29 0.10 -26.82
N ILE A 269 23.89 1.27 -27.30
CA ILE A 269 24.64 2.49 -27.03
C ILE A 269 23.71 3.56 -26.41
N ALA A 270 24.18 4.12 -25.31
CA ALA A 270 23.45 5.13 -24.57
C ALA A 270 24.37 6.32 -24.42
N SER A 271 23.86 7.49 -24.71
CA SER A 271 24.67 8.68 -24.58
C SER A 271 23.83 9.92 -24.45
N TYR A 272 24.25 10.81 -23.56
CA TYR A 272 23.54 12.07 -23.38
C TYR A 272 24.46 13.13 -22.79
N GLY A 273 24.05 14.39 -22.90
CA GLY A 273 24.86 15.46 -22.37
C GLY A 273 23.98 16.62 -21.97
N THR A 274 24.51 17.43 -21.07
CA THR A 274 23.81 18.58 -20.53
C THR A 274 24.74 19.77 -20.71
N THR A 275 24.21 20.84 -21.29
CA THR A 275 25.04 22.02 -21.49
C THR A 275 24.25 23.30 -21.61
N PRO A 276 24.70 24.37 -20.93
CA PRO A 276 24.02 25.68 -20.98
C PRO A 276 24.47 26.44 -22.24
N LEU A 277 23.52 26.75 -23.12
CA LEU A 277 23.82 27.46 -24.36
C LEU A 277 24.10 28.95 -24.08
N SER A 278 23.37 29.50 -23.12
CA SER A 278 23.52 30.89 -22.66
C SER A 278 22.97 30.89 -21.23
N GLU A 279 22.94 32.06 -20.58
CA GLU A 279 22.42 32.16 -19.20
C GLU A 279 20.87 31.95 -19.15
N ASN A 280 20.25 31.70 -20.31
CA ASN A 280 18.81 31.50 -20.38
C ASN A 280 18.36 30.22 -21.16
N TRP A 281 19.28 29.63 -21.93
CA TRP A 281 18.98 28.42 -22.70
C TRP A 281 19.85 27.26 -22.29
N SER A 282 19.26 26.07 -22.23
CA SER A 282 19.97 24.85 -21.88
C SER A 282 19.49 23.72 -22.79
N VAL A 283 20.44 22.92 -23.27
CA VAL A 283 20.12 21.84 -24.17
C VAL A 283 20.62 20.48 -23.65
N ALA A 284 19.84 19.44 -23.95
CA ALA A 284 20.17 18.10 -23.55
C ALA A 284 19.84 17.10 -24.64
N PRO A 285 20.85 16.70 -25.42
CA PRO A 285 20.59 15.72 -26.48
C PRO A 285 20.81 14.32 -25.87
N ALA A 286 20.16 13.31 -26.43
CA ALA A 286 20.32 11.95 -25.93
C ALA A 286 20.12 10.98 -27.07
N MET A 287 20.81 9.84 -27.01
CA MET A 287 20.66 8.83 -28.04
C MET A 287 20.72 7.44 -27.42
N LEU A 288 19.85 6.56 -27.94
CA LEU A 288 19.73 5.18 -27.50
C LEU A 288 19.55 4.36 -28.78
N ALA A 289 20.48 3.44 -29.06
CA ALA A 289 20.39 2.60 -30.23
C ALA A 289 20.62 1.17 -29.80
N GLN A 290 19.96 0.22 -30.47
CA GLN A 290 20.14 -1.19 -30.12
C GLN A 290 20.04 -2.14 -31.30
N ARG A 291 20.79 -3.23 -31.19
CA ARG A 291 20.86 -4.27 -32.20
C ARG A 291 20.76 -5.58 -31.43
N SER A 292 19.67 -6.30 -31.68
CA SER A 292 19.43 -7.55 -31.00
C SER A 292 19.02 -8.67 -31.98
N LYS A 293 19.87 -9.69 -32.08
CA LYS A 293 19.67 -10.84 -32.95
C LYS A 293 19.38 -12.12 -32.17
N ASP A 294 18.64 -13.05 -32.81
CA ASP A 294 18.24 -14.35 -32.24
C ASP A 294 17.72 -14.23 -30.82
N ARG A 295 17.01 -13.15 -30.57
CA ARG A 295 16.47 -12.84 -29.26
C ARG A 295 15.41 -13.83 -28.72
N TYR A 296 14.25 -13.91 -29.37
CA TYR A 296 13.18 -14.80 -28.92
C TYR A 296 12.90 -15.93 -29.90
N ALA A 297 13.12 -15.65 -31.19
CA ALA A 297 12.93 -16.62 -32.25
C ALA A 297 14.20 -16.71 -33.09
N ASP A 298 14.49 -17.93 -33.57
CA ASP A 298 15.67 -18.19 -34.37
C ASP A 298 15.69 -17.29 -35.60
N GLY A 299 16.79 -16.57 -35.80
CA GLY A 299 16.91 -15.69 -36.95
C GLY A 299 16.17 -14.36 -36.85
N ASP A 300 15.66 -14.01 -35.67
CA ASP A 300 14.96 -12.73 -35.54
C ASP A 300 15.95 -11.56 -35.42
N SER A 301 15.44 -10.35 -35.43
CA SER A 301 16.31 -9.19 -35.35
C SER A 301 15.51 -7.95 -35.00
N TYR A 302 16.04 -7.16 -34.08
CA TYR A 302 15.41 -5.94 -33.65
C TYR A 302 16.49 -4.88 -33.67
N GLN A 303 16.22 -3.83 -34.42
CA GLN A 303 17.15 -2.71 -34.54
C GLN A 303 16.33 -1.44 -34.51
N TRP A 304 16.81 -0.47 -33.76
CA TRP A 304 16.14 0.82 -33.62
C TRP A 304 17.09 1.82 -33.00
N ALA A 305 16.85 3.10 -33.27
CA ALA A 305 17.67 4.16 -32.73
C ALA A 305 16.78 5.35 -32.43
N THR A 306 16.84 5.81 -31.18
CA THR A 306 16.07 6.95 -30.74
C THR A 306 16.98 8.16 -30.56
N PHE A 307 16.52 9.33 -31.01
CA PHE A 307 17.24 10.58 -30.82
C PHE A 307 16.29 11.54 -30.12
N ASN A 308 16.64 11.94 -28.91
CA ASN A 308 15.82 12.86 -28.14
C ASN A 308 16.56 14.18 -27.94
N LEU A 309 15.81 15.28 -27.95
CA LEU A 309 16.41 16.58 -27.76
C LEU A 309 15.48 17.43 -26.92
N ARG A 310 15.90 17.73 -25.67
CA ARG A 310 15.15 18.58 -24.72
C ARG A 310 15.81 19.98 -24.62
N LEU A 311 15.01 21.03 -24.81
CA LEU A 311 15.49 22.41 -24.73
C LEU A 311 14.65 23.21 -23.74
N ILE A 312 15.29 23.96 -22.83
CA ILE A 312 14.54 24.82 -21.90
C ILE A 312 14.98 26.25 -22.10
N GLN A 313 14.05 27.17 -21.90
CA GLN A 313 14.35 28.57 -22.04
C GLN A 313 13.79 29.34 -20.86
N ALA A 314 14.67 29.85 -20.00
CA ALA A 314 14.23 30.64 -18.86
C ALA A 314 13.66 31.94 -19.41
N ILE A 315 12.49 32.31 -18.92
CA ILE A 315 11.84 33.56 -19.32
C ILE A 315 11.78 34.44 -18.05
N ASN A 316 11.56 33.77 -16.92
CA ASN A 316 11.50 34.39 -15.59
C ASN A 316 12.39 33.58 -14.70
N GLN A 317 12.11 33.71 -13.41
CA GLN A 317 12.79 33.01 -12.36
C GLN A 317 11.88 31.79 -12.09
N ASN A 318 10.64 31.86 -12.56
CA ASN A 318 9.64 30.81 -12.35
C ASN A 318 9.01 30.21 -13.64
N PHE A 319 9.18 30.89 -14.76
CA PHE A 319 8.59 30.46 -16.03
C PHE A 319 9.67 30.13 -17.04
N ALA A 320 9.48 29.00 -17.73
CA ALA A 320 10.41 28.51 -18.75
C ALA A 320 9.62 27.85 -19.87
N LEU A 321 10.16 27.90 -21.10
CA LEU A 321 9.53 27.27 -22.25
C LEU A 321 10.37 26.06 -22.60
N ALA A 322 9.77 24.88 -22.51
CA ALA A 322 10.49 23.65 -22.80
C ALA A 322 10.01 23.05 -24.11
N TYR A 323 10.95 22.52 -24.87
CA TYR A 323 10.65 21.90 -26.14
C TYR A 323 11.32 20.54 -26.15
N GLU A 324 10.71 19.60 -26.88
CA GLU A 324 11.26 18.26 -27.03
C GLU A 324 10.96 17.69 -28.39
N GLY A 325 11.98 17.11 -28.99
CA GLY A 325 11.83 16.51 -30.29
C GLY A 325 12.42 15.13 -30.20
N SER A 326 11.67 14.12 -30.65
CA SER A 326 12.14 12.74 -30.65
C SER A 326 12.05 12.19 -32.06
N TYR A 327 13.05 11.38 -32.42
CA TYR A 327 13.08 10.74 -33.71
C TYR A 327 13.51 9.33 -33.43
N GLN A 328 12.82 8.38 -34.07
CA GLN A 328 13.15 6.98 -33.92
C GLN A 328 13.00 6.16 -35.17
N TYR A 329 14.07 5.45 -35.52
CA TYR A 329 14.00 4.59 -36.67
C TYR A 329 14.03 3.19 -36.12
N MET A 330 13.27 2.28 -36.75
CA MET A 330 13.22 0.89 -36.31
C MET A 330 13.03 -0.04 -37.48
N ASP A 331 13.63 -1.23 -37.35
CA ASP A 331 13.58 -2.29 -38.34
C ASP A 331 13.49 -3.55 -37.48
N LEU A 332 12.28 -4.10 -37.40
CA LEU A 332 12.06 -5.27 -36.57
C LEU A 332 11.62 -6.51 -37.36
N LYS A 333 12.33 -7.62 -37.16
CA LYS A 333 12.02 -8.89 -37.81
C LYS A 333 11.85 -9.96 -36.71
N PRO A 334 10.61 -10.08 -36.16
CA PRO A 334 10.19 -10.99 -35.10
C PRO A 334 10.06 -12.46 -35.50
N GLU A 335 10.06 -12.75 -36.80
CA GLU A 335 9.94 -14.14 -37.28
C GLU A 335 8.73 -14.90 -36.69
N GLY A 336 7.56 -14.24 -36.66
CA GLY A 336 6.36 -14.88 -36.16
C GLY A 336 6.11 -14.92 -34.65
N TYR A 337 7.12 -14.60 -33.83
CA TYR A 337 7.01 -14.57 -32.36
C TYR A 337 5.90 -13.60 -31.88
N ASN A 338 4.97 -14.07 -31.04
CA ASN A 338 3.90 -13.22 -30.48
C ASN A 338 2.92 -12.62 -31.49
N ASP A 339 2.87 -13.17 -32.71
CA ASP A 339 1.99 -12.65 -33.77
C ASP A 339 2.41 -11.28 -34.31
N ARG A 340 3.68 -10.96 -34.13
CA ARG A 340 4.25 -9.71 -34.60
C ARG A 340 4.68 -9.90 -36.04
N GLN A 341 4.51 -8.87 -36.84
CA GLN A 341 4.92 -8.90 -38.23
C GLN A 341 6.13 -7.98 -38.40
N ALA A 342 7.09 -8.40 -39.21
CA ALA A 342 8.28 -7.61 -39.50
C ALA A 342 7.86 -6.22 -39.97
N VAL A 343 8.54 -5.20 -39.46
CA VAL A 343 8.21 -3.84 -39.81
C VAL A 343 9.41 -2.91 -39.74
N ASN A 344 9.32 -1.82 -40.49
CA ASN A 344 10.39 -0.85 -40.51
C ASN A 344 9.79 0.51 -40.84
N GLY A 345 10.39 1.55 -40.24
CA GLY A 345 9.93 2.91 -40.43
C GLY A 345 10.39 3.85 -39.31
N SER A 346 9.93 5.09 -39.35
CA SER A 346 10.30 6.08 -38.35
C SER A 346 9.15 6.71 -37.61
N PHE A 347 9.43 7.20 -36.40
CA PHE A 347 8.45 7.84 -35.52
C PHE A 347 8.99 9.22 -35.12
N TYR A 348 8.09 10.20 -35.04
CA TYR A 348 8.46 11.56 -34.70
C TYR A 348 7.58 12.10 -33.58
N LYS A 349 8.13 13.02 -32.80
CA LYS A 349 7.39 13.67 -31.73
C LYS A 349 7.91 15.09 -31.50
N LEU A 350 6.99 16.05 -31.47
CA LEU A 350 7.33 17.43 -31.21
C LEU A 350 6.47 17.85 -30.02
N THR A 351 7.08 18.48 -29.02
CA THR A 351 6.36 18.92 -27.85
C THR A 351 6.77 20.33 -27.41
N PHE A 352 5.77 21.16 -27.18
CA PHE A 352 5.96 22.52 -26.71
C PHE A 352 5.32 22.53 -25.30
N ALA A 353 6.14 22.82 -24.29
CA ALA A 353 5.63 22.77 -22.92
C ALA A 353 5.93 23.91 -21.97
N PRO A 354 5.05 24.91 -21.86
CA PRO A 354 5.30 26.01 -20.93
C PRO A 354 5.48 25.35 -19.55
N THR A 355 6.46 25.79 -18.77
CA THR A 355 6.74 25.15 -17.48
C THR A 355 6.93 26.14 -16.35
N PHE A 356 6.40 25.80 -15.18
CA PHE A 356 6.49 26.63 -13.98
C PHE A 356 7.29 25.90 -12.91
N LYS A 357 8.16 26.63 -12.21
CA LYS A 357 8.97 26.05 -11.16
C LYS A 357 9.54 27.16 -10.29
N VAL A 358 10.23 26.79 -9.21
CA VAL A 358 10.84 27.79 -8.35
C VAL A 358 12.37 27.67 -8.44
N GLY A 359 12.83 26.46 -8.74
CA GLY A 359 14.25 26.17 -8.84
C GLY A 359 14.97 26.70 -10.06
N SER A 360 16.25 26.36 -10.16
CA SER A 360 17.10 26.80 -11.27
C SER A 360 16.67 26.21 -12.61
N ILE A 361 16.19 27.09 -13.49
CA ILE A 361 15.71 26.68 -14.82
C ILE A 361 16.75 26.01 -15.73
N GLY A 362 17.99 26.46 -15.65
CA GLY A 362 19.05 25.89 -16.46
C GLY A 362 19.44 24.49 -15.99
N ASP A 363 19.00 24.14 -14.79
CA ASP A 363 19.24 22.81 -14.25
C ASP A 363 18.09 21.88 -14.71
N PHE A 364 18.46 20.82 -15.44
CA PHE A 364 17.45 19.88 -15.92
C PHE A 364 16.90 18.99 -14.83
N PHE A 365 17.57 19.00 -13.67
CA PHE A 365 17.16 18.15 -12.56
C PHE A 365 16.53 18.81 -11.34
N SER A 366 16.36 20.14 -11.35
CA SER A 366 15.70 20.83 -10.22
C SER A 366 14.25 20.42 -10.43
N ARG A 367 13.61 19.86 -9.42
CA ARG A 367 12.30 19.31 -9.72
C ARG A 367 10.91 19.82 -9.55
N PRO A 368 10.56 20.42 -8.41
CA PRO A 368 9.14 20.83 -8.43
C PRO A 368 8.81 21.62 -9.72
N GLU A 369 8.03 20.96 -10.57
CA GLU A 369 7.62 21.60 -11.81
C GLU A 369 6.30 21.14 -12.38
N ILE A 370 5.54 22.15 -12.78
CA ILE A 370 4.23 21.99 -13.36
C ILE A 370 4.37 22.37 -14.82
N ARG A 371 3.79 21.57 -15.71
CA ARG A 371 3.85 21.88 -17.12
C ARG A 371 2.55 21.71 -17.89
N PHE A 372 2.37 22.58 -18.87
CA PHE A 372 1.23 22.52 -19.77
C PHE A 372 1.93 22.18 -21.07
N TYR A 373 1.26 21.49 -21.98
CA TYR A 373 1.93 21.11 -23.23
C TYR A 373 1.00 20.77 -24.37
N THR A 374 1.61 20.62 -25.54
CA THR A 374 0.93 20.20 -26.75
C THR A 374 1.94 19.36 -27.46
N SER A 375 1.48 18.29 -28.08
CA SER A 375 2.35 17.40 -28.82
C SER A 375 1.75 17.01 -30.15
N TRP A 376 2.64 16.76 -31.10
CA TRP A 376 2.31 16.34 -32.44
C TRP A 376 3.11 15.06 -32.66
N MET A 377 2.43 14.02 -33.12
CA MET A 377 3.09 12.76 -33.40
C MET A 377 2.67 12.22 -34.77
N ASP A 378 3.61 11.61 -35.48
CA ASP A 378 3.36 11.02 -36.78
C ASP A 378 4.37 9.88 -36.97
N TRP A 379 4.09 8.97 -37.89
CA TRP A 379 4.97 7.83 -38.13
C TRP A 379 4.67 7.13 -39.43
N SER A 380 5.59 6.28 -39.87
CA SER A 380 5.42 5.49 -41.09
C SER A 380 4.27 4.50 -40.89
N LYS A 381 3.26 4.55 -41.77
CA LYS A 381 2.06 3.69 -41.67
C LYS A 381 2.36 2.21 -41.48
N LYS A 382 3.47 1.75 -42.05
CA LYS A 382 3.85 0.35 -41.94
C LYS A 382 3.93 -0.17 -40.50
N LEU A 383 4.33 0.69 -39.56
CA LEU A 383 4.50 0.34 -38.13
C LEU A 383 3.20 -0.09 -37.44
N ASN A 384 2.10 0.28 -38.06
CA ASN A 384 0.79 -0.06 -37.56
C ASN A 384 0.60 -1.56 -37.57
N ASN A 385 1.32 -2.23 -38.47
CA ASN A 385 1.22 -3.69 -38.67
C ASN A 385 2.03 -4.62 -37.76
N TYR A 386 2.92 -4.05 -36.96
CA TYR A 386 3.76 -4.85 -36.07
C TYR A 386 2.90 -5.75 -35.19
N ALA A 387 1.83 -5.22 -34.62
CA ALA A 387 0.98 -6.01 -33.76
C ALA A 387 -0.44 -5.51 -33.95
N SER A 388 -1.42 -6.30 -33.55
CA SER A 388 -2.83 -5.89 -33.69
C SER A 388 -3.42 -5.28 -32.41
N ASP A 389 -2.79 -5.56 -31.28
CA ASP A 389 -3.21 -5.04 -29.98
C ASP A 389 -2.24 -3.95 -29.53
N ASP A 390 -1.53 -3.41 -30.52
CA ASP A 390 -0.52 -2.38 -30.41
C ASP A 390 -1.17 -1.02 -30.15
N ALA A 391 -0.34 0.00 -29.98
CA ALA A 391 -0.84 1.34 -29.81
C ALA A 391 -0.97 1.95 -31.23
N LEU A 392 0.12 1.89 -32.00
CA LEU A 392 0.12 2.44 -33.35
C LEU A 392 -0.82 1.62 -34.20
N GLY A 393 -1.94 2.20 -34.61
CA GLY A 393 -2.88 1.47 -35.43
C GLY A 393 -4.18 1.07 -34.76
N SER A 394 -4.30 1.31 -33.45
CA SER A 394 -5.53 1.00 -32.72
C SER A 394 -6.60 2.01 -33.16
N ASP A 395 -7.81 1.90 -32.62
CA ASP A 395 -8.89 2.80 -32.99
C ASP A 395 -8.65 4.25 -32.54
N GLY A 396 -8.48 5.14 -33.51
CA GLY A 396 -8.25 6.54 -33.22
C GLY A 396 -6.78 6.94 -33.09
N PHE A 397 -5.88 6.04 -33.47
CA PHE A 397 -4.45 6.33 -33.38
C PHE A 397 -3.75 5.59 -34.52
N ASN A 398 -4.24 5.82 -35.73
CA ASN A 398 -3.67 5.16 -36.92
C ASN A 398 -3.38 6.13 -38.06
N SER A 399 -3.99 7.32 -38.00
CA SER A 399 -3.81 8.35 -39.03
C SER A 399 -2.40 8.89 -39.03
N GLY A 400 -2.18 9.91 -39.85
CA GLY A 400 -0.89 10.56 -39.90
C GLY A 400 -0.72 11.34 -38.60
N GLY A 401 -1.07 12.62 -38.64
CA GLY A 401 -0.93 13.46 -37.46
C GLY A 401 -1.84 13.23 -36.27
N GLU A 402 -1.24 13.23 -35.08
CA GLU A 402 -1.98 13.04 -33.84
C GLU A 402 -1.57 14.13 -32.86
N TRP A 403 -2.53 14.97 -32.50
CA TRP A 403 -2.31 16.05 -31.54
C TRP A 403 -2.76 15.67 -30.13
N SER A 404 -2.07 16.21 -29.12
CA SER A 404 -2.43 15.99 -27.73
C SER A 404 -2.17 17.21 -26.88
N PHE A 405 -2.89 17.32 -25.77
CA PHE A 405 -2.79 18.46 -24.86
C PHE A 405 -3.01 18.01 -23.44
N GLY A 406 -2.50 18.80 -22.49
CA GLY A 406 -2.69 18.47 -21.11
C GLY A 406 -1.81 19.26 -20.18
N VAL A 407 -1.83 18.85 -18.91
CA VAL A 407 -1.07 19.47 -17.85
C VAL A 407 -0.54 18.32 -17.00
N GLN A 408 0.58 18.53 -16.32
CA GLN A 408 1.10 17.49 -15.44
C GLN A 408 2.15 18.04 -14.48
N MET A 409 2.34 17.36 -13.35
CA MET A 409 3.38 17.78 -12.43
C MET A 409 4.36 16.63 -12.35
N GLU A 410 5.58 16.95 -11.93
CA GLU A 410 6.61 15.95 -11.73
C GLU A 410 7.60 16.44 -10.67
N THR A 411 7.94 15.58 -9.71
CA THR A 411 8.95 15.92 -8.70
C THR A 411 9.68 14.72 -8.21
N TRP A 412 10.65 15.04 -7.38
CA TRP A 412 11.49 14.12 -6.67
C TRP A 412 12.24 14.96 -5.66
N PHE A 413 12.51 14.34 -4.53
CA PHE A 413 13.16 14.94 -3.39
C PHE A 413 13.71 13.80 -2.52
N SER B 1 10.60 24.14 4.84
CA SER B 1 10.63 23.06 5.90
C SER B 1 10.78 21.65 5.26
N GLY B 2 10.25 20.61 5.91
CA GLY B 2 10.36 19.28 5.34
C GLY B 2 9.11 18.42 5.20
N PHE B 3 9.12 17.36 6.00
CA PHE B 3 8.09 16.34 6.04
C PHE B 3 6.94 16.56 7.02
N GLU B 4 5.75 16.24 6.55
CA GLU B 4 4.55 16.32 7.37
C GLU B 4 3.70 15.08 7.13
N PHE B 5 3.23 14.49 8.22
CA PHE B 5 2.39 13.33 8.17
C PHE B 5 1.08 13.76 8.78
N HIS B 6 0.02 13.60 8.00
CA HIS B 6 -1.35 13.95 8.36
C HIS B 6 -2.25 12.78 7.94
N GLY B 7 -3.49 12.78 8.43
CA GLY B 7 -4.41 11.73 8.08
C GLY B 7 -5.73 11.68 8.81
N TYR B 8 -6.47 10.61 8.53
CA TYR B 8 -7.77 10.36 9.14
C TYR B 8 -7.84 8.86 9.39
N ALA B 9 -8.57 8.46 10.43
CA ALA B 9 -8.70 7.06 10.73
C ALA B 9 -9.89 6.77 11.63
N PRO B 10 -10.76 5.88 11.22
CA PRO B 10 -11.91 5.47 12.03
C PRO B 10 -11.67 3.97 12.12
N SER B 11 -12.07 3.35 13.22
CA SER B 11 -11.87 1.92 13.35
C SER B 11 -12.59 1.49 14.57
N GLY B 12 -13.50 0.55 14.39
CA GLY B 12 -14.28 0.04 15.49
C GLY B 12 -15.11 -1.18 15.20
N VAL B 13 -15.94 -1.51 16.18
CA VAL B 13 -16.79 -2.67 16.15
C VAL B 13 -18.26 -2.34 16.33
N ILE B 14 -19.12 -3.12 15.68
CA ILE B 14 -20.57 -2.99 15.83
C ILE B 14 -21.13 -4.42 15.83
N MET B 15 -22.03 -4.70 16.76
CA MET B 15 -22.66 -6.01 16.89
C MET B 15 -24.10 -5.80 17.31
N ASN B 16 -24.95 -6.80 17.05
CA ASN B 16 -26.35 -6.73 17.44
C ASN B 16 -26.53 -7.25 18.88
N ASP B 17 -27.78 -7.34 19.35
CA ASP B 17 -28.02 -7.81 20.71
C ASP B 17 -27.67 -9.29 20.95
N SER B 18 -27.20 -9.98 19.93
CA SER B 18 -26.83 -11.39 20.05
C SER B 18 -25.34 -11.63 19.89
N GLY B 19 -24.57 -10.54 19.89
CA GLY B 19 -23.14 -10.65 19.74
C GLY B 19 -22.69 -11.13 18.38
N ALA B 20 -23.41 -10.69 17.35
CA ALA B 20 -23.13 -11.06 15.96
C ALA B 20 -23.24 -9.84 15.03
N SER B 21 -22.86 -10.02 13.78
CA SER B 21 -22.90 -8.95 12.80
C SER B 21 -24.29 -8.41 12.47
N THR B 22 -24.33 -7.13 12.08
CA THR B 22 -25.55 -6.42 11.66
C THR B 22 -25.17 -5.55 10.47
N LYS B 23 -26.15 -4.78 9.99
CA LYS B 23 -25.90 -3.85 8.90
C LYS B 23 -25.59 -2.49 9.53
N SER B 24 -24.73 -1.71 8.87
CA SER B 24 -24.37 -0.40 9.37
C SER B 24 -23.76 0.41 8.22
N GLY B 25 -23.74 1.74 8.38
CA GLY B 25 -23.16 2.60 7.36
C GLY B 25 -24.07 3.78 7.12
N ALA B 26 -23.47 4.93 6.84
CA ALA B 26 -24.22 6.14 6.59
C ALA B 26 -25.09 6.01 5.34
N TYR B 27 -24.81 5.03 4.48
CA TYR B 27 -25.57 4.86 3.24
C TYR B 27 -26.35 3.56 3.10
N ILE B 28 -26.77 2.97 4.22
CA ILE B 28 -27.49 1.71 4.15
C ILE B 28 -28.94 1.74 3.72
N THR B 29 -29.59 2.89 3.84
CA THR B 29 -31.00 2.97 3.43
C THR B 29 -31.12 2.98 1.89
N PRO B 30 -32.29 2.58 1.36
CA PRO B 30 -32.47 2.58 -0.09
C PRO B 30 -32.05 3.93 -0.69
N ALA B 31 -32.29 5.00 0.08
CA ALA B 31 -31.97 6.36 -0.33
C ALA B 31 -30.45 6.57 -0.48
N GLY B 32 -29.69 5.75 0.24
CA GLY B 32 -28.23 5.80 0.22
C GLY B 32 -27.59 5.65 -1.14
N GLU B 33 -28.24 4.91 -2.03
CA GLU B 33 -27.72 4.68 -3.37
C GLU B 33 -27.67 5.96 -4.23
N THR B 34 -28.45 6.96 -3.87
CA THR B 34 -28.47 8.21 -4.61
C THR B 34 -27.95 9.36 -3.74
N GLY B 35 -27.26 9.00 -2.66
CA GLY B 35 -26.63 9.98 -1.78
C GLY B 35 -27.28 10.27 -0.45
N GLY B 36 -28.38 9.59 -0.15
CA GLY B 36 -29.13 9.81 1.09
C GLY B 36 -28.50 9.25 2.35
N ALA B 37 -27.46 9.95 2.80
CA ALA B 37 -26.72 9.58 3.98
C ALA B 37 -27.50 9.84 5.26
N ILE B 38 -27.26 9.01 6.28
CA ILE B 38 -27.87 9.18 7.60
C ILE B 38 -26.75 9.32 8.63
N GLY B 39 -27.11 9.48 9.90
CA GLY B 39 -26.12 9.63 10.94
C GLY B 39 -25.06 8.53 10.94
N PRO B 40 -23.82 8.91 11.24
CA PRO B 40 -22.73 7.95 11.24
C PRO B 40 -22.24 7.48 12.60
N LEU B 41 -22.70 8.14 13.67
CA LEU B 41 -22.28 7.79 15.03
C LEU B 41 -22.70 6.38 15.38
N GLY B 42 -21.72 5.53 15.71
CA GLY B 42 -22.01 4.15 16.06
C GLY B 42 -22.65 3.40 14.90
N ASN B 43 -22.47 3.93 13.71
CA ASN B 43 -23.05 3.34 12.51
C ASN B 43 -21.99 3.17 11.43
N ALA B 44 -20.76 2.95 11.86
CA ALA B 44 -19.65 2.71 10.96
C ALA B 44 -18.77 1.65 11.58
N ALA B 45 -18.87 0.44 11.03
CA ALA B 45 -18.13 -0.71 11.49
C ALA B 45 -16.83 -1.01 10.76
N ASP B 46 -16.46 -0.22 9.74
CA ASP B 46 -15.21 -0.43 8.99
C ASP B 46 -13.94 0.23 9.55
N THR B 47 -12.80 -0.25 9.10
CA THR B 47 -11.52 0.31 9.49
C THR B 47 -11.04 1.05 8.23
N TYR B 48 -11.32 2.35 8.20
CA TYR B 48 -10.95 3.20 7.10
C TYR B 48 -9.77 4.09 7.51
N VAL B 49 -8.72 4.11 6.69
CA VAL B 49 -7.53 4.89 6.94
C VAL B 49 -7.04 5.67 5.72
N ILE B 50 -6.63 6.92 5.97
CA ILE B 50 -6.05 7.80 4.95
C ILE B 50 -4.69 8.28 5.45
N MET B 51 -3.65 8.03 4.68
CA MET B 51 -2.31 8.44 5.09
C MET B 51 -1.79 9.51 4.14
N ASN B 52 -1.53 10.70 4.69
CA ASN B 52 -1.04 11.81 3.88
C ASN B 52 0.41 12.13 4.20
N LEU B 53 1.29 11.86 3.24
CA LEU B 53 2.73 12.11 3.38
C LEU B 53 3.03 13.35 2.54
N GLU B 54 3.62 14.36 3.17
CA GLU B 54 3.92 15.59 2.48
C GLU B 54 5.34 16.07 2.58
N HIS B 55 5.74 16.80 1.53
CA HIS B 55 7.05 17.39 1.47
C HIS B 55 6.84 18.85 1.11
N LYS B 56 6.89 19.68 2.14
CA LYS B 56 6.72 21.12 2.03
C LYS B 56 8.10 21.81 1.92
N GLN B 57 8.11 23.01 1.35
CA GLN B 57 9.35 23.76 1.18
C GLN B 57 9.06 25.25 1.01
N THR B 58 9.81 26.06 1.76
CA THR B 58 9.65 27.52 1.70
C THR B 58 10.96 28.16 1.32
N LEU B 59 10.96 28.93 0.25
CA LEU B 59 12.15 29.62 -0.18
C LEU B 59 12.19 31.01 0.45
N ASP B 60 13.39 31.51 0.68
CA ASP B 60 13.60 32.84 1.27
C ASP B 60 12.77 33.94 0.61
N ASN B 61 12.44 33.78 -0.67
CA ASN B 61 11.65 34.78 -1.39
C ASN B 61 10.15 34.69 -1.18
N GLY B 62 9.73 33.85 -0.24
CA GLY B 62 8.32 33.68 0.05
C GLY B 62 7.65 32.56 -0.73
N ALA B 63 8.21 32.19 -1.88
CA ALA B 63 7.66 31.12 -2.72
C ALA B 63 7.67 29.77 -1.99
N THR B 64 6.54 29.08 -2.09
CA THR B 64 6.33 27.79 -1.47
C THR B 64 6.20 26.66 -2.48
N THR B 65 6.58 25.48 -2.03
CA THR B 65 6.54 24.26 -2.81
C THR B 65 5.92 23.18 -1.93
N ARG B 66 4.96 22.45 -2.49
CA ARG B 66 4.29 21.40 -1.76
C ARG B 66 3.94 20.15 -2.54
N PHE B 67 4.28 19.00 -1.99
CA PHE B 67 3.98 17.70 -2.58
C PHE B 67 3.21 16.87 -1.55
N LYS B 68 2.16 16.23 -2.02
CA LYS B 68 1.30 15.38 -1.19
C LYS B 68 0.82 14.09 -1.91
N VAL B 69 0.80 12.99 -1.15
CA VAL B 69 0.32 11.69 -1.60
C VAL B 69 -0.66 11.29 -0.54
N MET B 70 -1.76 10.69 -0.97
CA MET B 70 -2.75 10.15 -0.03
C MET B 70 -2.91 8.69 -0.41
N VAL B 71 -2.71 7.83 0.59
CA VAL B 71 -2.83 6.40 0.41
C VAL B 71 -3.97 5.99 1.31
N ALA B 72 -4.97 5.31 0.75
CA ALA B 72 -6.12 4.93 1.55
C ALA B 72 -6.51 3.48 1.41
N ASP B 73 -7.25 3.00 2.40
CA ASP B 73 -7.75 1.64 2.46
C ASP B 73 -8.96 1.61 3.38
N GLY B 74 -9.94 0.78 3.03
CA GLY B 74 -11.14 0.64 3.86
C GLY B 74 -11.44 -0.85 3.92
N GLN B 75 -11.57 -1.39 5.13
CA GLN B 75 -11.84 -2.81 5.34
C GLN B 75 -13.06 -3.04 6.25
N THR B 76 -13.88 -4.04 5.97
CA THR B 76 -15.01 -4.31 6.87
C THR B 76 -14.58 -5.42 7.85
N SER B 77 -13.53 -6.14 7.45
CA SER B 77 -12.94 -7.24 8.22
C SER B 77 -12.24 -6.70 9.47
N TYR B 78 -12.44 -7.39 10.59
CA TYR B 78 -11.86 -7.03 11.90
C TYR B 78 -10.46 -7.63 12.12
N ASN B 79 -10.03 -8.48 11.20
CA ASN B 79 -8.75 -9.17 11.32
C ASN B 79 -7.51 -8.33 11.13
N ASP B 80 -6.43 -8.87 11.68
CA ASP B 80 -5.12 -8.23 11.66
C ASP B 80 -4.37 -8.42 10.36
N TRP B 81 -4.94 -9.15 9.42
CA TRP B 81 -4.28 -9.39 8.13
C TRP B 81 -5.38 -9.47 7.10
N THR B 82 -5.45 -8.45 6.24
CA THR B 82 -6.45 -8.33 5.21
C THR B 82 -5.87 -8.24 3.79
N ALA B 83 -4.74 -8.90 3.53
CA ALA B 83 -4.12 -8.89 2.22
C ALA B 83 -5.07 -9.33 1.10
N SER B 84 -5.87 -10.36 1.34
CA SER B 84 -6.80 -10.84 0.29
C SER B 84 -7.89 -9.86 -0.11
N THR B 85 -8.31 -8.98 0.80
CA THR B 85 -9.36 -8.04 0.49
C THR B 85 -8.93 -6.58 0.55
N SER B 86 -7.63 -6.36 0.56
CA SER B 86 -7.08 -5.00 0.66
C SER B 86 -7.48 -4.03 -0.47
N ASP B 87 -7.87 -2.82 -0.08
CA ASP B 87 -8.25 -1.79 -1.03
C ASP B 87 -7.23 -0.67 -1.07
N LEU B 88 -6.03 -0.90 -0.52
CA LEU B 88 -4.96 0.09 -0.44
C LEU B 88 -4.70 0.71 -1.80
N ASN B 89 -4.90 2.04 -1.92
CA ASN B 89 -4.70 2.69 -3.21
C ASN B 89 -4.33 4.17 -3.15
N VAL B 90 -3.51 4.62 -4.10
CA VAL B 90 -3.12 6.03 -4.16
C VAL B 90 -4.30 6.89 -4.64
N LEU B 91 -4.83 7.69 -3.72
CA LEU B 91 -5.96 8.56 -4.00
C LEU B 91 -5.55 9.91 -4.54
N GLN B 92 -4.36 10.35 -4.15
CA GLN B 92 -3.83 11.63 -4.59
C GLN B 92 -2.31 11.66 -4.72
N ALA B 93 -1.85 12.53 -5.61
CA ALA B 93 -0.42 12.72 -5.85
C ALA B 93 -0.39 14.03 -6.64
N PHE B 94 -0.08 15.12 -5.93
CA PHE B 94 -0.04 16.45 -6.56
C PHE B 94 1.00 17.43 -6.01
N VAL B 95 1.30 18.44 -6.83
CA VAL B 95 2.26 19.47 -6.45
C VAL B 95 1.58 20.84 -6.49
N GLU B 96 1.92 21.70 -5.52
CA GLU B 96 1.40 23.06 -5.45
C GLU B 96 2.56 24.03 -5.40
N LEU B 97 2.52 25.02 -6.28
CA LEU B 97 3.54 26.04 -6.32
C LEU B 97 2.81 27.29 -5.79
N GLY B 98 3.16 27.71 -4.59
CA GLY B 98 2.49 28.87 -4.03
C GLY B 98 3.28 30.15 -3.88
N ASN B 99 2.55 31.25 -3.88
CA ASN B 99 3.13 32.58 -3.68
C ASN B 99 4.44 32.82 -4.47
N LEU B 100 4.33 32.74 -5.80
CA LEU B 100 5.48 32.95 -6.66
C LEU B 100 5.76 34.43 -6.83
N PRO B 101 7.03 34.85 -6.61
CA PRO B 101 7.47 36.24 -6.71
C PRO B 101 7.18 36.86 -8.08
N THR B 102 7.04 35.98 -9.06
CA THR B 102 6.78 36.36 -10.43
C THR B 102 5.30 36.59 -10.71
N PHE B 103 4.43 36.06 -9.87
CA PHE B 103 2.99 36.24 -10.05
C PHE B 103 2.55 37.56 -9.42
N ALA B 104 2.05 38.48 -10.24
CA ALA B 104 1.61 39.77 -9.74
C ALA B 104 0.18 40.09 -10.14
N GLY B 105 -0.32 41.23 -9.65
CA GLY B 105 -1.68 41.65 -9.96
C GLY B 105 -2.62 40.69 -9.26
N PRO B 106 -3.66 40.22 -9.94
CA PRO B 106 -4.62 39.28 -9.35
C PRO B 106 -4.00 37.91 -8.95
N PHE B 107 -2.84 37.57 -9.52
CA PHE B 107 -2.16 36.30 -9.25
C PHE B 107 -1.18 36.36 -8.09
N LYS B 108 -1.11 37.51 -7.44
CA LYS B 108 -0.20 37.76 -6.34
C LYS B 108 0.05 36.62 -5.34
N GLY B 109 -0.93 36.32 -4.51
CA GLY B 109 -0.69 35.27 -3.54
C GLY B 109 -1.40 34.00 -3.94
N SER B 110 -1.52 33.77 -5.25
CA SER B 110 -2.22 32.61 -5.78
C SER B 110 -1.34 31.35 -5.80
N THR B 111 -2.01 30.19 -5.86
CA THR B 111 -1.28 28.92 -5.86
C THR B 111 -1.65 28.00 -7.02
N LEU B 112 -0.63 27.63 -7.81
CA LEU B 112 -0.74 26.75 -8.98
C LEU B 112 -0.54 25.29 -8.55
N TRP B 113 -1.30 24.38 -9.15
CA TRP B 113 -1.22 22.96 -8.82
C TRP B 113 -1.49 22.09 -10.04
N ALA B 114 -1.08 20.83 -9.94
CA ALA B 114 -1.32 19.84 -10.99
C ALA B 114 -1.09 18.47 -10.39
N GLY B 115 -1.76 17.47 -10.97
CA GLY B 115 -1.68 16.10 -10.52
C GLY B 115 -3.07 15.61 -10.13
N LYS B 116 -3.12 14.54 -9.34
CA LYS B 116 -4.36 13.93 -8.88
C LYS B 116 -4.65 14.41 -7.47
N ARG B 117 -5.83 15.02 -7.28
CA ARG B 117 -6.17 15.53 -5.96
C ARG B 117 -7.66 15.72 -5.72
N PHE B 118 -8.03 15.95 -4.46
CA PHE B 118 -9.39 16.30 -4.09
C PHE B 118 -9.25 17.84 -4.06
N ASP B 119 -10.24 18.56 -4.57
CA ASP B 119 -10.16 20.02 -4.57
C ASP B 119 -10.02 20.60 -3.16
N ARG B 120 -9.06 21.50 -3.00
CA ARG B 120 -8.82 22.15 -1.71
C ARG B 120 -10.12 22.69 -1.12
N ASP B 121 -10.99 23.25 -1.94
CA ASP B 121 -12.24 23.84 -1.46
C ASP B 121 -13.52 22.99 -1.37
N ASN B 122 -13.37 21.65 -1.34
CA ASN B 122 -14.53 20.78 -1.17
C ASN B 122 -14.84 20.98 0.30
N PHE B 123 -16.05 20.66 0.73
CA PHE B 123 -16.39 20.78 2.15
C PHE B 123 -17.51 19.79 2.42
N ALA B 124 -17.58 19.29 3.66
CA ALA B 124 -18.58 18.29 3.99
C ALA B 124 -19.40 18.58 5.23
N ILE B 125 -20.34 17.68 5.47
CA ILE B 125 -21.20 17.72 6.64
C ILE B 125 -20.71 16.48 7.35
N HIS B 126 -19.75 16.68 8.26
CA HIS B 126 -19.10 15.59 8.97
C HIS B 126 -19.91 14.48 9.62
N TRP B 127 -20.95 14.84 10.36
CA TRP B 127 -21.77 13.87 11.09
C TRP B 127 -22.57 12.89 10.24
N ILE B 128 -22.66 13.18 8.96
CA ILE B 128 -23.44 12.36 8.07
C ILE B 128 -22.57 11.68 7.00
N LEU B 129 -21.25 11.87 7.15
CA LEU B 129 -20.23 11.34 6.26
C LEU B 129 -20.51 11.64 4.78
N SER B 130 -20.95 12.87 4.51
CA SER B 130 -21.26 13.30 3.16
C SER B 130 -20.66 14.64 2.82
N CYS B 131 -20.00 14.70 1.67
CA CYS B 131 -19.43 15.95 1.19
C CYS B 131 -20.58 16.78 0.71
N VAL B 132 -20.40 18.09 0.70
CA VAL B 132 -21.43 18.96 0.17
C VAL B 132 -21.13 18.92 -1.34
N VAL B 133 -19.87 19.17 -1.67
CA VAL B 133 -19.42 19.09 -3.07
C VAL B 133 -18.10 18.34 -3.04
N PHE B 134 -17.88 17.44 -3.98
CA PHE B 134 -16.63 16.68 -3.99
C PHE B 134 -16.07 16.65 -5.39
N LEU B 135 -15.12 17.54 -5.65
CA LEU B 135 -14.47 17.60 -6.94
C LEU B 135 -13.12 16.92 -6.77
N ALA B 136 -12.92 15.82 -7.47
CA ALA B 136 -11.66 15.09 -7.40
C ALA B 136 -11.37 14.48 -8.78
N GLY B 137 -10.10 14.15 -8.98
CA GLY B 137 -9.66 13.57 -10.24
C GLY B 137 -8.23 14.01 -10.53
N THR B 138 -7.89 14.09 -11.81
CA THR B 138 -6.53 14.43 -12.22
C THR B 138 -6.56 15.59 -13.20
N GLY B 139 -5.77 16.63 -12.93
CA GLY B 139 -5.75 17.78 -13.80
C GLY B 139 -4.82 18.88 -13.31
N GLY B 140 -5.28 20.12 -13.36
CA GLY B 140 -4.46 21.22 -12.92
C GLY B 140 -5.34 22.42 -12.72
N GLY B 141 -4.78 23.48 -12.15
CA GLY B 141 -5.55 24.69 -11.92
C GLY B 141 -4.81 25.70 -11.06
N ILE B 142 -5.55 26.74 -10.68
CA ILE B 142 -5.00 27.84 -9.88
C ILE B 142 -6.01 28.26 -8.80
N TYR B 143 -5.49 28.48 -7.59
CA TYR B 143 -6.33 28.91 -6.47
C TYR B 143 -6.05 30.36 -6.09
N ASP B 144 -7.13 31.04 -5.68
CA ASP B 144 -7.12 32.43 -5.21
C ASP B 144 -6.72 33.56 -6.14
N VAL B 145 -7.40 33.65 -7.27
CA VAL B 145 -7.11 34.74 -8.17
C VAL B 145 -7.97 35.89 -7.61
N LYS B 146 -7.30 36.84 -6.96
CA LYS B 146 -7.95 38.01 -6.36
C LYS B 146 -8.33 39.08 -7.36
N TRP B 147 -9.61 39.39 -7.42
CA TRP B 147 -10.11 40.44 -8.31
C TRP B 147 -10.50 41.54 -7.32
N ASN B 148 -10.48 42.79 -7.77
CA ASN B 148 -10.84 43.96 -6.95
C ASN B 148 -10.65 43.95 -5.42
N ASP B 149 -9.90 42.99 -4.89
CA ASP B 149 -9.65 42.87 -3.43
C ASP B 149 -10.91 42.54 -2.62
N GLY B 150 -11.76 41.68 -3.18
CA GLY B 150 -12.99 41.29 -2.50
C GLY B 150 -13.75 40.23 -3.28
N LEU B 151 -13.07 39.60 -4.23
CA LEU B 151 -13.66 38.56 -5.07
C LEU B 151 -12.52 37.65 -5.49
N ARG B 152 -12.47 36.43 -4.95
CA ARG B 152 -11.44 35.47 -5.31
C ARG B 152 -12.04 34.37 -6.17
N SER B 153 -11.23 33.81 -7.05
CA SER B 153 -11.68 32.75 -7.94
C SER B 153 -10.68 31.64 -8.16
N ASN B 154 -11.21 30.44 -8.36
CA ASN B 154 -10.40 29.28 -8.64
C ASN B 154 -10.87 28.83 -10.02
N PHE B 155 -9.93 28.43 -10.88
CA PHE B 155 -10.27 27.92 -12.20
C PHE B 155 -9.53 26.58 -12.32
N SER B 156 -10.17 25.56 -12.89
CA SER B 156 -9.49 24.27 -13.01
C SER B 156 -10.05 23.28 -14.01
N LEU B 157 -9.19 22.36 -14.42
CA LEU B 157 -9.58 21.28 -15.32
C LEU B 157 -9.36 19.97 -14.56
N TYR B 158 -10.42 19.16 -14.42
CA TYR B 158 -10.32 17.87 -13.75
C TYR B 158 -10.70 16.73 -14.69
N GLY B 159 -9.87 15.69 -14.71
CA GLY B 159 -10.12 14.53 -15.54
C GLY B 159 -10.47 13.30 -14.72
N ARG B 160 -11.47 12.55 -15.19
CA ARG B 160 -11.94 11.31 -14.56
C ARG B 160 -12.18 10.25 -15.64
N ASN B 161 -12.48 9.02 -15.21
CA ASN B 161 -12.72 7.92 -16.14
C ASN B 161 -14.05 7.25 -15.86
N PHE B 162 -14.68 6.75 -16.92
CA PHE B 162 -15.94 6.00 -16.80
C PHE B 162 -15.65 4.63 -17.36
N GLY B 163 -16.24 3.59 -16.79
CA GLY B 163 -16.04 2.24 -17.28
C GLY B 163 -14.77 1.56 -16.83
N ASP B 164 -14.46 0.43 -17.44
CA ASP B 164 -13.27 -0.38 -17.11
C ASP B 164 -12.02 0.21 -17.79
N ILE B 165 -11.13 0.79 -16.99
CA ILE B 165 -9.91 1.40 -17.52
C ILE B 165 -9.09 0.41 -18.36
N ASP B 166 -9.30 -0.89 -18.14
CA ASP B 166 -8.58 -1.92 -18.88
C ASP B 166 -9.22 -2.27 -20.22
N ASP B 167 -10.55 -2.18 -20.29
CA ASP B 167 -11.31 -2.46 -21.52
C ASP B 167 -11.40 -1.16 -22.34
N SER B 168 -10.61 -1.07 -23.41
CA SER B 168 -10.60 0.11 -24.30
C SER B 168 -11.96 0.50 -24.91
N SER B 169 -12.81 -0.48 -25.21
CA SER B 169 -14.14 -0.23 -25.80
C SER B 169 -15.23 0.12 -24.77
N ASN B 170 -14.93 -0.08 -23.49
CA ASN B 170 -15.84 0.26 -22.40
C ASN B 170 -15.14 1.24 -21.45
N SER B 171 -14.31 2.13 -22.01
CA SER B 171 -13.56 3.11 -21.21
C SER B 171 -13.67 4.49 -21.82
N VAL B 172 -14.00 5.48 -20.99
CA VAL B 172 -14.14 6.86 -21.47
C VAL B 172 -13.59 7.87 -20.45
N GLN B 173 -13.04 8.96 -20.96
CA GLN B 173 -12.53 10.03 -20.09
C GLN B 173 -13.56 11.14 -20.02
N ASN B 174 -13.83 11.58 -18.80
CA ASN B 174 -14.79 12.65 -18.55
C ASN B 174 -14.03 13.86 -18.03
N TYR B 175 -14.14 14.96 -18.75
CA TYR B 175 -13.46 16.17 -18.35
C TYR B 175 -14.38 17.22 -17.78
N ILE B 176 -13.88 17.88 -16.74
CA ILE B 176 -14.65 18.91 -16.06
C ILE B 176 -13.92 20.25 -16.02
N LEU B 177 -14.63 21.29 -16.44
CA LEU B 177 -14.11 22.64 -16.42
C LEU B 177 -14.90 23.36 -15.35
N THR B 178 -14.18 23.96 -14.42
CA THR B 178 -14.85 24.63 -13.33
C THR B 178 -14.22 25.95 -12.87
N MET B 179 -15.11 26.90 -12.58
CA MET B 179 -14.74 28.22 -12.09
C MET B 179 -15.51 28.32 -10.77
N ASN B 180 -14.79 28.66 -9.72
CA ASN B 180 -15.37 28.72 -8.40
C ASN B 180 -15.06 30.14 -7.89
N HIS B 181 -16.10 30.90 -7.57
CA HIS B 181 -15.93 32.28 -7.10
C HIS B 181 -16.44 32.49 -5.69
N PHE B 182 -15.62 33.19 -4.92
CA PHE B 182 -15.92 33.52 -3.53
C PHE B 182 -15.93 35.03 -3.32
N ALA B 183 -17.03 35.53 -2.76
CA ALA B 183 -17.21 36.94 -2.49
C ALA B 183 -17.72 37.02 -1.06
N GLY B 184 -16.79 37.05 -0.11
CA GLY B 184 -17.16 37.09 1.29
C GLY B 184 -17.77 35.76 1.68
N PRO B 185 -18.98 35.76 2.29
CA PRO B 185 -19.67 34.55 2.73
C PRO B 185 -20.37 33.79 1.59
N LEU B 186 -20.38 34.40 0.42
CA LEU B 186 -21.04 33.82 -0.75
C LEU B 186 -20.08 33.06 -1.65
N GLN B 187 -20.55 31.93 -2.19
CA GLN B 187 -19.77 31.12 -3.10
C GLN B 187 -20.63 30.72 -4.28
N MET B 188 -20.06 30.85 -5.46
CA MET B 188 -20.75 30.48 -6.67
C MET B 188 -19.81 29.59 -7.45
N MET B 189 -20.22 28.34 -7.62
CA MET B 189 -19.44 27.35 -8.35
C MET B 189 -20.16 26.88 -9.61
N VAL B 190 -19.43 26.85 -10.71
CA VAL B 190 -19.97 26.43 -12.00
C VAL B 190 -19.02 25.49 -12.76
N SER B 191 -19.55 24.32 -13.16
CA SER B 191 -18.76 23.33 -13.88
C SER B 191 -19.40 22.80 -15.15
N GLY B 192 -18.58 22.60 -16.18
CA GLY B 192 -19.06 22.03 -17.42
C GLY B 192 -18.43 20.66 -17.53
N LEU B 193 -19.21 19.61 -17.77
CA LEU B 193 -18.61 18.27 -17.90
C LEU B 193 -18.81 17.64 -19.28
N ARG B 194 -17.85 16.83 -19.70
CA ARG B 194 -17.95 16.19 -21.00
C ARG B 194 -17.15 14.93 -21.15
N ALA B 195 -17.83 13.86 -21.53
CA ALA B 195 -17.21 12.55 -21.75
C ALA B 195 -17.66 12.12 -23.15
N LYS B 196 -16.78 12.30 -24.13
CA LYS B 196 -17.10 11.96 -25.50
C LYS B 196 -17.42 10.49 -25.72
N ASP B 197 -18.57 10.23 -26.35
CA ASP B 197 -19.04 8.88 -26.66
C ASP B 197 -19.24 7.98 -25.47
N ASN B 198 -19.79 8.54 -24.41
CA ASN B 198 -20.05 7.78 -23.22
C ASN B 198 -21.15 6.77 -23.57
N ASP B 199 -22.11 7.24 -24.38
CA ASP B 199 -23.25 6.42 -24.79
C ASP B 199 -22.93 5.25 -25.71
N GLU B 200 -21.70 5.23 -26.22
CA GLU B 200 -21.23 4.19 -27.12
C GLU B 200 -20.26 3.17 -26.51
N ARG B 201 -20.21 3.11 -25.19
CA ARG B 201 -19.33 2.16 -24.51
C ARG B 201 -19.91 0.75 -24.60
N LYS B 202 -19.20 -0.15 -25.28
CA LYS B 202 -19.66 -1.52 -25.44
C LYS B 202 -19.00 -2.36 -24.37
N ASP B 203 -19.79 -3.15 -23.64
CA ASP B 203 -19.22 -4.01 -22.61
C ASP B 203 -18.39 -5.12 -23.26
N SER B 204 -17.85 -6.02 -22.43
CA SER B 204 -17.03 -7.12 -22.91
C SER B 204 -17.68 -8.02 -23.99
N ASN B 205 -19.00 -8.20 -23.89
CA ASN B 205 -19.78 -9.02 -24.84
C ASN B 205 -19.89 -8.42 -26.24
N GLY B 206 -20.08 -7.10 -26.30
CA GLY B 206 -20.20 -6.43 -27.57
C GLY B 206 -21.44 -5.54 -27.60
N ASN B 207 -22.23 -5.61 -26.54
CA ASN B 207 -23.44 -4.80 -26.45
C ASN B 207 -23.18 -3.45 -25.80
N LEU B 208 -24.06 -2.49 -26.04
CA LEU B 208 -23.93 -1.16 -25.46
C LEU B 208 -24.07 -1.28 -23.94
N ALA B 209 -23.14 -0.68 -23.20
CA ALA B 209 -23.18 -0.70 -21.73
C ALA B 209 -24.44 0.02 -21.25
N LYS B 210 -24.80 1.10 -21.95
CA LYS B 210 -26.00 1.86 -21.63
C LYS B 210 -26.81 2.23 -22.88
N GLY B 211 -26.28 3.11 -23.72
CA GLY B 211 -27.03 3.45 -24.93
C GLY B 211 -27.73 4.78 -24.80
N ASP B 212 -28.42 5.01 -23.69
CA ASP B 212 -29.07 6.31 -23.49
C ASP B 212 -28.33 7.15 -22.42
N ALA B 213 -27.05 6.86 -22.19
CA ALA B 213 -26.23 7.59 -21.23
C ALA B 213 -25.84 8.96 -21.76
N ALA B 214 -25.59 9.92 -20.86
CA ALA B 214 -25.23 11.28 -21.23
C ALA B 214 -23.77 11.43 -21.63
N ASN B 215 -23.50 12.36 -22.54
CA ASN B 215 -22.12 12.62 -22.99
C ASN B 215 -21.59 13.92 -22.40
N THR B 216 -22.48 14.80 -21.95
CA THR B 216 -22.10 16.07 -21.36
C THR B 216 -22.92 16.36 -20.10
N GLY B 217 -22.57 17.44 -19.41
CA GLY B 217 -23.30 17.81 -18.22
C GLY B 217 -23.02 19.21 -17.77
N VAL B 218 -23.83 19.69 -16.83
CA VAL B 218 -23.70 21.01 -16.25
C VAL B 218 -23.95 20.89 -14.76
N HIS B 219 -23.16 21.64 -13.99
CA HIS B 219 -23.26 21.61 -12.54
C HIS B 219 -23.07 23.00 -11.96
N ALA B 220 -23.84 23.31 -10.93
CA ALA B 220 -23.76 24.60 -10.25
C ALA B 220 -23.97 24.46 -8.75
N LEU B 221 -23.24 25.28 -7.96
CA LEU B 221 -23.34 25.29 -6.51
C LEU B 221 -23.41 26.74 -6.02
N LEU B 222 -24.39 27.01 -5.17
CA LEU B 222 -24.57 28.32 -4.57
C LEU B 222 -24.42 28.12 -3.06
N GLY B 223 -23.38 28.70 -2.46
CA GLY B 223 -23.15 28.50 -1.05
C GLY B 223 -23.00 29.71 -0.14
N LEU B 224 -23.32 29.52 1.13
CA LEU B 224 -23.25 30.58 2.15
C LEU B 224 -22.47 30.07 3.36
N HIS B 225 -21.30 30.64 3.57
CA HIS B 225 -20.45 30.26 4.68
C HIS B 225 -20.53 31.34 5.77
N ASN B 226 -21.26 31.03 6.84
CA ASN B 226 -21.45 31.97 7.94
C ASN B 226 -20.53 31.79 9.13
N ASP B 227 -20.33 32.88 9.85
CA ASP B 227 -19.49 32.91 11.04
C ASP B 227 -20.32 32.90 12.31
N SER B 228 -21.57 32.46 12.16
CA SER B 228 -22.49 32.38 13.27
C SER B 228 -23.45 31.26 12.94
N PHE B 229 -24.16 30.80 13.96
CA PHE B 229 -25.13 29.76 13.77
C PHE B 229 -26.32 30.39 13.08
N TYR B 230 -26.30 30.37 11.75
CA TYR B 230 -27.38 30.91 10.92
C TYR B 230 -27.76 32.35 11.28
N GLY B 231 -26.76 33.11 11.74
CA GLY B 231 -26.97 34.50 12.12
C GLY B 231 -27.83 34.79 13.35
N LEU B 232 -28.04 33.82 14.23
CA LEU B 232 -28.87 34.09 15.41
C LEU B 232 -28.24 33.71 16.72
N ARG B 233 -27.03 33.20 16.67
CA ARG B 233 -26.35 32.73 17.86
C ARG B 233 -24.88 32.49 17.51
N ASP B 234 -24.01 32.42 18.52
CA ASP B 234 -22.60 32.17 18.26
C ASP B 234 -22.44 30.79 17.60
N GLY B 235 -21.42 30.64 16.77
CA GLY B 235 -21.17 29.36 16.12
C GLY B 235 -20.71 29.50 14.68
N SER B 236 -21.27 28.67 13.82
CA SER B 236 -20.97 28.69 12.41
C SER B 236 -22.04 27.89 11.69
N SER B 237 -22.09 28.05 10.38
CA SER B 237 -23.06 27.36 9.58
C SER B 237 -22.73 27.52 8.10
N LYS B 238 -23.21 26.57 7.31
CA LYS B 238 -23.03 26.58 5.87
C LYS B 238 -24.30 26.04 5.22
N THR B 239 -24.67 26.66 4.12
CA THR B 239 -25.85 26.26 3.39
C THR B 239 -25.46 26.31 1.92
N ALA B 240 -25.81 25.26 1.19
CA ALA B 240 -25.49 25.17 -0.21
C ALA B 240 -26.66 24.66 -1.01
N LEU B 241 -26.85 25.26 -2.18
CA LEU B 241 -27.91 24.87 -3.08
C LEU B 241 -27.21 24.32 -4.32
N LEU B 242 -27.41 23.02 -4.58
CA LEU B 242 -26.79 22.35 -5.71
C LEU B 242 -27.73 21.96 -6.83
N TYR B 243 -27.28 22.18 -8.05
CA TYR B 243 -28.06 21.82 -9.23
C TYR B 243 -27.19 21.12 -10.27
N GLY B 244 -27.76 20.11 -10.90
CA GLY B 244 -27.03 19.39 -11.92
C GLY B 244 -27.90 18.80 -13.02
N HIS B 245 -27.36 18.75 -14.23
CA HIS B 245 -28.08 18.22 -15.37
C HIS B 245 -27.20 17.33 -16.25
N GLY B 246 -27.79 16.26 -16.80
CA GLY B 246 -27.06 15.32 -17.64
C GLY B 246 -26.04 14.67 -16.73
N LEU B 247 -24.77 14.69 -17.13
CA LEU B 247 -23.68 14.13 -16.35
C LEU B 247 -23.48 14.89 -15.01
N GLY B 248 -23.94 16.14 -14.96
CA GLY B 248 -23.82 16.94 -13.77
C GLY B 248 -24.90 16.58 -12.75
N ALA B 249 -25.84 15.69 -13.15
CA ALA B 249 -26.96 15.26 -12.28
C ALA B 249 -26.52 14.56 -10.97
N GLU B 250 -25.29 14.07 -10.92
CA GLU B 250 -24.80 13.53 -9.65
C GLU B 250 -24.04 14.77 -9.08
N VAL B 251 -24.76 15.48 -8.23
CA VAL B 251 -24.31 16.74 -7.65
C VAL B 251 -23.27 16.76 -6.54
N LYS B 252 -22.89 15.61 -6.01
CA LYS B 252 -21.87 15.54 -4.96
C LYS B 252 -20.52 15.17 -5.60
N GLY B 253 -20.38 13.91 -6.04
CA GLY B 253 -19.15 13.48 -6.69
C GLY B 253 -19.18 13.91 -8.15
N ILE B 254 -18.84 15.16 -8.41
CA ILE B 254 -18.84 15.69 -9.78
C ILE B 254 -18.15 14.79 -10.80
N GLY B 255 -18.88 14.46 -11.87
CA GLY B 255 -18.35 13.65 -12.96
C GLY B 255 -18.03 12.21 -12.63
N SER B 256 -18.65 11.70 -11.58
CA SER B 256 -18.38 10.35 -11.12
C SER B 256 -19.46 9.33 -11.49
N ASP B 257 -20.54 9.77 -12.13
CA ASP B 257 -21.58 8.84 -12.50
C ASP B 257 -21.74 8.70 -14.02
N GLY B 258 -21.28 7.57 -14.55
CA GLY B 258 -21.36 7.33 -15.99
C GLY B 258 -22.67 6.82 -16.58
N ALA B 259 -23.62 6.41 -15.73
CA ALA B 259 -24.94 5.89 -16.15
C ALA B 259 -26.09 6.90 -16.24
N LEU B 260 -25.82 8.18 -15.98
CA LEU B 260 -26.85 9.21 -16.01
C LEU B 260 -27.33 9.51 -17.42
N ARG B 261 -28.64 9.70 -17.58
CA ARG B 261 -29.22 10.01 -18.89
C ARG B 261 -29.00 11.49 -19.22
N PRO B 262 -29.18 11.88 -20.49
CA PRO B 262 -28.99 13.27 -20.94
C PRO B 262 -29.92 14.27 -20.27
N GLY B 263 -31.11 13.81 -19.92
CA GLY B 263 -32.09 14.66 -19.27
C GLY B 263 -32.18 14.49 -17.76
N ALA B 264 -31.19 13.81 -17.15
CA ALA B 264 -31.18 13.60 -15.71
C ALA B 264 -31.10 14.99 -15.11
N ASP B 265 -31.96 15.25 -14.13
CA ASP B 265 -32.03 16.57 -13.51
C ASP B 265 -32.04 16.45 -11.98
N THR B 266 -31.08 17.12 -11.32
CA THR B 266 -30.98 17.04 -9.86
C THR B 266 -30.82 18.34 -9.10
N TRP B 267 -31.56 18.44 -7.98
CA TRP B 267 -31.52 19.58 -7.07
C TRP B 267 -31.24 19.02 -5.71
N ARG B 268 -30.37 19.71 -4.99
CA ARG B 268 -30.00 19.29 -3.66
C ARG B 268 -29.73 20.47 -2.74
N ILE B 269 -30.09 20.28 -1.48
CA ILE B 269 -29.85 21.28 -0.46
C ILE B 269 -29.10 20.64 0.74
N ALA B 270 -27.98 21.27 1.08
CA ALA B 270 -27.12 20.84 2.18
C ALA B 270 -27.02 22.04 3.13
N SER B 271 -27.15 21.79 4.41
CA SER B 271 -27.08 22.83 5.40
C SER B 271 -26.85 22.26 6.77
N TYR B 272 -25.99 22.94 7.52
CA TYR B 272 -25.70 22.53 8.87
C TYR B 272 -25.19 23.75 9.67
N GLY B 273 -25.13 23.58 10.98
CA GLY B 273 -24.68 24.64 11.84
C GLY B 273 -24.07 24.07 13.10
N THR B 274 -23.27 24.89 13.75
CA THR B 274 -22.57 24.53 14.97
C THR B 274 -22.83 25.65 15.97
N THR B 275 -23.25 25.29 17.17
CA THR B 275 -23.49 26.28 18.20
C THR B 275 -23.46 25.76 19.62
N PRO B 276 -22.76 26.47 20.53
CA PRO B 276 -22.66 26.09 21.96
C PRO B 276 -23.92 26.58 22.71
N LEU B 277 -24.67 25.65 23.29
CA LEU B 277 -25.91 25.94 24.02
C LEU B 277 -25.60 26.53 25.40
N SER B 278 -24.53 26.03 25.99
CA SER B 278 -24.04 26.46 27.28
C SER B 278 -22.56 26.05 27.28
N GLU B 279 -21.85 26.32 28.37
CA GLU B 279 -20.42 25.99 28.45
C GLU B 279 -20.18 24.46 28.47
N ASN B 280 -21.25 23.69 28.48
CA ASN B 280 -21.15 22.23 28.52
C ASN B 280 -21.91 21.50 27.39
N TRP B 281 -22.90 22.15 26.81
CA TRP B 281 -23.66 21.55 25.71
C TRP B 281 -23.42 22.21 24.37
N SER B 282 -23.27 21.40 23.35
CA SER B 282 -23.07 21.89 21.98
C SER B 282 -23.98 21.08 21.06
N VAL B 283 -24.60 21.77 20.11
CA VAL B 283 -25.51 21.12 19.18
C VAL B 283 -25.17 21.40 17.72
N ALA B 284 -25.32 20.36 16.90
CA ALA B 284 -25.03 20.45 15.48
C ALA B 284 -26.11 19.80 14.62
N PRO B 285 -27.05 20.61 14.12
CA PRO B 285 -28.12 20.07 13.27
C PRO B 285 -27.62 20.06 11.82
N ALA B 286 -28.16 19.18 10.99
CA ALA B 286 -27.77 19.11 9.57
C ALA B 286 -28.91 18.57 8.72
N MET B 287 -29.02 19.07 7.50
CA MET B 287 -30.04 18.59 6.60
C MET B 287 -29.52 18.41 5.18
N LEU B 288 -29.93 17.30 4.56
CA LEU B 288 -29.55 16.94 3.19
C LEU B 288 -30.84 16.47 2.51
N ALA B 289 -31.27 17.18 1.47
CA ALA B 289 -32.48 16.80 0.75
C ALA B 289 -32.18 16.82 -0.73
N GLN B 290 -32.78 15.89 -1.47
CA GLN B 290 -32.56 15.77 -2.91
C GLN B 290 -33.74 15.34 -3.75
N ARG B 291 -33.82 15.94 -4.93
CA ARG B 291 -34.84 15.68 -5.93
C ARG B 291 -34.13 15.35 -7.24
N SER B 292 -34.31 14.12 -7.71
CA SER B 292 -33.64 13.68 -8.93
C SER B 292 -34.62 12.97 -9.87
N LYS B 293 -34.84 13.58 -11.03
CA LYS B 293 -35.76 13.06 -12.06
C LYS B 293 -35.00 12.54 -13.30
N ASP B 294 -35.61 11.59 -14.00
CA ASP B 294 -35.03 11.01 -15.23
C ASP B 294 -33.55 10.69 -15.10
N ARG B 295 -33.19 10.21 -13.93
CA ARG B 295 -31.80 9.88 -13.62
C ARG B 295 -31.16 8.73 -14.42
N TYR B 296 -31.66 7.52 -14.26
CA TYR B 296 -31.11 6.36 -14.95
C TYR B 296 -32.12 5.76 -15.92
N ALA B 297 -33.40 5.90 -15.58
CA ALA B 297 -34.46 5.37 -16.43
C ALA B 297 -35.42 6.52 -16.71
N ASP B 298 -35.95 6.57 -17.92
CA ASP B 298 -36.91 7.60 -18.32
C ASP B 298 -38.13 7.55 -17.38
N GLY B 299 -38.46 8.70 -16.80
CA GLY B 299 -39.59 8.73 -15.91
C GLY B 299 -39.32 8.33 -14.47
N ASP B 300 -38.06 8.10 -14.12
CA ASP B 300 -37.76 7.74 -12.74
C ASP B 300 -37.73 8.97 -11.84
N SER B 301 -37.64 8.74 -10.55
CA SER B 301 -37.64 9.83 -9.60
C SER B 301 -37.13 9.40 -8.23
N TYR B 302 -36.09 10.07 -7.75
CA TYR B 302 -35.54 9.77 -6.42
C TYR B 302 -35.63 11.01 -5.54
N GLN B 303 -36.40 10.90 -4.47
CA GLN B 303 -36.58 11.98 -3.51
C GLN B 303 -36.36 11.47 -2.12
N TRP B 304 -35.65 12.28 -1.33
CA TRP B 304 -35.35 11.95 0.05
C TRP B 304 -34.86 13.16 0.82
N ALA B 305 -34.91 13.07 2.13
CA ALA B 305 -34.51 14.15 3.00
C ALA B 305 -34.07 13.54 4.29
N THR B 306 -32.84 13.90 4.67
CA THR B 306 -32.20 13.44 5.88
C THR B 306 -32.06 14.60 6.87
N PHE B 307 -32.43 14.33 8.12
CA PHE B 307 -32.28 15.30 9.20
C PHE B 307 -31.42 14.60 10.24
N ASN B 308 -30.26 15.18 10.53
CA ASN B 308 -29.35 14.61 11.53
C ASN B 308 -29.14 15.62 12.67
N LEU B 309 -28.94 15.12 13.87
CA LEU B 309 -28.76 16.01 15.00
C LEU B 309 -27.78 15.43 16.00
N ARG B 310 -26.59 16.02 16.05
CA ARG B 310 -25.56 15.59 17.00
C ARG B 310 -25.49 16.57 18.20
N LEU B 311 -25.44 16.02 19.41
CA LEU B 311 -25.39 16.78 20.66
C LEU B 311 -24.29 16.22 21.57
N ILE B 312 -23.43 17.07 22.11
CA ILE B 312 -22.39 16.59 23.04
C ILE B 312 -22.56 17.31 24.37
N GLN B 313 -22.26 16.58 25.43
CA GLN B 313 -22.36 17.13 26.74
C GLN B 313 -21.06 16.87 27.52
N ALA B 314 -20.28 17.93 27.75
CA ALA B 314 -19.03 17.81 28.49
C ALA B 314 -19.39 17.55 29.94
N ILE B 315 -18.78 16.53 30.53
CA ILE B 315 -19.01 16.16 31.91
C ILE B 315 -17.71 16.43 32.70
N ASN B 316 -16.60 16.27 32.01
CA ASN B 316 -15.27 16.45 32.56
C ASN B 316 -14.55 17.24 31.52
N GLN B 317 -13.24 17.14 31.61
CA GLN B 317 -12.30 17.75 30.67
C GLN B 317 -11.97 16.63 29.65
N ASN B 318 -12.28 15.38 30.01
CA ASN B 318 -12.01 14.22 29.16
C ASN B 318 -13.22 13.34 28.82
N PHE B 319 -14.34 13.53 29.52
CA PHE B 319 -15.52 12.70 29.30
C PHE B 319 -16.73 13.47 28.84
N ALA B 320 -17.36 13.02 27.76
CA ALA B 320 -18.55 13.67 27.23
C ALA B 320 -19.61 12.64 26.85
N LEU B 321 -20.87 13.06 26.89
CA LEU B 321 -21.95 12.17 26.47
C LEU B 321 -22.43 12.73 25.13
N ALA B 322 -22.37 11.92 24.08
CA ALA B 322 -22.80 12.36 22.77
C ALA B 322 -24.06 11.61 22.36
N TYR B 323 -24.98 12.32 21.72
CA TYR B 323 -26.24 11.75 21.25
C TYR B 323 -26.41 12.11 19.78
N GLU B 324 -27.05 11.21 19.05
CA GLU B 324 -27.33 11.43 17.65
C GLU B 324 -28.68 10.84 17.23
N GLY B 325 -29.42 11.66 16.50
CA GLY B 325 -30.72 11.28 16.01
C GLY B 325 -30.75 11.59 14.53
N SER B 326 -31.19 10.61 13.75
CA SER B 326 -31.32 10.73 12.29
C SER B 326 -32.74 10.39 11.88
N TYR B 327 -33.29 11.19 10.97
CA TYR B 327 -34.60 10.97 10.42
C TYR B 327 -34.47 11.11 8.93
N GLN B 328 -35.06 10.18 8.19
CA GLN B 328 -34.99 10.23 6.74
C GLN B 328 -36.25 9.76 6.04
N TYR B 329 -36.74 10.58 5.13
CA TYR B 329 -37.91 10.20 4.38
C TYR B 329 -37.41 9.98 2.97
N MET B 330 -38.05 9.07 2.26
CA MET B 330 -37.68 8.79 0.88
C MET B 330 -38.88 8.28 0.08
N ASP B 331 -38.89 8.66 -1.19
CA ASP B 331 -39.91 8.25 -2.13
C ASP B 331 -39.13 8.00 -3.38
N LEU B 332 -38.88 6.72 -3.67
CA LEU B 332 -38.07 6.33 -4.81
C LEU B 332 -38.84 5.55 -5.90
N LYS B 333 -38.79 6.05 -7.13
CA LYS B 333 -39.44 5.41 -8.26
C LYS B 333 -38.37 5.13 -9.35
N PRO B 334 -37.69 3.98 -9.22
CA PRO B 334 -36.63 3.51 -10.12
C PRO B 334 -37.03 3.09 -11.51
N GLU B 335 -38.32 2.81 -11.71
CA GLU B 335 -38.84 2.37 -13.00
C GLU B 335 -38.10 1.14 -13.58
N GLY B 336 -37.94 0.11 -12.74
CA GLY B 336 -37.28 -1.13 -13.15
C GLY B 336 -35.76 -1.20 -13.18
N TYR B 337 -35.10 -0.06 -13.05
CA TYR B 337 -33.62 0.04 -13.08
C TYR B 337 -32.99 -0.79 -11.96
N ASN B 338 -32.10 -1.71 -12.33
CA ASN B 338 -31.38 -2.54 -11.35
C ASN B 338 -32.22 -3.48 -10.53
N ASP B 339 -33.46 -3.72 -10.97
CA ASP B 339 -34.38 -4.60 -10.25
C ASP B 339 -34.90 -3.97 -8.98
N ARG B 340 -34.89 -2.65 -8.94
CA ARG B 340 -35.36 -1.93 -7.78
C ARG B 340 -36.86 -1.73 -7.95
N GLN B 341 -37.58 -1.76 -6.84
CA GLN B 341 -39.02 -1.56 -6.84
C GLN B 341 -39.32 -0.24 -6.15
N ALA B 342 -40.24 0.55 -6.71
CA ALA B 342 -40.60 1.84 -6.14
C ALA B 342 -40.97 1.67 -4.67
N VAL B 343 -40.47 2.57 -3.84
CA VAL B 343 -40.71 2.48 -2.42
C VAL B 343 -40.78 3.84 -1.74
N ASN B 344 -41.44 3.88 -0.59
CA ASN B 344 -41.58 5.11 0.18
C ASN B 344 -41.77 4.79 1.65
N GLY B 345 -41.16 5.61 2.50
CA GLY B 345 -41.23 5.39 3.92
C GLY B 345 -40.11 6.14 4.61
N SER B 346 -40.02 5.98 5.93
CA SER B 346 -39.01 6.68 6.69
C SER B 346 -38.09 5.79 7.51
N PHE B 347 -36.91 6.32 7.83
CA PHE B 347 -35.88 5.64 8.62
C PHE B 347 -35.50 6.51 9.85
N TYR B 348 -35.26 5.85 10.98
CA TYR B 348 -34.93 6.54 12.24
C TYR B 348 -33.71 5.91 12.91
N LYS B 349 -32.87 6.75 13.54
CA LYS B 349 -31.71 6.27 14.27
C LYS B 349 -31.45 7.09 15.53
N LEU B 350 -31.31 6.39 16.66
CA LEU B 350 -31.01 7.01 17.95
C LEU B 350 -29.72 6.36 18.45
N THR B 351 -28.76 7.18 18.83
CA THR B 351 -27.47 6.69 19.31
C THR B 351 -27.03 7.48 20.55
N PHE B 352 -26.61 6.74 21.57
CA PHE B 352 -26.11 7.31 22.80
C PHE B 352 -24.65 6.84 22.82
N ALA B 353 -23.71 7.79 22.92
CA ALA B 353 -22.32 7.41 22.86
C ALA B 353 -21.34 8.08 23.83
N PRO B 354 -21.08 7.46 24.99
CA PRO B 354 -20.14 8.04 25.95
C PRO B 354 -18.84 8.21 25.16
N THR B 355 -18.21 9.37 25.28
CA THR B 355 -17.00 9.67 24.53
C THR B 355 -15.85 10.20 25.37
N PHE B 356 -14.65 9.73 25.06
CA PHE B 356 -13.42 10.13 25.74
C PHE B 356 -12.50 10.86 24.78
N LYS B 357 -11.88 11.93 25.28
CA LYS B 357 -10.98 12.73 24.48
C LYS B 357 -10.17 13.63 25.40
N VAL B 358 -9.17 14.31 24.84
CA VAL B 358 -8.35 15.21 25.64
C VAL B 358 -8.65 16.65 25.24
N GLY B 359 -9.03 16.82 23.97
CA GLY B 359 -9.32 18.13 23.41
C GLY B 359 -10.58 18.81 23.91
N SER B 360 -10.93 19.91 23.25
CA SER B 360 -12.09 20.72 23.59
C SER B 360 -13.36 20.00 23.21
N ILE B 361 -14.13 19.59 24.21
CA ILE B 361 -15.37 18.88 24.01
C ILE B 361 -16.43 19.69 23.22
N GLY B 362 -16.54 20.98 23.50
CA GLY B 362 -17.50 21.81 22.81
C GLY B 362 -17.17 21.98 21.34
N ASP B 363 -15.99 21.51 20.93
CA ASP B 363 -15.56 21.58 19.54
C ASP B 363 -15.86 20.25 18.85
N PHE B 364 -16.73 20.30 17.84
CA PHE B 364 -17.12 19.10 17.11
C PHE B 364 -16.00 18.54 16.26
N PHE B 365 -14.97 19.36 16.03
CA PHE B 365 -13.86 18.94 15.21
C PHE B 365 -12.56 18.59 15.90
N SER B 366 -12.50 18.69 17.24
CA SER B 366 -11.27 18.30 17.97
C SER B 366 -11.27 16.79 17.87
N ARG B 367 -10.18 16.20 17.40
CA ARG B 367 -10.30 14.80 17.16
C ARG B 367 -9.96 13.60 17.98
N PRO B 368 -8.74 13.47 18.50
CA PRO B 368 -8.58 12.20 19.24
C PRO B 368 -9.79 11.83 20.13
N GLU B 369 -10.54 10.83 19.66
CA GLU B 369 -11.67 10.39 20.42
C GLU B 369 -12.06 8.93 20.28
N ILE B 370 -12.33 8.37 21.45
CA ILE B 370 -12.72 6.99 21.65
C ILE B 370 -14.16 7.00 22.13
N ARG B 371 -15.02 6.25 21.45
CA ARG B 371 -16.40 6.20 21.87
C ARG B 371 -17.00 4.80 22.02
N PHE B 372 -17.94 4.70 22.96
CA PHE B 372 -18.68 3.46 23.25
C PHE B 372 -20.09 3.86 22.88
N TYR B 373 -20.88 2.93 22.35
CA TYR B 373 -22.23 3.33 21.93
C TYR B 373 -23.28 2.26 21.83
N THR B 374 -24.52 2.72 21.74
CA THR B 374 -25.66 1.85 21.55
C THR B 374 -26.59 2.57 20.62
N SER B 375 -27.11 1.86 19.63
CA SER B 375 -28.04 2.45 18.69
C SER B 375 -29.32 1.66 18.53
N TRP B 376 -30.36 2.39 18.15
CA TRP B 376 -31.67 1.82 17.90
C TRP B 376 -32.05 2.31 16.51
N MET B 377 -32.49 1.38 15.67
CA MET B 377 -32.92 1.71 14.31
C MET B 377 -34.25 1.00 13.98
N ASP B 378 -35.11 1.71 13.27
CA ASP B 378 -36.39 1.19 12.82
C ASP B 378 -36.72 1.93 11.51
N TRP B 379 -37.66 1.39 10.75
CA TRP B 379 -38.05 1.96 9.45
C TRP B 379 -39.35 1.36 8.94
N SER B 380 -39.96 2.02 7.97
CA SER B 380 -41.19 1.53 7.35
C SER B 380 -40.84 0.24 6.63
N LYS B 381 -41.60 -0.84 6.92
CA LYS B 381 -41.38 -2.17 6.31
C LYS B 381 -41.34 -2.16 4.78
N LYS B 382 -42.03 -1.20 4.15
CA LYS B 382 -42.03 -1.13 2.71
C LYS B 382 -40.65 -0.96 2.07
N LEU B 383 -39.74 -0.26 2.76
CA LEU B 383 -38.38 -0.01 2.28
C LEU B 383 -37.57 -1.28 2.05
N ASN B 384 -38.01 -2.36 2.68
CA ASN B 384 -37.38 -3.66 2.56
C ASN B 384 -37.45 -4.13 1.13
N ASN B 385 -38.48 -3.66 0.40
CA ASN B 385 -38.71 -4.07 -0.99
C ASN B 385 -37.98 -3.38 -2.12
N TYR B 386 -37.20 -2.36 -1.80
CA TYR B 386 -36.47 -1.61 -2.81
C TYR B 386 -35.55 -2.49 -3.64
N ALA B 387 -34.87 -3.42 -2.97
CA ALA B 387 -33.94 -4.31 -3.62
C ALA B 387 -33.92 -5.58 -2.81
N SER B 388 -33.39 -6.66 -3.38
CA SER B 388 -33.35 -7.94 -2.68
C SER B 388 -31.99 -8.18 -2.02
N ASP B 389 -30.95 -7.57 -2.60
CA ASP B 389 -29.58 -7.67 -2.10
C ASP B 389 -29.21 -6.43 -1.24
N ASP B 390 -30.24 -5.75 -0.78
CA ASP B 390 -30.20 -4.55 0.06
C ASP B 390 -29.77 -4.90 1.46
N ALA B 391 -29.72 -3.89 2.31
CA ALA B 391 -29.37 -4.09 3.71
C ALA B 391 -30.70 -4.25 4.43
N LEU B 392 -31.63 -3.31 4.21
CA LEU B 392 -32.95 -3.37 4.85
C LEU B 392 -33.72 -4.55 4.27
N GLY B 393 -34.00 -5.55 5.10
CA GLY B 393 -34.73 -6.70 4.62
C GLY B 393 -33.90 -7.95 4.45
N SER B 394 -32.58 -7.84 4.60
CA SER B 394 -31.67 -8.97 4.50
C SER B 394 -31.92 -9.88 5.72
N ASP B 395 -31.23 -11.02 5.78
CA ASP B 395 -31.42 -11.93 6.90
C ASP B 395 -30.93 -11.36 8.24
N GLY B 396 -31.88 -11.13 9.15
CA GLY B 396 -31.55 -10.60 10.46
C GLY B 396 -31.54 -9.09 10.58
N PHE B 397 -32.13 -8.40 9.60
CA PHE B 397 -32.18 -6.96 9.62
C PHE B 397 -33.43 -6.58 8.84
N ASN B 398 -34.55 -7.16 9.22
CA ASN B 398 -35.81 -6.88 8.53
C ASN B 398 -36.97 -6.55 9.47
N SER B 399 -36.80 -6.89 10.75
CA SER B 399 -37.82 -6.64 11.77
C SER B 399 -37.96 -5.13 12.04
N GLY B 400 -38.72 -4.80 13.08
CA GLY B 400 -38.89 -3.42 13.47
C GLY B 400 -37.58 -2.92 14.09
N GLY B 401 -37.52 -2.93 15.43
CA GLY B 401 -36.33 -2.48 16.12
C GLY B 401 -35.07 -3.30 15.99
N GLU B 402 -33.96 -2.63 15.73
CA GLU B 402 -32.64 -3.27 15.59
C GLU B 402 -31.66 -2.54 16.50
N TRP B 403 -31.15 -3.24 17.50
CA TRP B 403 -30.19 -2.66 18.44
C TRP B 403 -28.76 -3.03 18.07
N SER B 404 -27.83 -2.12 18.34
CA SER B 404 -26.40 -2.38 18.09
C SER B 404 -25.53 -1.76 19.17
N PHE B 405 -24.34 -2.31 19.37
CA PHE B 405 -23.42 -1.84 20.39
C PHE B 405 -22.00 -1.94 19.89
N GLY B 406 -21.08 -1.20 20.50
CA GLY B 406 -19.71 -1.28 20.08
C GLY B 406 -18.86 -0.17 20.63
N VAL B 407 -17.60 -0.16 20.18
CA VAL B 407 -16.60 0.81 20.58
C VAL B 407 -15.87 1.16 19.30
N GLN B 408 -15.34 2.38 19.24
CA GLN B 408 -14.57 2.80 18.08
C GLN B 408 -13.74 4.06 18.35
N MET B 409 -12.69 4.25 17.56
CA MET B 409 -11.87 5.44 17.65
C MET B 409 -12.01 6.18 16.32
N GLU B 410 -11.74 7.48 16.36
CA GLU B 410 -11.75 8.30 15.17
C GLU B 410 -10.81 9.50 15.38
N THR B 411 -9.94 9.77 14.43
CA THR B 411 -9.04 10.93 14.49
C THR B 411 -8.68 11.49 13.13
N ALA B 412 -7.96 12.60 13.23
CA ALA B 412 -7.41 13.29 12.11
C ALA B 412 -6.44 14.33 12.68
N PHE B 413 -5.38 14.53 11.93
CA PHE B 413 -4.28 15.41 12.31
C PHE B 413 -3.51 15.76 11.05
N SER C 1 4.65 15.96 21.21
CA SER C 1 5.64 15.81 20.07
C SER C 1 4.95 15.58 18.72
N GLY C 2 5.61 14.87 17.80
CA GLY C 2 4.98 14.65 16.51
C GLY C 2 4.94 13.26 15.91
N PHE C 3 5.65 13.14 14.79
CA PHE C 3 5.72 11.93 14.01
C PHE C 3 6.86 11.01 14.34
N GLU C 4 6.56 9.72 14.28
CA GLU C 4 7.55 8.68 14.51
C GLU C 4 7.34 7.58 13.47
N PHE C 5 8.45 7.07 12.98
CA PHE C 5 8.44 6.02 11.99
C PHE C 5 9.17 4.85 12.62
N HIS C 6 8.47 3.75 12.78
CA HIS C 6 9.04 2.53 13.34
C HIS C 6 8.74 1.38 12.39
N GLY C 7 9.32 0.21 12.66
CA GLY C 7 9.06 -0.92 11.80
C GLY C 7 10.01 -2.09 11.93
N TYR C 8 9.75 -3.09 11.08
CA TYR C 8 10.56 -4.31 11.04
C TYR C 8 10.72 -4.67 9.57
N ALA C 9 11.83 -5.31 9.23
CA ALA C 9 12.09 -5.74 7.87
C ALA C 9 13.14 -6.85 7.82
N ARG C 10 12.83 -7.86 7.03
CA ARG C 10 13.75 -8.96 6.84
C ARG C 10 13.74 -9.04 5.32
N SER C 11 14.87 -9.38 4.73
CA SER C 11 14.87 -9.49 3.28
C SER C 11 16.10 -10.22 2.92
N GLY C 12 15.94 -11.28 2.14
CA GLY C 12 17.10 -12.05 1.77
C GLY C 12 16.90 -13.12 0.72
N VAL C 13 18.00 -13.83 0.47
CA VAL C 13 18.07 -14.89 -0.52
C VAL C 13 18.51 -16.20 0.12
N ILE C 14 18.00 -17.31 -0.41
CA ILE C 14 18.34 -18.66 0.01
C ILE C 14 18.31 -19.48 -1.27
N MET C 15 19.35 -20.30 -1.47
CA MET C 15 19.47 -21.14 -2.64
C MET C 15 20.09 -22.45 -2.19
N ASN C 16 19.84 -23.52 -2.93
CA ASN C 16 20.41 -24.83 -2.59
C ASN C 16 21.82 -24.93 -3.19
N ASP C 17 22.47 -26.09 -3.02
CA ASP C 17 23.82 -26.27 -3.55
C ASP C 17 23.98 -26.20 -5.09
N SER C 18 22.87 -26.07 -5.81
CA SER C 18 22.91 -25.98 -7.29
C SER C 18 22.59 -24.58 -7.82
N GLY C 19 22.47 -23.60 -6.91
CA GLY C 19 22.14 -22.24 -7.31
C GLY C 19 20.69 -22.08 -7.71
N ALA C 20 19.81 -22.86 -7.08
CA ALA C 20 18.38 -22.80 -7.38
C ALA C 20 17.52 -22.80 -6.12
N SER C 21 16.22 -22.59 -6.29
CA SER C 21 15.31 -22.53 -5.17
C SER C 21 15.16 -23.80 -4.34
N THR C 22 14.82 -23.61 -3.07
CA THR C 22 14.58 -24.68 -2.09
C THR C 22 13.43 -24.26 -1.19
N LYS C 23 13.11 -25.12 -0.24
CA LYS C 23 12.06 -24.84 0.72
C LYS C 23 12.72 -24.22 1.95
N SER C 24 12.03 -23.26 2.55
CA SER C 24 12.52 -22.60 3.74
C SER C 24 11.32 -21.99 4.46
N GLY C 25 11.50 -21.69 5.75
CA GLY C 25 10.44 -21.12 6.55
C GLY C 25 10.41 -21.72 7.94
N ALA C 26 10.00 -20.95 8.94
CA ALA C 26 9.96 -21.45 10.31
C ALA C 26 8.82 -22.44 10.49
N TYR C 27 7.93 -22.51 9.51
CA TYR C 27 6.80 -23.43 9.60
C TYR C 27 6.71 -24.46 8.46
N ILE C 28 7.86 -24.88 7.93
CA ILE C 28 7.86 -25.82 6.81
C ILE C 28 7.58 -27.26 7.14
N THR C 29 7.87 -27.69 8.37
CA THR C 29 7.64 -29.07 8.78
C THR C 29 6.13 -29.32 8.91
N PRO C 30 5.72 -30.61 8.87
CA PRO C 30 4.30 -30.95 8.99
C PRO C 30 3.72 -30.32 10.25
N ALA C 31 4.53 -30.30 11.31
CA ALA C 31 4.16 -29.73 12.60
C ALA C 31 3.86 -28.24 12.50
N GLY C 32 4.42 -27.60 11.47
CA GLY C 32 4.24 -26.18 11.25
C GLY C 32 2.81 -25.75 11.06
N GLU C 33 1.97 -26.66 10.60
CA GLU C 33 0.56 -26.35 10.36
C GLU C 33 -0.24 -26.13 11.63
N THR C 34 0.24 -26.71 12.73
CA THR C 34 -0.40 -26.54 14.01
C THR C 34 0.47 -25.64 14.93
N GLY C 35 1.44 -24.95 14.33
CA GLY C 35 2.29 -24.03 15.09
C GLY C 35 3.69 -24.45 15.46
N GLY C 36 4.14 -25.60 14.97
CA GLY C 36 5.47 -26.11 15.29
C GLY C 36 6.61 -25.44 14.56
N ALA C 37 6.85 -24.20 14.96
CA ALA C 37 7.89 -23.35 14.40
C ALA C 37 9.27 -23.90 14.70
N ILE C 38 10.20 -23.75 13.75
CA ILE C 38 11.61 -24.17 13.93
C ILE C 38 12.50 -22.93 13.77
N GLY C 39 13.80 -23.11 13.95
CA GLY C 39 14.72 -21.99 13.82
C GLY C 39 14.57 -21.21 12.52
N ARG C 40 14.66 -19.89 12.63
CA ARG C 40 14.52 -19.05 11.46
C ARG C 40 15.79 -18.51 10.80
N LEU C 41 16.94 -18.66 11.46
CA LEU C 41 18.21 -18.15 10.92
C LEU C 41 18.51 -18.80 9.59
N GLY C 42 18.79 -18.00 8.57
CA GLY C 42 19.11 -18.56 7.28
C GLY C 42 17.99 -19.45 6.74
N ASN C 43 16.80 -19.37 7.35
CA ASN C 43 15.64 -20.17 6.96
C ASN C 43 14.41 -19.30 6.63
N GLN C 44 14.65 -18.11 6.09
CA GLN C 44 13.57 -17.21 5.70
C GLN C 44 14.00 -16.49 4.42
N ALA C 45 13.37 -16.85 3.30
CA ALA C 45 13.71 -16.26 2.00
C ALA C 45 12.77 -15.15 1.50
N ASP C 46 11.79 -14.76 2.31
CA ASP C 46 10.85 -13.71 1.92
C ASP C 46 11.27 -12.29 2.30
N THR C 47 10.68 -11.31 1.61
CA THR C 47 10.94 -9.92 1.87
C THR C 47 9.67 -9.44 2.60
N TYR C 48 9.76 -9.46 3.94
CA TYR C 48 8.69 -9.03 4.80
C TYR C 48 8.96 -7.64 5.40
N VAL C 49 7.98 -6.75 5.26
CA VAL C 49 8.13 -5.41 5.75
C VAL C 49 6.89 -4.95 6.53
N GLU C 50 7.12 -4.25 7.64
CA GLU C 50 6.06 -3.67 8.44
C GLU C 50 6.43 -2.20 8.63
N MET C 51 5.52 -1.32 8.26
CA MET C 51 5.75 0.11 8.38
C MET C 51 4.79 0.71 9.41
N ASN C 52 5.35 1.29 10.45
CA ASN C 52 4.56 1.91 11.53
C ASN C 52 4.70 3.43 11.52
N LEU C 53 3.64 4.13 11.11
CA LEU C 53 3.62 5.59 11.04
C LEU C 53 2.81 6.05 12.24
N GLU C 54 3.41 6.87 13.09
CA GLU C 54 2.75 7.35 14.30
C GLU C 54 2.61 8.84 14.46
N HIS C 55 1.57 9.25 15.19
CA HIS C 55 1.36 10.65 15.48
C HIS C 55 1.13 10.72 16.98
N LYS C 56 2.19 11.04 17.72
CA LYS C 56 2.16 11.13 19.18
C LYS C 56 1.88 12.57 19.60
N GLN C 57 1.48 12.76 20.84
CA GLN C 57 1.16 14.11 21.34
C GLN C 57 1.10 14.13 22.86
N THR C 58 1.79 15.09 23.46
CA THR C 58 1.78 15.25 24.91
C THR C 58 1.25 16.60 25.29
N LEU C 59 0.23 16.60 26.15
CA LEU C 59 -0.34 17.84 26.62
C LEU C 59 0.39 18.24 27.89
N ASP C 60 0.37 19.54 28.18
CA ASP C 60 1.02 20.09 29.36
C ASP C 60 0.56 19.45 30.66
N ASN C 61 -0.68 18.96 30.66
CA ASN C 61 -1.24 18.30 31.85
C ASN C 61 -0.85 16.82 32.01
N GLY C 62 0.13 16.37 31.23
CA GLY C 62 0.58 14.99 31.33
C GLY C 62 -0.17 14.01 30.44
N ALA C 63 -1.37 14.38 30.00
CA ALA C 63 -2.19 13.54 29.14
C ALA C 63 -1.54 13.33 27.77
N THR C 64 -1.52 12.07 27.32
CA THR C 64 -0.94 11.71 26.05
C THR C 64 -2.00 11.22 25.07
N THR C 65 -1.65 11.38 23.80
CA THR C 65 -2.48 10.99 22.67
C THR C 65 -1.55 10.29 21.72
N ARG C 66 -2.00 9.16 21.17
CA ARG C 66 -1.19 8.39 20.22
C ARG C 66 -1.97 7.67 19.13
N PHE C 67 -1.54 7.88 17.89
CA PHE C 67 -2.16 7.23 16.76
C PHE C 67 -1.08 6.47 16.00
N LYS C 68 -1.42 5.23 15.60
CA LYS C 68 -0.52 4.37 14.85
C LYS C 68 -1.24 3.56 13.76
N VAL C 69 -0.56 3.43 12.62
CA VAL C 69 -1.04 2.63 11.50
C VAL C 69 0.10 1.67 11.21
N MET C 70 -0.24 0.43 10.89
CA MET C 70 0.77 -0.52 10.48
C MET C 70 0.40 -1.04 9.10
N VAL C 71 1.32 -0.90 8.15
CA VAL C 71 1.09 -1.38 6.79
C VAL C 71 2.14 -2.47 6.57
N ALA C 72 1.68 -3.66 6.20
CA ALA C 72 2.59 -4.76 5.99
C ALA C 72 2.45 -5.41 4.63
N ASP C 73 3.51 -6.08 4.21
CA ASP C 73 3.55 -6.80 2.97
C ASP C 73 4.58 -7.91 3.08
N GLY C 74 4.28 -9.07 2.50
CA GLY C 74 5.21 -10.21 2.53
C GLY C 74 5.29 -10.83 1.16
N GLN C 75 6.48 -10.80 0.55
CA GLN C 75 6.71 -11.34 -0.78
C GLN C 75 7.77 -12.44 -0.81
N THR C 76 7.53 -13.51 -1.58
CA THR C 76 8.53 -14.55 -1.71
C THR C 76 9.39 -14.28 -2.95
N SER C 77 8.84 -13.49 -3.88
CA SER C 77 9.50 -13.09 -5.12
C SER C 77 10.70 -12.14 -4.85
N TYR C 78 11.81 -12.33 -5.58
CA TYR C 78 13.01 -11.51 -5.42
C TYR C 78 13.03 -10.26 -6.30
N ASN C 79 12.02 -10.14 -7.16
CA ASN C 79 11.93 -9.01 -8.08
C ASN C 79 11.61 -7.68 -7.45
N ASP C 80 11.95 -6.64 -8.22
CA ASP C 80 11.78 -5.26 -7.82
C ASP C 80 10.41 -4.67 -8.06
N TRP C 81 9.51 -5.46 -8.65
CA TRP C 81 8.14 -5.01 -8.95
C TRP C 81 7.27 -6.21 -8.71
N THR C 82 6.48 -6.13 -7.64
CA THR C 82 5.60 -7.23 -7.24
C THR C 82 4.12 -6.85 -7.13
N ALA C 83 3.67 -5.97 -8.03
CA ALA C 83 2.29 -5.51 -8.02
C ALA C 83 1.27 -6.64 -8.15
N SER C 84 1.56 -7.61 -9.00
CA SER C 84 0.65 -8.74 -9.23
C SER C 84 0.41 -9.67 -8.05
N THR C 85 1.41 -9.82 -7.18
CA THR C 85 1.30 -10.70 -6.02
C THR C 85 1.41 -9.95 -4.70
N SER C 86 1.21 -8.62 -4.75
CA SER C 86 1.31 -7.77 -3.55
C SER C 86 0.31 -8.10 -2.44
N ASP C 87 0.80 -8.12 -1.19
CA ASP C 87 -0.05 -8.42 -0.05
C ASP C 87 -0.15 -7.22 0.88
N LEU C 88 0.22 -6.06 0.37
CA LEU C 88 0.21 -4.81 1.14
C LEU C 88 -1.15 -4.64 1.83
N ASN C 89 -1.17 -4.60 3.17
CA ASN C 89 -2.44 -4.41 3.84
C ASN C 89 -2.30 -3.73 5.17
N VAL C 90 -3.32 -2.96 5.55
CA VAL C 90 -3.33 -2.27 6.83
C VAL C 90 -3.65 -3.27 7.95
N ARG C 91 -2.63 -3.53 8.77
CA ARG C 91 -2.69 -4.46 9.89
C ARG C 91 -3.24 -3.82 11.17
N GLN C 92 -2.89 -2.55 11.37
CA GLN C 92 -3.32 -1.81 12.54
C GLN C 92 -3.69 -0.36 12.24
N ALA C 93 -4.60 0.17 13.06
CA ALA C 93 -5.06 1.55 12.98
C ALA C 93 -5.78 1.76 14.30
N PHE C 94 -5.08 2.33 15.29
CA PHE C 94 -5.65 2.56 16.60
C PHE C 94 -5.20 3.84 17.32
N VAL C 95 -5.98 4.26 18.31
CA VAL C 95 -5.66 5.46 19.08
C VAL C 95 -5.56 5.07 20.55
N GLU C 96 -4.66 5.72 21.27
CA GLU C 96 -4.48 5.48 22.70
C GLU C 96 -4.52 6.81 23.42
N LEU C 97 -5.34 6.90 24.45
CA LEU C 97 -5.44 8.09 25.26
C LEU C 97 -4.79 7.71 26.57
N GLY C 98 -3.60 8.25 26.84
CA GLY C 98 -2.91 7.89 28.07
C GLY C 98 -2.81 8.95 29.14
N ASN C 99 -2.59 8.49 30.36
CA ASN C 99 -2.42 9.35 31.52
C ASN C 99 -3.38 10.56 31.59
N LEU C 100 -4.68 10.27 31.56
CA LEU C 100 -5.70 11.32 31.62
C LEU C 100 -5.82 11.86 33.04
N PRO C 101 -5.83 13.21 33.19
CA PRO C 101 -5.93 13.89 34.51
C PRO C 101 -7.19 13.54 35.27
N THR C 102 -8.18 13.15 34.50
CA THR C 102 -9.49 12.80 34.98
C THR C 102 -9.59 11.38 35.52
N PHE C 103 -8.63 10.52 35.17
CA PHE C 103 -8.63 9.15 35.64
C PHE C 103 -7.89 9.13 36.95
N ALA C 104 -8.53 8.62 38.00
CA ALA C 104 -7.88 8.56 39.30
C ALA C 104 -8.03 7.18 39.92
N GLY C 105 -7.52 7.02 41.14
CA GLY C 105 -7.59 5.74 41.82
C GLY C 105 -6.82 4.69 41.03
N PRO C 106 -7.42 3.50 40.81
CA PRO C 106 -6.73 2.44 40.05
C PRO C 106 -6.48 2.77 38.56
N PHE C 107 -7.16 3.79 38.04
CA PHE C 107 -7.06 4.23 36.64
C PHE C 107 -6.03 5.36 36.43
N LYS C 108 -5.32 5.71 37.49
CA LYS C 108 -4.34 6.78 37.47
C LYS C 108 -3.45 6.86 36.25
N GLY C 109 -2.51 5.94 36.10
CA GLY C 109 -1.65 6.02 34.94
C GLY C 109 -2.07 5.09 33.82
N SER C 110 -3.36 4.76 33.76
CA SER C 110 -3.86 3.82 32.76
C SER C 110 -4.05 4.44 31.40
N THR C 111 -4.05 3.58 30.37
CA THR C 111 -4.23 4.04 29.00
C THR C 111 -5.38 3.33 28.27
N LEU C 112 -6.29 4.13 27.75
CA LEU C 112 -7.47 3.68 27.01
C LEU C 112 -7.13 3.61 25.52
N TRP C 113 -7.59 2.56 24.84
CA TRP C 113 -7.34 2.41 23.43
C TRP C 113 -8.57 1.88 22.69
N ALA C 114 -8.57 2.05 21.36
CA ALA C 114 -9.66 1.57 20.52
C ALA C 114 -9.15 1.57 19.08
N GLY C 115 -9.70 0.65 18.27
CA GLY C 115 -9.30 0.51 16.89
C GLY C 115 -8.79 -0.90 16.63
N LYS C 116 -8.04 -1.08 15.54
CA LYS C 116 -7.50 -2.37 15.15
C LYS C 116 -6.04 -2.41 15.57
N ARG C 117 -5.68 -3.43 16.35
CA ARG C 117 -4.31 -3.51 16.85
C ARG C 117 -3.83 -4.88 17.30
N PHE C 118 -2.53 -4.99 17.54
CA PHE C 118 -1.95 -6.21 18.10
C PHE C 118 -1.92 -5.78 19.57
N ASP C 119 -2.22 -6.67 20.50
CA ASP C 119 -2.21 -6.29 21.90
C ASP C 119 -0.80 -5.88 22.31
N ARG C 120 -0.71 -4.77 23.07
CA ARG C 120 0.57 -4.25 23.54
C ARG C 120 1.34 -5.34 24.27
N ASP C 121 0.65 -6.09 25.12
CA ASP C 121 1.31 -7.13 25.89
C ASP C 121 1.53 -8.53 25.30
N ASN C 122 1.41 -8.66 23.97
CA ASN C 122 1.72 -9.94 23.33
C ASN C 122 3.24 -9.99 23.49
N PHE C 123 3.83 -11.18 23.39
CA PHE C 123 5.29 -11.32 23.45
C PHE C 123 5.64 -12.57 22.67
N ASP C 124 6.85 -12.60 22.10
CA ASP C 124 7.25 -13.73 21.28
C ASP C 124 8.60 -14.34 21.61
N ILE C 125 8.92 -15.41 20.89
CA ILE C 125 10.19 -16.10 21.02
C ILE C 125 10.79 -15.81 19.65
N HIS C 126 11.58 -14.75 19.60
CA HIS C 126 12.18 -14.26 18.38
C HIS C 126 12.88 -15.20 17.40
N TRP C 127 13.71 -16.09 17.92
CA TRP C 127 14.52 -17.00 17.10
C TRP C 127 13.76 -18.10 16.38
N ILE C 128 12.49 -18.20 16.69
CA ILE C 128 11.69 -19.24 16.11
C ILE C 128 10.49 -18.62 15.37
N ASP C 129 10.49 -17.29 15.28
CA ASP C 129 9.42 -16.52 14.64
C ASP C 129 8.01 -16.95 15.08
N SER C 130 7.83 -17.09 16.39
CA SER C 130 6.57 -17.50 16.94
C SER C 130 6.24 -16.69 18.16
N ASP C 131 5.02 -16.17 18.19
CA ASP C 131 4.56 -15.44 19.33
C ASP C 131 4.26 -16.46 20.42
N VAL C 132 4.32 -16.04 21.69
CA VAL C 132 3.95 -16.94 22.76
C VAL C 132 2.42 -16.77 22.76
N VAL C 133 1.97 -15.51 22.76
CA VAL C 133 0.55 -15.19 22.68
C VAL C 133 0.37 -14.06 21.68
N PHE C 134 -0.69 -14.14 20.87
CA PHE C 134 -0.94 -13.12 19.87
C PHE C 134 -2.42 -12.76 19.84
N LEU C 135 -2.78 -11.71 20.56
CA LEU C 135 -4.13 -11.21 20.60
C LEU C 135 -4.19 -10.04 19.65
N ALA C 136 -4.95 -10.17 18.57
CA ALA C 136 -5.09 -9.10 17.59
C ALA C 136 -6.50 -9.05 17.05
N GLY C 137 -6.86 -7.93 16.43
CA GLY C 137 -8.20 -7.77 15.89
C GLY C 137 -8.69 -6.35 16.06
N THR C 138 -9.99 -6.15 16.15
CA THR C 138 -10.53 -4.81 16.30
C THR C 138 -11.39 -4.72 17.55
N GLY C 139 -11.19 -3.65 18.34
CA GLY C 139 -11.97 -3.52 19.55
C GLY C 139 -11.64 -2.33 20.43
N GLY C 140 -11.48 -2.60 21.71
CA GLY C 140 -11.15 -1.55 22.66
C GLY C 140 -10.78 -2.11 24.02
N GLY C 141 -10.24 -1.25 24.87
CA GLY C 141 -9.86 -1.71 26.18
C GLY C 141 -9.04 -0.70 26.93
N ILE C 142 -8.56 -1.13 28.09
CA ILE C 142 -7.76 -0.29 28.96
C ILE C 142 -6.55 -1.06 29.49
N TYR C 143 -5.38 -0.43 29.46
CA TYR C 143 -4.14 -1.03 29.97
C TYR C 143 -3.77 -0.40 31.30
N ASP C 144 -3.19 -1.22 32.17
CA ASP C 144 -2.67 -0.82 33.48
C ASP C 144 -3.59 -0.28 34.54
N VAL C 145 -4.59 -1.07 34.92
CA VAL C 145 -5.46 -0.67 35.99
C VAL C 145 -4.69 -1.22 37.19
N LYS C 146 -4.14 -0.31 38.01
CA LYS C 146 -3.37 -0.68 39.21
C LYS C 146 -4.23 -0.93 40.44
N TRP C 147 -4.19 -2.16 40.94
CA TRP C 147 -4.91 -2.53 42.14
C TRP C 147 -3.83 -2.58 43.22
N ASN C 148 -4.20 -2.35 44.48
CA ASN C 148 -3.28 -2.37 45.64
C ASN C 148 -1.79 -2.01 45.46
N ASP C 149 -1.41 -1.41 44.34
CA ASP C 149 -0.01 -1.02 44.08
C ASP C 149 0.94 -2.23 43.98
N GLY C 150 0.46 -3.31 43.36
CA GLY C 150 1.27 -4.50 43.19
C GLY C 150 0.57 -5.54 42.32
N LEU C 151 -0.51 -5.14 41.66
CA LEU C 151 -1.30 -6.01 40.81
C LEU C 151 -1.94 -5.14 39.72
N ARG C 152 -1.44 -5.26 38.50
CA ARG C 152 -1.99 -4.48 37.38
C ARG C 152 -2.78 -5.40 36.47
N SER C 153 -3.79 -4.83 35.82
CA SER C 153 -4.66 -5.60 34.95
C SER C 153 -5.04 -4.87 33.69
N ASN C 154 -5.32 -5.63 32.64
CA ASN C 154 -5.78 -5.10 31.37
C ASN C 154 -7.09 -5.81 31.10
N PHE C 155 -8.04 -5.08 30.56
CA PHE C 155 -9.34 -5.63 30.22
C PHE C 155 -9.61 -5.19 28.78
N SER C 156 -10.17 -6.08 27.95
CA SER C 156 -10.48 -5.76 26.55
C SER C 156 -11.45 -6.64 25.77
N LEU C 157 -11.98 -6.06 24.70
CA LEU C 157 -12.89 -6.75 23.80
C LEU C 157 -12.24 -6.66 22.42
N TYR C 158 -11.94 -7.83 21.84
CA TYR C 158 -11.35 -7.91 20.50
C TYR C 158 -12.29 -8.68 19.57
N GLY C 159 -12.51 -8.13 18.38
CA GLY C 159 -13.35 -8.76 17.38
C GLY C 159 -12.57 -9.23 16.17
N ARG C 160 -12.93 -10.41 15.69
CA ARG C 160 -12.30 -11.01 14.50
C ARG C 160 -13.39 -11.58 13.60
N ASN C 161 -12.99 -12.02 12.42
CA ASN C 161 -13.95 -12.57 11.46
C ASN C 161 -13.54 -13.97 11.05
N PHE C 162 -14.53 -14.81 10.75
CA PHE C 162 -14.29 -16.18 10.26
C PHE C 162 -14.94 -16.27 8.87
N GLY C 163 -14.31 -17.00 7.96
CA GLY C 163 -14.84 -17.17 6.63
C GLY C 163 -14.61 -16.00 5.71
N ASP C 164 -15.31 -16.01 4.57
CA ASP C 164 -15.20 -14.98 3.53
C ASP C 164 -16.00 -13.72 3.90
N ILE C 165 -15.27 -12.64 4.20
CA ILE C 165 -15.89 -11.37 4.59
C ILE C 165 -16.87 -10.82 3.53
N ASP C 166 -16.76 -11.31 2.29
CA ASP C 166 -17.65 -10.90 1.18
C ASP C 166 -18.92 -11.75 1.06
N ASP C 167 -18.82 -13.03 1.40
CA ASP C 167 -19.95 -13.97 1.37
C ASP C 167 -20.69 -13.91 2.72
N SER C 168 -21.85 -13.26 2.73
CA SER C 168 -22.65 -13.11 3.94
C SER C 168 -23.08 -14.40 4.66
N SER C 169 -23.26 -15.49 3.91
CA SER C 169 -23.67 -16.79 4.49
C SER C 169 -22.49 -17.66 4.98
N ASN C 170 -21.27 -17.24 4.64
CA ASN C 170 -20.05 -17.93 5.05
C ASN C 170 -19.15 -16.94 5.80
N SER C 171 -19.77 -16.03 6.54
CA SER C 171 -19.02 -15.02 7.31
C SER C 171 -19.56 -14.89 8.72
N VAL C 172 -18.66 -14.93 9.70
CA VAL C 172 -19.05 -14.82 11.11
C VAL C 172 -18.06 -13.97 11.94
N GLN C 173 -18.59 -13.23 12.92
CA GLN C 173 -17.77 -12.40 13.79
C GLN C 173 -17.44 -13.17 15.05
N ASN C 174 -16.16 -13.21 15.40
CA ASN C 174 -15.73 -13.89 16.62
C ASN C 174 -15.27 -12.86 17.64
N TYR C 175 -15.92 -12.86 18.79
CA TYR C 175 -15.58 -11.92 19.82
C TYR C 175 -14.83 -12.53 20.97
N ILE C 176 -13.88 -11.76 21.49
CA ILE C 176 -13.03 -12.18 22.58
C ILE C 176 -12.99 -11.19 23.76
N LEU C 177 -13.28 -11.71 24.93
CA LEU C 177 -13.28 -10.95 26.15
C LEU C 177 -12.08 -11.44 26.92
N THR C 178 -11.23 -10.51 27.33
CA THR C 178 -10.02 -10.90 28.01
C THR C 178 -9.58 -10.00 29.16
N MET C 179 -9.16 -10.66 30.24
CA MET C 179 -8.64 -9.97 31.42
C MET C 179 -7.21 -10.51 31.61
N ASN C 180 -6.27 -9.57 31.71
CA ASN C 180 -4.87 -9.92 31.82
C ASN C 180 -4.36 -9.26 33.09
N HIS C 181 -3.86 -10.08 34.00
CA HIS C 181 -3.36 -9.60 35.27
C HIS C 181 -1.89 -9.88 35.43
N PHE C 182 -1.19 -8.86 35.94
CA PHE C 182 0.24 -8.95 36.18
C PHE C 182 0.55 -8.65 37.65
N ALA C 183 1.28 -9.55 38.28
CA ALA C 183 1.64 -9.41 39.69
C ALA C 183 3.15 -9.70 39.81
N GLY C 184 3.97 -8.66 39.60
CA GLY C 184 5.40 -8.86 39.65
C GLY C 184 5.82 -9.65 38.42
N PRO C 185 6.53 -10.79 38.60
CA PRO C 185 6.99 -11.65 37.51
C PRO C 185 5.91 -12.59 36.95
N LEU C 186 4.80 -12.69 37.66
CA LEU C 186 3.70 -13.56 37.29
C LEU C 186 2.65 -12.90 36.42
N GLN C 187 2.14 -13.66 35.45
CA GLN C 187 1.10 -13.19 34.56
C GLN C 187 0.00 -14.23 34.39
N MET C 188 -1.24 -13.79 34.52
CA MET C 188 -2.36 -14.65 34.36
C MET C 188 -3.31 -14.00 33.40
N MET C 189 -3.47 -14.63 32.25
CA MET C 189 -4.34 -14.16 31.21
C MET C 189 -5.54 -15.12 31.00
N VAL C 190 -6.74 -14.56 30.95
CA VAL C 190 -7.96 -15.36 30.74
C VAL C 190 -8.86 -14.73 29.68
N SER C 191 -9.19 -15.50 28.63
CA SER C 191 -10.07 -15.02 27.56
C SER C 191 -11.28 -15.91 27.29
N GLY C 192 -12.41 -15.27 26.97
CA GLY C 192 -13.62 -16.00 26.62
C GLY C 192 -13.93 -15.68 25.17
N LEU C 193 -14.05 -16.68 24.29
CA LEU C 193 -14.36 -16.38 22.89
C LEU C 193 -15.72 -16.88 22.41
N ARG C 194 -16.31 -16.16 21.45
CA ARG C 194 -17.61 -16.55 20.92
C ARG C 194 -17.93 -16.08 19.50
N ALA C 195 -18.25 -17.03 18.63
CA ALA C 195 -18.60 -16.74 17.24
C ALA C 195 -19.96 -17.37 17.01
N LYS C 196 -21.00 -16.57 17.07
CA LYS C 196 -22.35 -17.09 16.91
C LYS C 196 -22.63 -17.71 15.56
N ASP C 197 -23.11 -18.97 15.59
CA ASP C 197 -23.46 -19.76 14.42
C ASP C 197 -22.33 -20.01 13.46
N ASN C 198 -21.17 -20.26 14.02
CA ASN C 198 -19.98 -20.55 13.24
C ASN C 198 -20.23 -21.90 12.52
N ASP C 199 -20.87 -22.84 13.23
CA ASP C 199 -21.17 -24.17 12.69
C ASP C 199 -22.21 -24.20 11.57
N GLU C 200 -22.82 -23.04 11.33
CA GLU C 200 -23.83 -22.92 10.29
C GLU C 200 -23.43 -22.12 9.08
N ARG C 201 -22.12 -21.95 8.87
CA ARG C 201 -21.63 -21.20 7.73
C ARG C 201 -21.72 -22.06 6.49
N LYS C 202 -22.50 -21.61 5.50
CA LYS C 202 -22.64 -22.36 4.26
C LYS C 202 -21.69 -21.78 3.24
N ASP C 203 -20.96 -22.64 2.54
CA ASP C 203 -20.05 -22.14 1.50
C ASP C 203 -20.85 -21.63 0.30
N SER C 204 -20.15 -21.17 -0.73
CA SER C 204 -20.78 -20.64 -1.94
C SER C 204 -21.79 -21.60 -2.63
N ASN C 205 -21.56 -22.90 -2.50
CA ASN C 205 -22.43 -23.93 -3.09
C ASN C 205 -23.77 -24.04 -2.38
N GLY C 206 -23.74 -24.01 -1.06
CA GLY C 206 -24.95 -24.12 -0.25
C GLY C 206 -24.80 -25.18 0.83
N ASN C 207 -23.64 -25.82 0.87
CA ASN C 207 -23.36 -26.86 1.86
C ASN C 207 -22.67 -26.27 3.09
N LEU C 208 -22.73 -27.00 4.20
CA LEU C 208 -22.10 -26.56 5.43
C LEU C 208 -20.59 -26.52 5.24
N ALA C 209 -19.96 -25.39 5.58
CA ALA C 209 -18.52 -25.25 5.46
C ALA C 209 -17.85 -26.27 6.39
N LYS C 210 -18.43 -26.46 7.58
CA LYS C 210 -17.92 -27.42 8.57
C LYS C 210 -19.01 -28.26 9.22
N GLY C 211 -19.90 -27.62 9.99
CA GLY C 211 -20.98 -28.38 10.61
C GLY C 211 -20.71 -28.78 12.03
N ASP C 212 -19.50 -29.30 12.28
CA ASP C 212 -19.10 -29.70 13.63
C ASP C 212 -18.08 -28.67 14.19
N ALA C 213 -18.08 -27.46 13.62
CA ALA C 213 -17.19 -26.40 14.07
C ALA C 213 -17.72 -25.79 15.36
N ALA C 214 -16.80 -25.27 16.20
CA ALA C 214 -17.18 -24.68 17.49
C ALA C 214 -17.72 -23.25 17.38
N ASN C 215 -18.60 -22.88 18.31
CA ASN C 215 -19.19 -21.54 18.34
C ASN C 215 -18.62 -20.72 19.52
N THR C 216 -18.00 -21.41 20.48
CA THR C 216 -17.42 -20.73 21.62
C THR C 216 -16.04 -21.28 21.98
N GLY C 217 -15.35 -20.59 22.87
CA GLY C 217 -14.03 -21.04 23.27
C GLY C 217 -13.58 -20.44 24.58
N VAL C 218 -12.55 -21.06 25.15
CA VAL C 218 -11.97 -20.61 26.40
C VAL C 218 -10.46 -20.68 26.21
N HIS C 219 -9.75 -19.71 26.78
CA HIS C 219 -8.30 -19.65 26.66
C HIS C 219 -7.69 -19.10 27.93
N ALA C 220 -6.49 -19.56 28.27
CA ALA C 220 -5.80 -19.08 29.46
C ALA C 220 -4.28 -19.16 29.28
N LEU C 221 -3.58 -18.25 29.96
CA LEU C 221 -2.12 -18.21 29.89
C LEU C 221 -1.57 -17.96 31.28
N LEU C 222 -0.56 -18.72 31.64
CA LEU C 222 0.11 -18.57 32.91
C LEU C 222 1.56 -18.29 32.52
N GLY C 223 2.05 -17.10 32.85
CA GLY C 223 3.42 -16.75 32.50
C GLY C 223 4.33 -16.26 33.62
N LEU C 224 5.63 -16.47 33.39
CA LEU C 224 6.66 -16.08 34.35
C LEU C 224 7.74 -15.28 33.65
N HIS C 225 7.82 -13.99 33.96
CA HIS C 225 8.80 -13.11 33.33
C HIS C 225 9.94 -12.81 34.31
N ASN C 226 11.06 -13.50 34.12
CA ASN C 226 12.23 -13.34 34.98
C ASN C 226 13.22 -12.34 34.47
N ASP C 227 14.03 -11.86 35.41
CA ASP C 227 15.07 -10.87 35.17
C ASP C 227 16.43 -11.52 35.24
N SER C 228 16.41 -12.84 35.15
CA SER C 228 17.63 -13.64 35.17
C SER C 228 17.36 -14.85 34.31
N PHE C 229 18.44 -15.49 33.87
CA PHE C 229 18.34 -16.68 33.05
C PHE C 229 17.84 -17.80 33.96
N TYR C 230 16.52 -17.96 34.04
CA TYR C 230 15.87 -19.01 34.87
C TYR C 230 16.38 -19.03 36.32
N GLY C 231 16.76 -17.86 36.82
CA GLY C 231 17.26 -17.74 38.18
C GLY C 231 18.58 -18.42 38.52
N LEU C 232 19.46 -18.66 37.54
CA LEU C 232 20.75 -19.27 37.87
C LEU C 232 21.93 -18.60 37.22
N ARG C 233 21.67 -17.50 36.52
CA ARG C 233 22.72 -16.80 35.83
C ARG C 233 22.19 -15.47 35.36
N ASP C 234 23.08 -14.54 35.06
CA ASP C 234 22.63 -13.24 34.59
C ASP C 234 21.89 -13.44 33.25
N GLY C 235 20.90 -12.62 33.00
CA GLY C 235 20.18 -12.73 31.76
C GLY C 235 18.70 -12.49 31.96
N SER C 236 17.89 -13.23 31.21
CA SER C 236 16.45 -13.07 31.30
C SER C 236 15.85 -14.33 30.75
N SER C 237 14.59 -14.54 31.13
CA SER C 237 13.89 -15.72 30.69
C SER C 237 12.38 -15.52 30.86
N LYS C 238 11.62 -16.28 30.09
CA LYS C 238 10.16 -16.24 30.12
C LYS C 238 9.66 -17.64 29.89
N THR C 239 8.68 -18.02 30.69
CA THR C 239 8.05 -19.32 30.58
C THR C 239 6.54 -19.10 30.62
N ALA C 240 5.83 -19.77 29.72
CA ALA C 240 4.39 -19.65 29.63
C ALA C 240 3.72 -20.99 29.36
N LEU C 241 2.63 -21.20 30.08
CA LEU C 241 1.81 -22.39 30.00
C LEU C 241 0.47 -21.93 29.41
N LEU C 242 0.17 -22.44 28.21
CA LEU C 242 -1.07 -22.06 27.52
C LEU C 242 -2.06 -23.21 27.43
N TYR C 243 -3.32 -22.85 27.58
CA TYR C 243 -4.40 -23.82 27.49
C TYR C 243 -5.59 -23.25 26.73
N GLY C 244 -6.18 -24.07 25.87
CA GLY C 244 -7.33 -23.64 25.11
C GLY C 244 -8.31 -24.75 24.80
N HIS C 245 -9.58 -24.40 24.79
CA HIS C 245 -10.63 -25.36 24.49
C HIS C 245 -11.66 -24.76 23.52
N GLY C 246 -12.16 -25.58 22.61
CA GLY C 246 -13.12 -25.11 21.62
C GLY C 246 -12.40 -24.16 20.72
N LEU C 247 -12.99 -22.99 20.48
CA LEU C 247 -12.39 -21.94 19.65
C LEU C 247 -11.05 -21.42 20.26
N GLY C 248 -10.87 -21.67 21.56
CA GLY C 248 -9.67 -21.26 22.25
C GLY C 248 -8.55 -22.28 22.06
N ALA C 249 -8.86 -23.41 21.41
CA ALA C 249 -7.89 -24.47 21.17
C ALA C 249 -6.68 -24.06 20.32
N GLU C 250 -6.78 -22.95 19.57
CA GLU C 250 -5.62 -22.43 18.83
C GLU C 250 -5.08 -21.40 19.84
N VAL C 251 -4.08 -21.83 20.61
CA VAL C 251 -3.51 -21.04 21.72
C VAL C 251 -2.58 -19.85 21.45
N LYS C 252 -2.12 -19.69 20.21
CA LYS C 252 -1.26 -18.58 19.85
C LYS C 252 -2.11 -17.45 19.25
N GLY C 253 -2.66 -17.66 18.05
CA GLY C 253 -3.48 -16.65 17.42
C GLY C 253 -4.88 -16.76 18.00
N ILE C 254 -5.14 -16.13 19.11
CA ILE C 254 -6.45 -16.21 19.76
C ILE C 254 -7.59 -15.82 18.84
N GLY C 255 -8.55 -16.74 18.69
CA GLY C 255 -9.72 -16.47 17.87
C GLY C 255 -9.49 -16.41 16.38
N SER C 256 -8.37 -16.98 15.98
CA SER C 256 -7.98 -17.00 14.60
C SER C 256 -8.28 -18.33 13.86
N ASP C 257 -8.85 -19.32 14.54
CA ASP C 257 -9.12 -20.60 13.87
C ASP C 257 -10.60 -20.94 13.90
N GLY C 258 -11.24 -20.84 12.72
CA GLY C 258 -12.66 -21.12 12.62
C GLY C 258 -13.07 -22.56 12.41
N ALA C 259 -12.08 -23.43 12.15
CA ALA C 259 -12.32 -24.86 11.91
C ALA C 259 -12.25 -25.77 13.13
N LEU C 260 -11.97 -25.22 14.32
CA LEU C 260 -11.86 -26.02 15.54
C LEU C 260 -13.18 -26.61 16.05
N ARG C 261 -13.15 -27.86 16.47
CA ARG C 261 -14.36 -28.52 16.96
C ARG C 261 -14.65 -28.02 18.37
N PRO C 262 -15.87 -28.26 18.87
CA PRO C 262 -16.22 -27.81 20.23
C PRO C 262 -15.34 -28.46 21.30
N GLY C 263 -14.93 -29.70 21.04
CA GLY C 263 -14.11 -30.44 21.98
C GLY C 263 -12.61 -30.34 21.76
N ALA C 264 -12.18 -29.49 20.82
CA ALA C 264 -10.76 -29.29 20.53
C ALA C 264 -10.10 -28.84 21.85
N ASP C 265 -9.04 -29.54 22.23
CA ASP C 265 -8.35 -29.29 23.49
C ASP C 265 -6.83 -29.12 23.26
N THR C 266 -6.27 -28.00 23.71
CA THR C 266 -4.85 -27.73 23.52
C THR C 266 -4.05 -27.26 24.71
N TRP C 267 -2.85 -27.82 24.89
CA TRP C 267 -1.90 -27.45 25.93
C TRP C 267 -0.61 -27.10 25.23
N ARG C 268 0.03 -26.03 25.65
CA ARG C 268 1.27 -25.61 25.04
C ARG C 268 2.23 -24.98 26.06
N ILE C 269 3.51 -25.21 25.84
CA ILE C 269 4.53 -24.64 26.68
C ILE C 269 5.58 -23.90 25.82
N ALA C 270 5.80 -22.64 26.19
CA ALA C 270 6.75 -21.77 25.53
C ALA C 270 7.74 -21.35 26.61
N SER C 271 9.02 -21.41 26.29
CA SER C 271 10.04 -21.02 27.24
C SER C 271 11.31 -20.66 26.51
N TYR C 272 12.02 -19.65 27.02
CA TYR C 272 13.29 -19.25 26.43
C TYR C 272 14.08 -18.42 27.44
N GLY C 273 15.38 -18.27 27.19
CA GLY C 273 16.22 -17.50 28.07
C GLY C 273 17.36 -16.87 27.33
N THR C 274 17.91 -15.82 27.92
CA THR C 274 19.02 -15.09 27.34
C THR C 274 20.08 -15.01 28.42
N THR C 275 21.32 -15.35 28.07
CA THR C 275 22.41 -15.29 29.04
C THR C 275 23.81 -15.22 28.44
N PRO C 276 24.66 -14.30 28.96
CA PRO C 276 26.03 -14.14 28.48
C PRO C 276 26.95 -15.17 29.13
N LEU C 277 27.59 -16.00 28.30
CA LEU C 277 28.50 -17.07 28.73
C LEU C 277 29.87 -16.50 29.09
N SER C 278 30.28 -15.48 28.35
CA SER C 278 31.53 -14.78 28.56
C SER C 278 31.34 -13.40 27.89
N GLU C 279 32.30 -12.49 28.03
CA GLU C 279 32.18 -11.15 27.42
C GLU C 279 32.12 -11.18 25.87
N ASN C 280 32.18 -12.40 25.31
CA ASN C 280 32.15 -12.59 23.86
C ASN C 280 31.11 -13.61 23.37
N TRP C 281 30.68 -14.53 24.24
CA TRP C 281 29.66 -15.53 23.87
C TRP C 281 28.32 -15.31 24.58
N SER C 282 27.22 -15.45 23.83
CA SER C 282 25.85 -15.30 24.37
C SER C 282 25.05 -16.47 23.85
N VAL C 283 24.20 -17.03 24.71
CA VAL C 283 23.39 -18.18 24.31
C VAL C 283 21.91 -17.98 24.64
N ALA C 284 21.07 -18.43 23.72
CA ALA C 284 19.64 -18.32 23.87
C ALA C 284 18.92 -19.59 23.45
N PRO C 285 18.53 -20.43 24.42
CA PRO C 285 17.82 -21.67 24.19
C PRO C 285 16.33 -21.37 24.23
N ALA C 286 15.52 -22.15 23.52
CA ALA C 286 14.08 -21.93 23.48
C ALA C 286 13.37 -23.24 23.18
N MET C 287 12.24 -23.45 23.83
CA MET C 287 11.46 -24.65 23.57
C MET C 287 9.97 -24.31 23.43
N LEU C 288 9.34 -25.00 22.49
CA LEU C 288 7.91 -24.84 22.18
C LEU C 288 7.38 -26.25 21.97
N ALA C 289 6.43 -26.66 22.81
CA ALA C 289 5.85 -27.99 22.70
C ALA C 289 4.35 -27.89 22.82
N GLN C 290 3.64 -28.73 22.06
CA GLN C 290 2.17 -28.73 22.07
C GLN C 290 1.51 -30.10 21.90
N ARG C 291 0.33 -30.20 22.52
CA ARG C 291 -0.48 -31.40 22.52
C ARG C 291 -1.88 -30.93 22.22
N SER C 292 -2.38 -31.31 21.04
CA SER C 292 -3.70 -30.93 20.61
C SER C 292 -4.52 -32.12 20.15
N LYS C 293 -5.61 -32.40 20.86
CA LYS C 293 -6.54 -33.51 20.61
C LYS C 293 -7.91 -33.01 20.12
N ASP C 294 -8.57 -33.82 19.29
CA ASP C 294 -9.91 -33.52 18.74
C ASP C 294 -10.00 -32.11 18.18
N ARG C 295 -8.92 -31.71 17.51
CA ARG C 295 -8.81 -30.38 16.94
C ARG C 295 -9.74 -30.10 15.75
N TYR C 296 -9.59 -30.82 14.63
CA TYR C 296 -10.42 -30.63 13.41
C TYR C 296 -11.24 -31.87 13.07
N ALA C 297 -10.75 -33.03 13.48
CA ALA C 297 -11.44 -34.27 13.25
C ALA C 297 -11.54 -35.00 14.57
N ASP C 298 -12.64 -35.73 14.76
CA ASP C 298 -12.85 -36.51 15.98
C ASP C 298 -11.74 -37.56 16.16
N GLY C 299 -11.15 -37.60 17.34
CA GLY C 299 -10.08 -38.54 17.57
C GLY C 299 -8.72 -38.16 17.00
N ASP C 300 -8.57 -36.96 16.46
CA ASP C 300 -7.27 -36.57 15.93
C ASP C 300 -6.31 -36.17 17.06
N SER C 301 -5.04 -36.03 16.72
CA SER C 301 -4.04 -35.68 17.70
C SER C 301 -2.82 -35.10 17.00
N TYR C 302 -2.33 -33.98 17.54
CA TYR C 302 -1.16 -33.30 17.00
C TYR C 302 -0.21 -33.04 18.17
N GLN C 303 0.95 -33.69 18.13
CA GLN C 303 1.96 -33.50 19.17
C GLN C 303 3.30 -33.22 18.54
N TRP C 304 3.98 -32.21 19.07
CA TRP C 304 5.30 -31.87 18.59
C TRP C 304 6.05 -31.03 19.63
N ALA C 305 7.37 -31.00 19.49
CA ALA C 305 8.20 -30.24 20.41
C ALA C 305 9.40 -29.74 19.63
N THR C 306 9.62 -28.44 19.73
CA THR C 306 10.74 -27.79 19.07
C THR C 306 11.75 -27.29 20.11
N PHE C 307 13.02 -27.52 19.80
CA PHE C 307 14.11 -27.06 20.63
C PHE C 307 15.00 -26.22 19.71
N ASN C 308 15.17 -24.95 20.05
CA ASN C 308 16.01 -24.05 19.27
C ASN C 308 17.15 -23.53 20.14
N LEU C 309 18.32 -23.38 19.56
CA LEU C 309 19.46 -22.91 20.31
C LEU C 309 20.27 -21.94 19.46
N ARG C 310 20.23 -20.63 19.81
CA ARG C 310 20.99 -19.61 19.08
C ARG C 310 22.24 -19.21 19.90
N LEU C 311 23.37 -19.10 19.22
CA LEU C 311 24.65 -18.75 19.87
C LEU C 311 25.37 -17.70 19.06
N ILE C 312 25.81 -16.61 19.70
CA ILE C 312 26.58 -15.57 19.00
C ILE C 312 27.95 -15.49 19.62
N GLN C 313 28.93 -15.17 18.79
CA GLN C 313 30.29 -15.03 19.25
C GLN C 313 30.88 -13.77 18.67
N ALA C 314 31.08 -12.77 19.52
CA ALA C 314 31.66 -11.51 19.12
C ALA C 314 33.14 -11.76 18.81
N ILE C 315 33.57 -11.28 17.65
CA ILE C 315 34.95 -11.39 17.22
C ILE C 315 35.55 -9.99 17.21
N ASN C 316 34.74 -9.01 16.79
CA ASN C 316 35.08 -7.59 16.71
C ASN C 316 33.97 -6.84 17.42
N GLN C 317 33.91 -5.56 17.08
CA GLN C 317 32.91 -4.63 17.56
C GLN C 317 31.78 -4.66 16.52
N ASN C 318 32.11 -5.17 15.33
CA ASN C 318 31.17 -5.26 14.21
C ASN C 318 30.91 -6.68 13.65
N PHE C 319 31.81 -7.63 13.92
CA PHE C 319 31.69 -8.96 13.35
C PHE C 319 31.47 -10.03 14.39
N ALA C 320 30.49 -10.88 14.16
CA ALA C 320 30.17 -11.97 15.08
C ALA C 320 29.85 -13.22 14.29
N LEU C 321 29.98 -14.36 14.95
CA LEU C 321 29.70 -15.65 14.35
C LEU C 321 28.48 -16.19 15.06
N ALA C 322 27.38 -16.34 14.32
CA ALA C 322 26.15 -16.84 14.89
C ALA C 322 25.94 -18.26 14.43
N TYR C 323 25.38 -19.07 15.33
CA TYR C 323 25.09 -20.49 15.07
C TYR C 323 23.68 -20.79 15.58
N GLU C 324 22.98 -21.70 14.92
CA GLU C 324 21.65 -22.07 15.36
C GLU C 324 21.37 -23.53 15.09
N GLY C 325 20.75 -24.18 16.06
CA GLY C 325 20.44 -25.58 15.94
C GLY C 325 19.00 -25.79 16.34
N SER C 326 18.24 -26.45 15.47
CA SER C 326 16.84 -26.73 15.74
C SER C 326 16.58 -28.22 15.72
N TYR C 327 15.75 -28.67 16.66
CA TYR C 327 15.37 -30.05 16.74
C TYR C 327 13.87 -30.10 16.98
N GLN C 328 13.19 -30.96 16.24
CA GLN C 328 11.76 -31.08 16.40
C GLN C 328 11.26 -32.48 16.21
N TYR C 329 10.46 -32.93 17.18
CA TYR C 329 9.87 -34.25 17.10
C TYR C 329 8.37 -33.98 16.91
N MET C 330 7.72 -34.85 16.15
CA MET C 330 6.27 -34.70 15.92
C MET C 330 5.63 -36.05 15.65
N ASP C 331 4.40 -36.17 16.13
CA ASP C 331 3.55 -37.34 16.00
C ASP C 331 2.18 -36.76 15.72
N LEU C 332 1.81 -36.80 14.44
CA LEU C 332 0.55 -36.22 14.00
C LEU C 332 -0.44 -37.25 13.48
N LYS C 333 -1.63 -37.26 14.07
CA LYS C 333 -2.70 -38.16 13.67
C LYS C 333 -3.91 -37.29 13.27
N PRO C 334 -3.94 -36.84 11.99
CA PRO C 334 -4.97 -36.01 11.37
C PRO C 334 -6.33 -36.65 11.08
N GLU C 335 -6.42 -37.99 11.13
CA GLU C 335 -7.66 -38.72 10.86
C GLU C 335 -8.33 -38.31 9.56
N GLY C 336 -7.55 -38.27 8.48
CA GLY C 336 -8.12 -37.94 7.19
C GLY C 336 -8.34 -36.47 6.85
N TYR C 337 -8.32 -35.59 7.86
CA TYR C 337 -8.50 -34.14 7.66
C TYR C 337 -7.50 -33.53 6.66
N ASN C 338 -8.01 -32.87 5.62
CA ASN C 338 -7.16 -32.23 4.61
C ASN C 338 -6.27 -33.15 3.77
N ASP C 339 -6.60 -34.44 3.75
CA ASP C 339 -5.83 -35.46 3.02
C ASP C 339 -4.46 -35.72 3.64
N ARG C 340 -4.35 -35.42 4.92
CA ARG C 340 -3.12 -35.61 5.66
C ARG C 340 -3.06 -37.05 6.14
N GLN C 341 -1.86 -37.62 6.15
CA GLN C 341 -1.68 -38.98 6.63
C GLN C 341 -0.93 -38.91 7.96
N ALA C 342 -1.32 -39.75 8.93
CA ALA C 342 -0.65 -39.77 10.22
C ALA C 342 0.86 -39.99 10.04
N VAL C 343 1.64 -39.18 10.74
CA VAL C 343 3.08 -39.27 10.59
C VAL C 343 3.83 -39.00 11.90
N ASN C 344 5.05 -39.50 11.97
CA ASN C 344 5.87 -39.30 13.15
C ASN C 344 7.34 -39.37 12.77
N GLY C 345 8.14 -38.51 13.40
CA GLY C 345 9.55 -38.46 13.13
C GLY C 345 10.14 -37.15 13.61
N SER C 346 11.41 -36.94 13.26
CA SER C 346 12.11 -35.75 13.67
C SER C 346 12.75 -34.93 12.55
N PHE C 347 12.93 -33.63 12.80
CA PHE C 347 13.52 -32.66 11.89
C PHE C 347 14.69 -31.96 12.59
N TYR C 348 15.78 -31.71 11.85
CA TYR C 348 17.00 -31.07 12.38
C TYR C 348 17.47 -29.94 11.48
N LYS C 349 18.07 -28.92 12.07
CA LYS C 349 18.62 -27.80 11.32
C LYS C 349 19.88 -27.26 11.97
N LEU C 350 20.92 -27.09 11.17
CA LEU C 350 22.18 -26.54 11.66
C LEU C 350 22.51 -25.38 10.75
N THR C 351 22.79 -24.22 11.36
CA THR C 351 23.10 -23.02 10.60
C THR C 351 24.31 -22.29 11.16
N PHE C 352 25.18 -21.86 10.26
CA PHE C 352 26.37 -21.11 10.60
C PHE C 352 26.21 -19.79 9.84
N ALA C 353 26.16 -18.69 10.58
CA ALA C 353 25.94 -17.38 9.94
C ALA C 353 26.83 -16.20 10.33
N PRO C 354 27.88 -15.92 9.54
CA PRO C 354 28.73 -14.79 9.88
C PRO C 354 27.79 -13.56 9.87
N THR C 355 27.90 -12.72 10.88
CA THR C 355 27.02 -11.57 11.03
C THR C 355 27.75 -10.25 11.28
N PHE C 356 27.25 -9.19 10.62
CA PHE C 356 27.81 -7.86 10.75
C PHE C 356 26.75 -6.94 11.32
N LYS C 357 27.17 -6.05 12.18
CA LYS C 357 26.28 -5.08 12.82
C LYS C 357 27.14 -4.02 13.47
N VAL C 358 26.52 -2.97 13.98
CA VAL C 358 27.27 -1.92 14.66
C VAL C 358 26.96 -1.97 16.16
N GLY C 359 25.76 -2.46 16.48
CA GLY C 359 25.33 -2.57 17.86
C GLY C 359 25.98 -3.61 18.74
N SER C 360 25.49 -3.72 19.98
CA SER C 360 26.01 -4.66 20.95
C SER C 360 25.78 -6.11 20.56
N ILE C 361 26.86 -6.80 20.21
CA ILE C 361 26.80 -8.19 19.81
C ILE C 361 26.17 -9.12 20.86
N GLY C 362 26.50 -8.90 22.13
CA GLY C 362 25.97 -9.72 23.20
C GLY C 362 24.47 -9.59 23.41
N ASP C 363 23.90 -8.58 22.75
CA ASP C 363 22.46 -8.30 22.80
C ASP C 363 21.77 -8.98 21.60
N PHE C 364 20.88 -9.90 21.89
CA PHE C 364 20.18 -10.62 20.83
C PHE C 364 19.17 -9.74 20.10
N PHE C 365 18.87 -8.58 20.69
CA PHE C 365 17.88 -7.68 20.12
C PHE C 365 18.34 -6.40 19.46
N SER C 366 19.64 -6.14 19.45
CA SER C 366 20.20 -4.94 18.78
C SER C 366 20.05 -5.31 17.31
N ARG C 367 19.39 -4.48 16.53
CA ARG C 367 19.09 -4.95 15.19
C ARG C 367 19.72 -4.70 13.86
N PRO C 368 20.17 -3.48 13.54
CA PRO C 368 20.73 -3.49 12.17
C PRO C 368 21.75 -4.62 12.01
N GLU C 369 21.37 -5.63 11.23
CA GLU C 369 22.29 -6.72 11.01
C GLU C 369 22.15 -7.41 9.68
N ILE C 370 23.31 -7.67 9.11
CA ILE C 370 23.46 -8.33 7.82
C ILE C 370 24.12 -9.68 8.06
N ARG C 371 23.54 -10.74 7.53
CA ARG C 371 24.14 -12.03 7.72
C ARG C 371 24.26 -12.86 6.46
N PHE C 372 25.33 -13.66 6.43
CA PHE C 372 25.64 -14.61 5.36
C PHE C 372 25.44 -15.96 6.07
N TYR C 373 25.05 -16.99 5.34
CA TYR C 373 24.83 -18.24 6.05
C TYR C 373 24.77 -19.51 5.23
N THR C 374 24.83 -20.62 5.93
CA THR C 374 24.74 -21.94 5.33
C THR C 374 23.98 -22.80 6.30
N SER C 375 23.06 -23.59 5.77
CA SER C 375 22.30 -24.49 6.61
C SER C 375 22.32 -25.89 6.05
N TRP C 376 22.13 -26.83 6.98
CA TRP C 376 22.04 -28.23 6.71
C TRP C 376 20.71 -28.63 7.36
N MET C 377 19.90 -29.36 6.61
CA MET C 377 18.61 -29.84 7.10
C MET C 377 18.39 -31.30 6.73
N ASP C 378 17.89 -32.08 7.69
CA ASP C 378 17.55 -33.49 7.47
C ASP C 378 16.31 -33.85 8.31
N TRP C 379 15.68 -34.98 8.00
CA TRP C 379 14.48 -35.41 8.73
C TRP C 379 14.11 -36.87 8.41
N SER C 380 13.28 -37.47 9.27
CA SER C 380 12.80 -38.83 9.07
C SER C 380 11.96 -38.85 7.77
N LYS C 381 12.30 -39.74 6.85
CA LYS C 381 11.61 -39.87 5.56
C LYS C 381 10.09 -39.96 5.67
N LYS C 382 9.59 -40.58 6.73
CA LYS C 382 8.15 -40.73 6.91
C LYS C 382 7.35 -39.40 6.85
N LEU C 383 7.96 -38.30 7.31
CA LEU C 383 7.34 -36.97 7.33
C LEU C 383 6.96 -36.44 5.94
N ASN C 384 7.60 -37.04 4.93
CA ASN C 384 7.32 -36.68 3.56
C ASN C 384 5.89 -37.01 3.22
N ASN C 385 5.31 -38.00 3.91
CA ASN C 385 3.95 -38.47 3.66
C ASN C 385 2.75 -37.75 4.28
N TYR C 386 3.02 -36.74 5.11
CA TYR C 386 1.96 -35.99 5.77
C TYR C 386 1.00 -35.37 4.77
N ALA C 387 1.56 -34.75 3.74
CA ALA C 387 0.74 -34.13 2.72
C ALA C 387 1.46 -34.33 1.41
N SER C 388 0.74 -34.13 0.30
CA SER C 388 1.34 -34.29 -1.01
C SER C 388 1.75 -32.95 -1.60
N ASP C 389 1.17 -31.87 -1.09
CA ASP C 389 1.48 -30.51 -1.54
C ASP C 389 2.31 -29.79 -0.47
N ASP C 390 2.98 -30.60 0.35
CA ASP C 390 3.82 -30.21 1.46
C ASP C 390 5.15 -29.72 0.95
N ALA C 391 6.00 -29.31 1.89
CA ALA C 391 7.35 -28.87 1.57
C ALA C 391 8.24 -30.13 1.61
N LEU C 392 8.13 -30.88 2.70
CA LEU C 392 8.92 -32.10 2.85
C LEU C 392 8.41 -33.18 1.92
N GLY C 393 9.20 -33.48 0.90
CA GLY C 393 8.81 -34.50 -0.05
C GLY C 393 8.50 -33.97 -1.42
N SER C 394 8.47 -32.64 -1.60
CA SER C 394 8.18 -32.05 -2.91
C SER C 394 9.38 -32.30 -3.82
N ASP C 395 9.31 -31.82 -5.06
CA ASP C 395 10.41 -32.05 -6.00
C ASP C 395 11.70 -31.33 -5.65
N GLY C 396 12.71 -32.10 -5.25
CA GLY C 396 14.00 -31.54 -4.91
C GLY C 396 14.21 -31.22 -3.45
N PHE C 397 13.31 -31.72 -2.60
CA PHE C 397 13.41 -31.48 -1.18
C PHE C 397 12.83 -32.71 -0.48
N ASN C 398 13.36 -33.87 -0.80
CA ASN C 398 12.87 -35.11 -0.22
C ASN C 398 13.98 -36.03 0.26
N SER C 399 15.20 -35.81 -0.25
CA SER C 399 16.36 -36.62 0.11
C SER C 399 16.71 -36.44 1.59
N GLY C 400 17.86 -36.99 1.97
CA GLY C 400 18.33 -36.85 3.32
C GLY C 400 18.79 -35.41 3.53
N GLY C 401 20.09 -35.18 3.41
CA GLY C 401 20.63 -33.85 3.60
C GLY C 401 20.34 -32.80 2.54
N GLU C 402 19.94 -31.62 3.00
CA GLU C 402 19.65 -30.49 2.12
C GLU C 402 20.49 -29.30 2.59
N TRP C 403 21.29 -28.75 1.67
CA TRP C 403 22.14 -27.61 1.95
C TRP C 403 21.57 -26.33 1.36
N SER C 404 21.74 -25.22 2.07
CA SER C 404 21.30 -23.92 1.59
C SER C 404 22.29 -22.81 1.96
N PHE C 405 22.33 -21.77 1.15
CA PHE C 405 23.24 -20.65 1.35
C PHE C 405 22.49 -19.39 1.03
N GLY C 406 22.97 -18.26 1.56
CA GLY C 406 22.31 -17.02 1.25
C GLY C 406 22.82 -15.87 2.07
N VAL C 407 22.22 -14.72 1.83
CA VAL C 407 22.53 -13.49 2.52
C VAL C 407 21.20 -12.82 2.82
N GLN C 408 21.10 -12.12 3.94
CA GLN C 408 19.88 -11.38 4.30
C GLN C 408 20.13 -10.26 5.32
N MET C 409 19.23 -9.30 5.37
CA MET C 409 19.34 -8.27 6.36
C MET C 409 18.06 -8.40 7.20
N GLU C 410 18.12 -7.85 8.41
CA GLU C 410 16.99 -7.80 9.31
C GLU C 410 17.12 -6.62 10.29
N THR C 411 16.06 -5.83 10.43
CA THR C 411 16.05 -4.73 11.39
C THR C 411 14.67 -4.47 11.95
N TRP C 412 14.71 -3.57 12.91
CA TRP C 412 13.56 -3.07 13.57
C TRP C 412 14.07 -1.86 14.36
N PHE C 413 13.20 -0.86 14.44
CA PHE C 413 13.48 0.42 15.06
C PHE C 413 12.16 1.11 15.38
C1 GLC D . 10.19 4.87 -12.67
C2 GLC D . 9.49 5.89 -13.57
C3 GLC D . 10.49 6.95 -14.04
C4 GLC D . 11.08 7.62 -12.85
C5 GLC D . 11.79 6.60 -11.98
C6 GLC D . 12.38 7.24 -10.77
O2 GLC D . 8.87 5.22 -14.66
O3 GLC D . 9.80 7.91 -14.83
O4 GLC D . 12.01 8.64 -13.31
O5 GLC D . 10.82 5.59 -11.57
O6 GLC D . 13.69 7.76 -11.07
C1 FRU D . 10.89 1.71 -13.23
C2 FRU D . 11.74 2.93 -12.86
C3 FRU D . 13.24 2.84 -13.26
C4 FRU D . 13.93 3.58 -12.14
C5 FRU D . 13.10 3.05 -10.95
C6 FRU D . 13.17 3.82 -9.66
O1 FRU D . 11.66 0.53 -12.99
O2 FRU D . 11.18 4.15 -13.43
O3 FRU D . 13.54 3.30 -14.56
O4 FRU D . 15.32 3.22 -12.07
O5 FRU D . 11.76 3.03 -11.45
O6 FRU D . 14.21 4.75 -9.66
C1 GLC E . 15.23 11.21 -10.50
C2 GLC E . 14.83 11.02 -11.94
C3 GLC E . 16.02 10.57 -12.76
C4 GLC E . 17.09 11.61 -12.63
C5 GLC E . 17.50 11.76 -11.18
C6 GLC E . 18.56 12.79 -10.99
O2 GLC E . 13.76 10.08 -12.00
O3 GLC E . 15.58 10.44 -14.11
O4 GLC E . 18.22 11.20 -13.39
O5 GLC E . 16.32 12.16 -10.43
O6 GLC E . 19.31 12.51 -9.85
C1 FRU E . 13.89 9.96 -8.28
C2 FRU E . 15.39 9.80 -8.58
C3 FRU E . 16.02 8.45 -8.19
C4 FRU E . 17.43 8.82 -7.79
C5 FRU E . 17.19 10.17 -7.12
C6 FRU E . 18.38 11.08 -7.01
O1 FRU E . 13.68 9.83 -6.88
O2 FRU E . 15.62 9.97 -9.98
O3 FRU E . 15.93 7.45 -9.19
O4 FRU E . 17.98 7.87 -6.88
O5 FRU E . 16.13 10.78 -7.89
O6 FRU E . 18.03 12.41 -6.68
C1 GLC F . 6.10 -10.86 11.60
C2 GLC F . 7.36 -11.58 11.12
C3 GLC F . 8.32 -11.81 12.28
C4 GLC F . 8.67 -10.50 12.90
C5 GLC F . 7.41 -9.81 13.39
C6 GLC F . 7.73 -8.46 13.99
O2 GLC F . 6.99 -12.80 10.48
O3 GLC F . 9.49 -12.43 11.77
O4 GLC F . 9.59 -10.75 14.00
O5 GLC F . 6.51 -9.61 12.24
O6 GLC F . 7.95 -8.58 15.40
C1 FRU F . 2.99 -11.95 11.85
C2 FRU F . 3.97 -11.34 12.84
C3 FRU F . 3.71 -11.72 14.33
C4 FRU F . 4.08 -10.44 15.09
C5 FRU F . 3.56 -9.37 14.09
C6 FRU F . 4.11 -7.96 14.17
O1 FRU F . 1.69 -11.96 12.46
O2 FRU F . 5.37 -11.70 12.52
O3 FRU F . 4.36 -12.90 14.78
O4 FRU F . 3.40 -10.41 16.35
O5 FRU F . 3.84 -9.94 12.79
O6 FRU F . 4.76 -7.66 15.39
C1 GLC G . 11.03 -7.30 17.32
C2 GLC G . 11.22 -8.75 16.97
C3 GLC G . 10.80 -9.63 18.12
C4 GLC G . 11.61 -9.25 19.33
C5 GLC G . 11.36 -7.79 19.68
C6 GLC G . 12.17 -7.36 20.87
O2 GLC G . 10.50 -9.03 15.79
O3 GLC G . 11.02 -10.97 17.74
O4 GLC G . 11.24 -10.06 20.43
O5 GLC G . 11.75 -7.00 18.53
O6 GLC G . 11.61 -6.22 21.48
C1 FRU G . 9.65 -5.37 15.65
C2 FRU G . 9.30 -5.67 17.13
C3 FRU G . 7.82 -5.47 17.53
C4 FRU G . 7.91 -4.95 18.94
C5 FRU G . 9.15 -4.07 18.86
C6 FRU G . 9.83 -3.77 20.18
O1 FRU G . 9.28 -4.03 15.32
O2 FRU G . 9.67 -7.02 17.47
O3 FRU G . 6.98 -6.61 17.35
O4 FRU G . 6.75 -4.20 19.29
O5 FRU G . 10.03 -4.78 17.96
O6 FRU G . 11.15 -3.27 20.04
C1 GLC H . -13.68 9.42 3.66
C2 GLC H . -14.44 8.86 4.85
C3 GLC H . -14.97 10.00 5.73
C4 GLC H . -13.83 10.84 6.17
C5 GLC H . -13.09 11.40 4.97
C6 GLC H . -11.91 12.24 5.37
O2 GLC H . -15.48 7.98 4.38
O3 GLC H . -15.64 9.43 6.85
O4 GLC H . -14.35 11.92 7.01
O5 GLC H . -12.62 10.30 4.16
O6 GLC H . -12.30 13.59 5.61
C1 FRU H . -14.44 9.41 0.44
C2 FRU H . -14.14 10.50 1.46
C3 FRU H . -14.76 11.89 1.13
C4 FRU H . -13.71 12.87 1.62
C5 FRU H . -12.44 12.10 1.23
C6 FRU H . -11.15 12.47 1.93
O1 FRU H . -14.32 9.99 -0.85
O2 FRU H . -14.59 10.12 2.81
O3 FRU H . -16.06 12.08 1.64
O4 FRU H . -13.85 14.10 0.94
O5 FRU H . -12.76 10.71 1.47
O6 FRU H . -11.23 13.65 2.69
C1 GLC I . -11.88 15.95 8.67
C2 GLC I . -13.24 15.30 8.68
C3 GLC I . -14.29 16.22 8.08
C4 GLC I . -14.28 17.51 8.85
C5 GLC I . -12.91 18.15 8.78
C6 GLC I . -12.85 19.44 9.56
O2 GLC I . -13.17 14.06 7.99
O3 GLC I . -15.55 15.57 8.16
O4 GLC I . -15.24 18.36 8.28
O5 GLC I . -11.94 17.22 9.37
O6 GLC I . -11.83 20.28 9.07
C1 FRU I . -9.61 14.65 7.57
C2 FRU I . -10.11 16.05 7.12
C3 FRU I . -9.88 16.42 5.64
C4 FRU I . -9.62 17.91 5.69
C5 FRU I . -8.85 18.04 6.99
C6 FRU I . -8.87 19.42 7.62
O1 FRU I . -8.19 14.57 7.43
O2 FRU I . -11.50 16.16 7.35
O3 FRU I . -10.94 16.03 4.77
O4 FRU I . -8.85 18.32 4.56
O5 FRU I . -9.46 17.05 7.88
O6 FRU I . -8.66 19.41 9.01
CA CA J . -0.82 -2.00 -34.40
CA CA K . -34.16 -5.19 0.71
CA CA L . 4.98 -34.05 1.57
#